data_1VYF
# 
_entry.id   1VYF 
# 
_audit_conform.dict_name       mmcif_pdbx.dic 
_audit_conform.dict_version    5.382 
_audit_conform.dict_location   http://mmcif.pdb.org/dictionaries/ascii/mmcif_pdbx.dic 
# 
loop_
_database_2.database_id 
_database_2.database_code 
_database_2.pdbx_database_accession 
_database_2.pdbx_DOI 
PDB   1VYF         pdb_00001vyf 10.2210/pdb1vyf/pdb 
PDBE  EBI-15113    ?            ?                   
WWPDB D_1290015113 ?            ?                   
# 
_pdbx_database_related.db_name        PDB 
_pdbx_database_related.db_id          1VYG 
_pdbx_database_related.content_type   unspecified 
_pdbx_database_related.details        'SCHISTOSOMA MANSONI FATTY ACID BINDING PROTEIN IN COMPLEX WITH ARACHIDONIC ACID' 
# 
_pdbx_database_status.status_code                     REL 
_pdbx_database_status.entry_id                        1VYF 
_pdbx_database_status.deposit_site                    PDBE 
_pdbx_database_status.process_site                    PDBE 
_pdbx_database_status.SG_entry                        . 
_pdbx_database_status.recvd_initial_deposition_date   2004-04-29 
_pdbx_database_status.pdb_format_compatible           Y 
_pdbx_database_status.status_code_sf                  REL 
_pdbx_database_status.status_code_mr                  ? 
_pdbx_database_status.status_code_cs                  ? 
_pdbx_database_status.methods_development_category    ? 
_pdbx_database_status.status_code_nmr_data            ? 
# 
loop_
_audit_author.name 
_audit_author.pdbx_ordinal 
'Angelucci, F.' 1 
'Johnson, K.A.' 2 
'Baiocco, P.'   3 
'Miele, A.E.'   4 
'Bellelli, A.'  5 
# 
_citation.id                        primary 
_citation.title                     
'Schistosoma Mansoni Fatty Acid Binding Protein: Specificity and Functional Control as Revealed by Crystallographic Structure' 
_citation.journal_abbrev            Biochemistry 
_citation.journal_volume            43 
_citation.page_first                13000 
_citation.page_last                 ? 
_citation.year                      2004 
_citation.journal_id_ASTM           BICHAW 
_citation.country                   US 
_citation.journal_id_ISSN           0006-2960 
_citation.journal_id_CSD            0033 
_citation.book_publisher            ? 
_citation.pdbx_database_id_PubMed   15476393 
_citation.pdbx_database_id_DOI      10.1021/BI048505F 
# 
loop_
_citation_author.citation_id 
_citation_author.name 
_citation_author.ordinal 
_citation_author.identifier_ORCID 
primary 'Angelucci, F.'  1  ? 
primary 'Johnson, K.A.'  2  ? 
primary 'Baiocco, P.'    3  ? 
primary 'Miele, A.E.'    4  ? 
primary 'Brunori, M.'    5  ? 
primary 'Valle, C.'      6  ? 
primary 'Vigorosi, F.'   7  ? 
primary 'Troiani, A.R.'  8  ? 
primary 'Liberti, P.'    9  ? 
primary 'Cioli, D.'      10 ? 
primary 'Klinkert, M.Q.' 11 ? 
primary 'Bellelli, A.'   12 ? 
# 
_cell.entry_id           1VYF 
_cell.length_a           43.261 
_cell.length_b           92.395 
_cell.length_c           36.225 
_cell.angle_alpha        90.00 
_cell.angle_beta         90.00 
_cell.angle_gamma        90.00 
_cell.Z_PDB              4 
_cell.pdbx_unique_axis   ? 
# 
_symmetry.entry_id                         1VYF 
_symmetry.space_group_name_H-M             'P 21 21 2' 
_symmetry.pdbx_full_space_group_name_H-M   ? 
_symmetry.cell_setting                     ? 
_symmetry.Int_Tables_number                18 
# 
loop_
_entity.id 
_entity.type 
_entity.src_method 
_entity.pdbx_description 
_entity.formula_weight 
_entity.pdbx_number_of_molecules 
_entity.pdbx_ec 
_entity.pdbx_mutation 
_entity.pdbx_fragment 
_entity.details 
1 polymer     man '14 KDA FATTY ACID BINDING PROTEIN' 15010.914 1   ? ? ? '2 ADDITIONAL AMINO ACIDS AT THE N-TERMINUS' 
2 non-polymer syn 'OLEIC ACID'                        282.461   1   ? ? ? ?                                            
3 water       nat water                               18.015    173 ? ? ? ?                                            
# 
_entity_name_com.entity_id   1 
_entity_name_com.name        SM14 
# 
_entity_poly.entity_id                      1 
_entity_poly.type                           'polypeptide(L)' 
_entity_poly.nstd_linkage                   no 
_entity_poly.nstd_monomer                   no 
_entity_poly.pdbx_seq_one_letter_code       
;GSMSSFLGKWKLSESHNFDAVMSKLGVSWATRQIGNTVTPTVTFTMDGDKMTMLTESTFKNLSCTFKFGEEFDEKTSDGR
NVKSVVEKNSESKLTQTQVDPKNTTVIVREVDGDTMKTTVTVGDVTAIRNYKRLS
;
_entity_poly.pdbx_seq_one_letter_code_can   
;GSMSSFLGKWKLSESHNFDAVMSKLGVSWATRQIGNTVTPTVTFTMDGDKMTMLTESTFKNLSCTFKFGEEFDEKTSDGR
NVKSVVEKNSESKLTQTQVDPKNTTVIVREVDGDTMKTTVTVGDVTAIRNYKRLS
;
_entity_poly.pdbx_strand_id                 A 
_entity_poly.pdbx_target_identifier         ? 
# 
loop_
_entity_poly_seq.entity_id 
_entity_poly_seq.num 
_entity_poly_seq.mon_id 
_entity_poly_seq.hetero 
1 1   GLY n 
1 2   SER n 
1 3   MET n 
1 4   SER n 
1 5   SER n 
1 6   PHE n 
1 7   LEU n 
1 8   GLY n 
1 9   LYS n 
1 10  TRP n 
1 11  LYS n 
1 12  LEU n 
1 13  SER n 
1 14  GLU n 
1 15  SER n 
1 16  HIS n 
1 17  ASN n 
1 18  PHE n 
1 19  ASP n 
1 20  ALA n 
1 21  VAL n 
1 22  MET n 
1 23  SER n 
1 24  LYS n 
1 25  LEU n 
1 26  GLY n 
1 27  VAL n 
1 28  SER n 
1 29  TRP n 
1 30  ALA n 
1 31  THR n 
1 32  ARG n 
1 33  GLN n 
1 34  ILE n 
1 35  GLY n 
1 36  ASN n 
1 37  THR n 
1 38  VAL n 
1 39  THR n 
1 40  PRO n 
1 41  THR n 
1 42  VAL n 
1 43  THR n 
1 44  PHE n 
1 45  THR n 
1 46  MET n 
1 47  ASP n 
1 48  GLY n 
1 49  ASP n 
1 50  LYS n 
1 51  MET n 
1 52  THR n 
1 53  MET n 
1 54  LEU n 
1 55  THR n 
1 56  GLU n 
1 57  SER n 
1 58  THR n 
1 59  PHE n 
1 60  LYS n 
1 61  ASN n 
1 62  LEU n 
1 63  SER n 
1 64  CYS n 
1 65  THR n 
1 66  PHE n 
1 67  LYS n 
1 68  PHE n 
1 69  GLY n 
1 70  GLU n 
1 71  GLU n 
1 72  PHE n 
1 73  ASP n 
1 74  GLU n 
1 75  LYS n 
1 76  THR n 
1 77  SER n 
1 78  ASP n 
1 79  GLY n 
1 80  ARG n 
1 81  ASN n 
1 82  VAL n 
1 83  LYS n 
1 84  SER n 
1 85  VAL n 
1 86  VAL n 
1 87  GLU n 
1 88  LYS n 
1 89  ASN n 
1 90  SER n 
1 91  GLU n 
1 92  SER n 
1 93  LYS n 
1 94  LEU n 
1 95  THR n 
1 96  GLN n 
1 97  THR n 
1 98  GLN n 
1 99  VAL n 
1 100 ASP n 
1 101 PRO n 
1 102 LYS n 
1 103 ASN n 
1 104 THR n 
1 105 THR n 
1 106 VAL n 
1 107 ILE n 
1 108 VAL n 
1 109 ARG n 
1 110 GLU n 
1 111 VAL n 
1 112 ASP n 
1 113 GLY n 
1 114 ASP n 
1 115 THR n 
1 116 MET n 
1 117 LYS n 
1 118 THR n 
1 119 THR n 
1 120 VAL n 
1 121 THR n 
1 122 VAL n 
1 123 GLY n 
1 124 ASP n 
1 125 VAL n 
1 126 THR n 
1 127 ALA n 
1 128 ILE n 
1 129 ARG n 
1 130 ASN n 
1 131 TYR n 
1 132 LYS n 
1 133 ARG n 
1 134 LEU n 
1 135 SER n 
# 
_entity_src_gen.entity_id                          1 
_entity_src_gen.pdbx_src_id                        1 
_entity_src_gen.pdbx_alt_source_flag               sample 
_entity_src_gen.pdbx_seq_type                      ? 
_entity_src_gen.pdbx_beg_seq_num                   ? 
_entity_src_gen.pdbx_end_seq_num                   ? 
_entity_src_gen.gene_src_common_name               'BLOOD FLUKE' 
_entity_src_gen.gene_src_genus                     ? 
_entity_src_gen.pdbx_gene_src_gene                 ? 
_entity_src_gen.gene_src_species                   ? 
_entity_src_gen.gene_src_strain                    'BRAZILIAN BH' 
_entity_src_gen.gene_src_tissue                    ? 
_entity_src_gen.gene_src_tissue_fraction           ? 
_entity_src_gen.gene_src_details                   ? 
_entity_src_gen.pdbx_gene_src_fragment             ? 
_entity_src_gen.pdbx_gene_src_scientific_name      'SCHISTOSOMA MANSONI' 
_entity_src_gen.pdbx_gene_src_ncbi_taxonomy_id     6183 
_entity_src_gen.pdbx_gene_src_variant              ? 
_entity_src_gen.pdbx_gene_src_cell_line            ? 
_entity_src_gen.pdbx_gene_src_atcc                 ? 
_entity_src_gen.pdbx_gene_src_organ                ? 
_entity_src_gen.pdbx_gene_src_organelle            ? 
_entity_src_gen.pdbx_gene_src_cell                 ? 
_entity_src_gen.pdbx_gene_src_cellular_location    ? 
_entity_src_gen.host_org_common_name               ? 
_entity_src_gen.pdbx_host_org_scientific_name      'ESCHERICHIA COLI' 
_entity_src_gen.pdbx_host_org_ncbi_taxonomy_id     469008 
_entity_src_gen.host_org_genus                     ? 
_entity_src_gen.pdbx_host_org_gene                 ? 
_entity_src_gen.pdbx_host_org_organ                ? 
_entity_src_gen.host_org_species                   ? 
_entity_src_gen.pdbx_host_org_tissue               ? 
_entity_src_gen.pdbx_host_org_tissue_fraction      ? 
_entity_src_gen.pdbx_host_org_strain               'BL21(DE3)' 
_entity_src_gen.pdbx_host_org_variant              ? 
_entity_src_gen.pdbx_host_org_cell_line            ? 
_entity_src_gen.pdbx_host_org_atcc                 ? 
_entity_src_gen.pdbx_host_org_culture_collection   ? 
_entity_src_gen.pdbx_host_org_cell                 ? 
_entity_src_gen.pdbx_host_org_organelle            ? 
_entity_src_gen.pdbx_host_org_cellular_location    ? 
_entity_src_gen.pdbx_host_org_vector_type          ? 
_entity_src_gen.pdbx_host_org_vector               ? 
_entity_src_gen.host_org_details                   ? 
_entity_src_gen.expression_system_id               ? 
_entity_src_gen.plasmid_name                       PDEST17 
_entity_src_gen.plasmid_details                    ? 
_entity_src_gen.pdbx_description                   CDNA 
# 
loop_
_struct_ref.id 
_struct_ref.db_name 
_struct_ref.db_code 
_struct_ref.entity_id 
_struct_ref.pdbx_seq_one_letter_code 
_struct_ref.pdbx_align_begin 
_struct_ref.pdbx_db_accession 
_struct_ref.pdbx_db_isoform 
1 PDB 1VYF       1 ? ? 1VYF   ? 
2 UNP FABP_SCHMA 1 ? ? P29498 ? 
# 
loop_
_struct_ref_seq.align_id 
_struct_ref_seq.ref_id 
_struct_ref_seq.pdbx_PDB_id_code 
_struct_ref_seq.pdbx_strand_id 
_struct_ref_seq.seq_align_beg 
_struct_ref_seq.pdbx_seq_align_beg_ins_code 
_struct_ref_seq.seq_align_end 
_struct_ref_seq.pdbx_seq_align_end_ins_code 
_struct_ref_seq.pdbx_db_accession 
_struct_ref_seq.db_align_beg 
_struct_ref_seq.pdbx_db_align_beg_ins_code 
_struct_ref_seq.db_align_end 
_struct_ref_seq.pdbx_db_align_end_ins_code 
_struct_ref_seq.pdbx_auth_seq_align_beg 
_struct_ref_seq.pdbx_auth_seq_align_end 
1 1 1VYF A 1 ? 2   ? 1VYF   -1 ? 0   ? -1 0   
2 2 1VYF A 3 ? 135 ? P29498 1  ? 133 ? 1  133 
# 
loop_
_chem_comp.id 
_chem_comp.type 
_chem_comp.mon_nstd_flag 
_chem_comp.name 
_chem_comp.pdbx_synonyms 
_chem_comp.formula 
_chem_comp.formula_weight 
ALA 'L-peptide linking' y ALANINE         ? 'C3 H7 N O2'     89.093  
ARG 'L-peptide linking' y ARGININE        ? 'C6 H15 N4 O2 1' 175.209 
ASN 'L-peptide linking' y ASPARAGINE      ? 'C4 H8 N2 O3'    132.118 
ASP 'L-peptide linking' y 'ASPARTIC ACID' ? 'C4 H7 N O4'     133.103 
CYS 'L-peptide linking' y CYSTEINE        ? 'C3 H7 N O2 S'   121.158 
GLN 'L-peptide linking' y GLUTAMINE       ? 'C5 H10 N2 O3'   146.144 
GLU 'L-peptide linking' y 'GLUTAMIC ACID' ? 'C5 H9 N O4'     147.129 
GLY 'peptide linking'   y GLYCINE         ? 'C2 H5 N O2'     75.067  
HIS 'L-peptide linking' y HISTIDINE       ? 'C6 H10 N3 O2 1' 156.162 
HOH non-polymer         . WATER           ? 'H2 O'           18.015  
ILE 'L-peptide linking' y ISOLEUCINE      ? 'C6 H13 N O2'    131.173 
LEU 'L-peptide linking' y LEUCINE         ? 'C6 H13 N O2'    131.173 
LYS 'L-peptide linking' y LYSINE          ? 'C6 H15 N2 O2 1' 147.195 
MET 'L-peptide linking' y METHIONINE      ? 'C5 H11 N O2 S'  149.211 
OLA non-polymer         . 'OLEIC ACID'    ? 'C18 H34 O2'     282.461 
PHE 'L-peptide linking' y PHENYLALANINE   ? 'C9 H11 N O2'    165.189 
PRO 'L-peptide linking' y PROLINE         ? 'C5 H9 N O2'     115.130 
SER 'L-peptide linking' y SERINE          ? 'C3 H7 N O3'     105.093 
THR 'L-peptide linking' y THREONINE       ? 'C4 H9 N O3'     119.119 
TRP 'L-peptide linking' y TRYPTOPHAN      ? 'C11 H12 N2 O2'  204.225 
TYR 'L-peptide linking' y TYROSINE        ? 'C9 H11 N O3'    181.189 
VAL 'L-peptide linking' y VALINE          ? 'C5 H11 N O2'    117.146 
# 
_exptl.entry_id          1VYF 
_exptl.method            'X-RAY DIFFRACTION' 
_exptl.crystals_number   1 
# 
_exptl_crystal.id                    1 
_exptl_crystal.density_meas          ? 
_exptl_crystal.density_Matthews      2.43 
_exptl_crystal.density_percent_sol   45 
_exptl_crystal.description           ? 
# 
_exptl_crystal_grow.crystal_id      1 
_exptl_crystal_grow.method          ? 
_exptl_crystal_grow.temp            ? 
_exptl_crystal_grow.temp_details    ? 
_exptl_crystal_grow.pH              6.00 
_exptl_crystal_grow.pdbx_pH_range   ? 
_exptl_crystal_grow.pdbx_details    '30% PEG 8K,0.1M MES, 0.2M NAACETATE,5MM BME, pH 6.00' 
# 
_diffrn.id                     1 
_diffrn.ambient_temp           100.0 
_diffrn.ambient_temp_details   ? 
_diffrn.crystal_id             1 
# 
_diffrn_detector.diffrn_id              1 
_diffrn_detector.detector               CCD 
_diffrn_detector.type                   MARRESEARCH 
_diffrn_detector.pdbx_collection_date   2002-12-15 
_diffrn_detector.details                ? 
# 
_diffrn_radiation.diffrn_id                        1 
_diffrn_radiation.wavelength_id                    1 
_diffrn_radiation.pdbx_monochromatic_or_laue_m_l   M 
_diffrn_radiation.monochromator                    ? 
_diffrn_radiation.pdbx_diffrn_protocol             'SINGLE WAVELENGTH' 
_diffrn_radiation.pdbx_scattering_type             x-ray 
# 
_diffrn_radiation_wavelength.id           1 
_diffrn_radiation_wavelength.wavelength   1.0 
_diffrn_radiation_wavelength.wt           1.0 
# 
_diffrn_source.diffrn_id                   1 
_diffrn_source.source                      SYNCHROTRON 
_diffrn_source.type                        'ELETTRA BEAMLINE 5.2R' 
_diffrn_source.pdbx_synchrotron_site       ELETTRA 
_diffrn_source.pdbx_synchrotron_beamline   5.2R 
_diffrn_source.pdbx_wavelength             1.0 
_diffrn_source.pdbx_wavelength_list        ? 
# 
_reflns.pdbx_diffrn_id               1 
_reflns.pdbx_ordinal                 1 
_reflns.entry_id                     1VYF 
_reflns.observed_criterion_sigma_I   ? 
_reflns.observed_criterion_sigma_F   ? 
_reflns.d_resolution_low             25.000 
_reflns.d_resolution_high            1.850 
_reflns.number_obs                   13179 
_reflns.number_all                   ? 
_reflns.percent_possible_obs         99.3 
_reflns.pdbx_Rmerge_I_obs            0.04600 
_reflns.pdbx_Rsym_value              ? 
_reflns.pdbx_netI_over_sigmaI        22.3000 
_reflns.B_iso_Wilson_estimate        29.79 
_reflns.pdbx_redundancy              4.500 
# 
_reflns_shell.pdbx_diffrn_id         1 
_reflns_shell.pdbx_ordinal           1 
_reflns_shell.d_res_high             1.85 
_reflns_shell.d_res_low              1.88 
_reflns_shell.percent_possible_all   92.7 
_reflns_shell.Rmerge_I_obs           0.38000 
_reflns_shell.pdbx_Rsym_value        ? 
_reflns_shell.meanI_over_sigI_obs    4.800 
_reflns_shell.pdbx_redundancy        4.00 
# 
_refine.pdbx_refine_id                           'X-RAY DIFFRACTION' 
_refine.entry_id                                 1VYF 
_refine.pdbx_diffrn_id                           1 
_refine.pdbx_TLS_residual_ADP_flag               ? 
_refine.ls_number_reflns_obs                     12292 
_refine.ls_number_reflns_all                     ? 
_refine.pdbx_ls_sigma_I                          ? 
_refine.pdbx_ls_sigma_F                          ? 
_refine.pdbx_data_cutoff_high_absF               ? 
_refine.pdbx_data_cutoff_low_absF                ? 
_refine.pdbx_data_cutoff_high_rms_absF           ? 
_refine.ls_d_res_low                             20.0 
_refine.ls_d_res_high                            1.85 
_refine.ls_percent_reflns_obs                    99.6 
_refine.ls_R_factor_obs                          0.20 
_refine.ls_R_factor_all                          ? 
_refine.ls_R_factor_R_work                       0.19 
_refine.ls_R_factor_R_free                       0.24 
_refine.ls_R_factor_R_free_error                 ? 
_refine.ls_R_factor_R_free_error_details         ? 
_refine.ls_percent_reflns_R_free                 4.9 
_refine.ls_number_reflns_R_free                  636 
_refine.ls_number_parameters                     ? 
_refine.ls_number_restraints                     ? 
_refine.occupancy_min                            ? 
_refine.occupancy_max                            ? 
_refine.correlation_coeff_Fo_to_Fc               ? 
_refine.correlation_coeff_Fo_to_Fc_free          ? 
_refine.B_iso_mean                               30.44 
_refine.aniso_B[1][1]                            -1.22 
_refine.aniso_B[2][2]                            -2.01 
_refine.aniso_B[3][3]                            3.23 
_refine.aniso_B[1][2]                            0.0 
_refine.aniso_B[1][3]                            0.0 
_refine.aniso_B[2][3]                            0.0 
_refine.solvent_model_details                    ? 
_refine.solvent_model_param_ksol                 ? 
_refine.solvent_model_param_bsol                 ? 
_refine.pdbx_solvent_vdw_probe_radii             ? 
_refine.pdbx_solvent_ion_probe_radii             ? 
_refine.pdbx_solvent_shrinkage_radii             ? 
_refine.pdbx_ls_cross_valid_method               THROUGHOUT 
_refine.details                                  ? 
_refine.pdbx_starting_model                      'PDB ENTRY 2HMB' 
_refine.pdbx_method_to_determine_struct          'MOLECULAR REPLACEMENT' 
_refine.pdbx_isotropic_thermal_model             ? 
_refine.pdbx_stereochemistry_target_values       ? 
_refine.pdbx_stereochem_target_val_spec_case     ? 
_refine.pdbx_R_Free_selection_details            RANDOM 
_refine.pdbx_overall_ESU_R                       0.156 
_refine.pdbx_overall_ESU_R_Free                  0.149 
_refine.overall_SU_ML                            0.110 
_refine.pdbx_overall_phase_error                 ? 
_refine.overall_SU_B                             ? 
_refine.overall_SU_R_Cruickshank_DPI             ? 
_refine.pdbx_overall_SU_R_free_Cruickshank_DPI   ? 
_refine.pdbx_overall_SU_R_Blow_DPI               ? 
_refine.pdbx_overall_SU_R_free_Blow_DPI          ? 
# 
_refine_hist.pdbx_refine_id                   'X-RAY DIFFRACTION' 
_refine_hist.cycle_id                         LAST 
_refine_hist.pdbx_number_atoms_protein        1047 
_refine_hist.pdbx_number_atoms_nucleic_acid   0 
_refine_hist.pdbx_number_atoms_ligand         20 
_refine_hist.number_atoms_solvent             173 
_refine_hist.number_atoms_total               1240 
_refine_hist.d_res_high                       1.85 
_refine_hist.d_res_low                        20.0 
# 
_struct.entry_id                  1VYF 
_struct.title                     'schistosoma mansoni fatty acid binding protein in complex with oleic acid' 
_struct.pdbx_model_details        ? 
_struct.pdbx_CASP_flag            ? 
_struct.pdbx_model_type_details   ? 
# 
_struct_keywords.entry_id        1VYF 
_struct_keywords.pdbx_keywords   'TRANSPORT PROTEIN' 
_struct_keywords.text            'FATTY ACID BINDING PROTEIN, TRANSPORT PROTEIN' 
# 
loop_
_struct_asym.id 
_struct_asym.pdbx_blank_PDB_chainid_flag 
_struct_asym.pdbx_modified 
_struct_asym.entity_id 
_struct_asym.details 
A N N 1 ? 
B N N 2 ? 
C N N 3 ? 
# 
_struct_biol.id   1 
# 
loop_
_struct_conf.conf_type_id 
_struct_conf.id 
_struct_conf.pdbx_PDB_helix_id 
_struct_conf.beg_label_comp_id 
_struct_conf.beg_label_asym_id 
_struct_conf.beg_label_seq_id 
_struct_conf.pdbx_beg_PDB_ins_code 
_struct_conf.end_label_comp_id 
_struct_conf.end_label_asym_id 
_struct_conf.end_label_seq_id 
_struct_conf.pdbx_end_PDB_ins_code 
_struct_conf.beg_auth_comp_id 
_struct_conf.beg_auth_asym_id 
_struct_conf.beg_auth_seq_id 
_struct_conf.end_auth_comp_id 
_struct_conf.end_auth_asym_id 
_struct_conf.end_auth_seq_id 
_struct_conf.pdbx_PDB_helix_class 
_struct_conf.details 
_struct_conf.pdbx_PDB_helix_length 
HELX_P HELX_P1 1 MET A 3  ? LEU A 7  ? MET A 1  LEU A 5  5 ? 5 
HELX_P HELX_P2 2 ASN A 17 ? LEU A 25 ? ASN A 15 LEU A 23 1 ? 9 
HELX_P HELX_P3 3 SER A 28 ? ASN A 36 ? SER A 26 ASN A 34 1 ? 9 
# 
_struct_conf_type.id          HELX_P 
_struct_conf_type.criteria    ? 
_struct_conf_type.reference   ? 
# 
_struct_sheet.id               AA 
_struct_sheet.type             ? 
_struct_sheet.number_strands   10 
_struct_sheet.details          ? 
# 
loop_
_struct_sheet_order.sheet_id 
_struct_sheet_order.range_id_1 
_struct_sheet_order.range_id_2 
_struct_sheet_order.offset 
_struct_sheet_order.sense 
AA 1 2  ? anti-parallel 
AA 2 3  ? anti-parallel 
AA 3 4  ? anti-parallel 
AA 4 5  ? anti-parallel 
AA 5 6  ? anti-parallel 
AA 6 7  ? anti-parallel 
AA 7 8  ? anti-parallel 
AA 8 9  ? anti-parallel 
AA 9 10 ? anti-parallel 
# 
loop_
_struct_sheet_range.sheet_id 
_struct_sheet_range.id 
_struct_sheet_range.beg_label_comp_id 
_struct_sheet_range.beg_label_asym_id 
_struct_sheet_range.beg_label_seq_id 
_struct_sheet_range.pdbx_beg_PDB_ins_code 
_struct_sheet_range.end_label_comp_id 
_struct_sheet_range.end_label_asym_id 
_struct_sheet_range.end_label_seq_id 
_struct_sheet_range.pdbx_end_PDB_ins_code 
_struct_sheet_range.beg_auth_comp_id 
_struct_sheet_range.beg_auth_asym_id 
_struct_sheet_range.beg_auth_seq_id 
_struct_sheet_range.end_auth_comp_id 
_struct_sheet_range.end_auth_asym_id 
_struct_sheet_range.end_auth_seq_id 
AA 1  LEU A 62  ? PHE A 66  ? LEU A 60  PHE A 64  
AA 2  LYS A 50  ? GLU A 56  ? LYS A 48  GLU A 54  
AA 3  THR A 41  ? ASP A 47  ? THR A 39  ASP A 45  
AA 4  GLY A 8   ? HIS A 16  ? GLY A 6   HIS A 14  
AA 5  VAL A 125 ? ARG A 133 ? VAL A 123 ARG A 131 
AA 6  THR A 115 ? VAL A 122 ? THR A 113 VAL A 120 
AA 7  THR A 104 ? ASP A 112 ? THR A 102 ASP A 110 
AA 8  LYS A 93  ? VAL A 99  ? LYS A 91  VAL A 97  
AA 9  ASN A 81  ? SER A 90  ? ASN A 79  SER A 88  
AA 10 PHE A 72  ? LYS A 75  ? PHE A 70  LYS A 73  
# 
loop_
_pdbx_struct_sheet_hbond.sheet_id 
_pdbx_struct_sheet_hbond.range_id_1 
_pdbx_struct_sheet_hbond.range_id_2 
_pdbx_struct_sheet_hbond.range_1_label_atom_id 
_pdbx_struct_sheet_hbond.range_1_label_comp_id 
_pdbx_struct_sheet_hbond.range_1_label_asym_id 
_pdbx_struct_sheet_hbond.range_1_label_seq_id 
_pdbx_struct_sheet_hbond.range_1_PDB_ins_code 
_pdbx_struct_sheet_hbond.range_1_auth_atom_id 
_pdbx_struct_sheet_hbond.range_1_auth_comp_id 
_pdbx_struct_sheet_hbond.range_1_auth_asym_id 
_pdbx_struct_sheet_hbond.range_1_auth_seq_id 
_pdbx_struct_sheet_hbond.range_2_label_atom_id 
_pdbx_struct_sheet_hbond.range_2_label_comp_id 
_pdbx_struct_sheet_hbond.range_2_label_asym_id 
_pdbx_struct_sheet_hbond.range_2_label_seq_id 
_pdbx_struct_sheet_hbond.range_2_PDB_ins_code 
_pdbx_struct_sheet_hbond.range_2_auth_atom_id 
_pdbx_struct_sheet_hbond.range_2_auth_comp_id 
_pdbx_struct_sheet_hbond.range_2_auth_asym_id 
_pdbx_struct_sheet_hbond.range_2_auth_seq_id 
AA 1 2  N PHE A 66  ? N PHE A 64  O MET A 51  ? O MET A 49  
AA 2 3  N GLU A 56  ? N GLU A 54  O THR A 41  ? O THR A 39  
AA 3 4  N PHE A 44  ? N PHE A 42  O GLY A 8   ? O GLY A 6   
AA 4 5  N HIS A 16  ? N HIS A 14  O ILE A 128 ? O ILE A 126 
AA 5 6  N TYR A 131 ? N TYR A 129 O MET A 116 ? O MET A 114 
AA 6 7  N THR A 121 ? N THR A 119 O VAL A 106 ? O VAL A 104 
AA 7 8  N ARG A 109 ? N ARG A 107 O LEU A 94  ? O LEU A 92  
AA 8 9  N VAL A 99  ? N VAL A 97  O LYS A 83  ? O LYS A 81  
AA 9 10 N SER A 84  ? N SER A 82  O PHE A 72  ? O PHE A 70  
# 
_struct_site.id                   AC1 
_struct_site.pdbx_evidence_code   Software 
_struct_site.pdbx_auth_asym_id    ? 
_struct_site.pdbx_auth_comp_id    ? 
_struct_site.pdbx_auth_seq_id     ? 
_struct_site.pdbx_auth_ins_code   ? 
_struct_site.pdbx_num_residues    13 
_struct_site.details              'BINDING SITE FOR RESIDUE OLA A1134' 
# 
loop_
_struct_site_gen.id 
_struct_site_gen.site_id 
_struct_site_gen.pdbx_num_res 
_struct_site_gen.label_comp_id 
_struct_site_gen.label_asym_id 
_struct_site_gen.label_seq_id 
_struct_site_gen.pdbx_auth_ins_code 
_struct_site_gen.auth_comp_id 
_struct_site_gen.auth_asym_id 
_struct_site_gen.auth_seq_id 
_struct_site_gen.label_atom_id 
_struct_site_gen.label_alt_id 
_struct_site_gen.symmetry 
_struct_site_gen.details 
1  AC1 13 MET A 22  ? MET A 20   . ? 1_555 ? 
2  AC1 13 GLY A 35  ? GLY A 33   . ? 1_555 ? 
3  AC1 13 THR A 55  ? THR A 53   . ? 1_555 ? 
4  AC1 13 SER A 57  ? SER A 55   . ? 1_555 ? 
5  AC1 13 PHE A 59  ? PHE A 57   . ? 1_555 ? 
6  AC1 13 LYS A 60  ? LYS A 58   . ? 1_555 ? 
7  AC1 13 SER A 77  ? SER A 75   . ? 1_555 ? 
8  AC1 13 ASP A 78  ? ASP A 76   . ? 1_555 ? 
9  AC1 13 ARG A 109 ? ARG A 107  . ? 1_555 ? 
10 AC1 13 ARG A 129 ? ARG A 127  . ? 1_555 ? 
11 AC1 13 TYR A 131 ? TYR A 129  . ? 1_555 ? 
12 AC1 13 HOH C .   ? HOH A 2172 . ? 1_555 ? 
13 AC1 13 HOH C .   ? HOH A 2173 . ? 1_555 ? 
# 
_atom_sites.entry_id                    1VYF 
_atom_sites.fract_transf_matrix[1][1]   -0.00309845 
_atom_sites.fract_transf_matrix[1][2]   -0.00670158 
_atom_sites.fract_transf_matrix[1][3]   -0.02190415 
_atom_sites.fract_transf_matrix[2][1]   0.00434811 
_atom_sites.fract_transf_matrix[2][2]   -0.00963289 
_atom_sites.fract_transf_matrix[2][3]   0.00233212 
_atom_sites.fract_transf_matrix[3][1]   -0.02500701 
_atom_sites.fract_transf_matrix[3][2]   -0.00971194 
_atom_sites.fract_transf_matrix[3][3]   0.00650873 
_atom_sites.fract_transf_vector[1]      0.428157 
_atom_sites.fract_transf_vector[2]      0.353313 
_atom_sites.fract_transf_vector[3]      0.256749 
# 
loop_
_atom_type.symbol 
C 
N 
O 
S 
# 
loop_
_atom_site.group_PDB 
_atom_site.id 
_atom_site.type_symbol 
_atom_site.label_atom_id 
_atom_site.label_alt_id 
_atom_site.label_comp_id 
_atom_site.label_asym_id 
_atom_site.label_entity_id 
_atom_site.label_seq_id 
_atom_site.pdbx_PDB_ins_code 
_atom_site.Cartn_x 
_atom_site.Cartn_y 
_atom_site.Cartn_z 
_atom_site.occupancy 
_atom_site.B_iso_or_equiv 
_atom_site.pdbx_formal_charge 
_atom_site.auth_seq_id 
_atom_site.auth_comp_id 
_atom_site.auth_asym_id 
_atom_site.auth_atom_id 
_atom_site.pdbx_PDB_model_num 
ATOM   1    N N   . GLY A 1 1   ? -1.415  -13.126 -18.145 1.00 55.55 ? -1   GLY A N   1 
ATOM   2    C CA  . GLY A 1 1   ? -2.108  -13.323 -16.835 1.00 55.62 ? -1   GLY A CA  1 
ATOM   3    C C   . GLY A 1 1   ? -2.620  -12.013 -16.276 1.00 55.43 ? -1   GLY A C   1 
ATOM   4    O O   . GLY A 1 1   ? -2.319  -10.942 -16.812 1.00 56.13 ? -1   GLY A O   1 
ATOM   5    N N   . SER A 1 2   ? -3.396  -12.080 -15.200 1.00 54.77 ? 0    SER A N   1 
ATOM   6    C CA  . SER A 1 2   ? -3.997  -10.870 -14.668 1.00 54.17 ? 0    SER A CA  1 
ATOM   7    C C   . SER A 1 2   ? -3.021  -10.089 -13.780 1.00 52.85 ? 0    SER A C   1 
ATOM   8    O O   . SER A 1 2   ? -2.104  -10.662 -13.166 1.00 52.92 ? 0    SER A O   1 
ATOM   9    C CB  . SER A 1 2   ? -5.327  -11.154 -13.968 1.00 54.37 ? 0    SER A CB  1 
ATOM   10   O OG  . SER A 1 2   ? -5.165  -11.771 -12.706 1.00 55.56 ? 0    SER A OG  1 
ATOM   11   N N   . MET A 1 3   ? -3.198  -8.770  -13.776 1.00 51.30 ? 1    MET A N   1 
ATOM   12   C CA  . MET A 1 3   ? -2.321  -7.852  -13.038 1.00 49.83 ? 1    MET A CA  1 
ATOM   13   C C   . MET A 1 3   ? -0.846  -7.987  -13.405 1.00 47.77 ? 1    MET A C   1 
ATOM   14   O O   . MET A 1 3   ? 0.021   -7.608  -12.625 1.00 47.38 ? 1    MET A O   1 
ATOM   15   C CB  . MET A 1 3   ? -2.515  -8.045  -11.521 1.00 49.59 ? 1    MET A CB  1 
ATOM   16   C CG  . MET A 1 3   ? -3.987  -8.091  -11.099 1.00 50.71 ? 1    MET A CG  1 
ATOM   17   S SD  . MET A 1 3   ? -4.522  -6.511  -10.420 1.00 50.44 ? 1    MET A SD  1 
ATOM   18   C CE  . MET A 1 3   ? -6.265  -6.411  -10.773 1.00 51.41 ? 1    MET A CE  1 
ATOM   19   N N   . SER A 1 4   ? -0.558  -8.497  -14.600 1.00 45.51 ? 2    SER A N   1 
ATOM   20   C CA  . SER A 1 4   ? 0.813   -8.803  -14.990 1.00 43.71 ? 2    SER A CA  1 
ATOM   21   C C   . SER A 1 4   ? 1.786   -7.613  -14.905 1.00 41.65 ? 2    SER A C   1 
ATOM   22   O O   . SER A 1 4   ? 2.993   -7.804  -14.706 1.00 40.58 ? 2    SER A O   1 
ATOM   23   C CB  . SER A 1 4   ? 0.834   -9.399  -16.416 1.00 44.57 ? 2    SER A CB  1 
ATOM   24   O OG  . SER A 1 4   ? 0.413   -8.462  -17.393 1.00 44.42 ? 2    SER A OG  1 
ATOM   25   N N   . SER A 1 5   ? 1.282   -6.388  -15.068 1.00 39.38 ? 3    SER A N   1 
ATOM   26   C CA  . SER A 1 5   ? 2.160   -5.212  -15.011 1.00 37.59 ? 3    SER A CA  1 
ATOM   27   C C   . SER A 1 5   ? 2.645   -4.919  -13.583 1.00 35.58 ? 3    SER A C   1 
ATOM   28   O O   . SER A 1 5   ? 3.650   -4.230  -13.409 1.00 35.93 ? 3    SER A O   1 
ATOM   29   C CB  . SER A 1 5   ? 1.502   -3.969  -15.640 1.00 37.20 ? 3    SER A CB  1 
ATOM   30   O OG  . SER A 1 5   ? 0.314   -3.599  -14.962 1.00 38.14 ? 3    SER A OG  1 
ATOM   31   N N   . PHE A 1 6   ? 1.940   -5.431  -12.580 1.00 33.19 ? 4    PHE A N   1 
ATOM   32   C CA  . PHE A 1 6   ? 2.358   -5.283  -11.166 1.00 32.94 ? 4    PHE A CA  1 
ATOM   33   C C   . PHE A 1 6   ? 3.471   -6.204  -10.726 1.00 32.37 ? 4    PHE A C   1 
ATOM   34   O O   . PHE A 1 6   ? 4.116   -5.957  -9.717  1.00 31.76 ? 4    PHE A O   1 
ATOM   35   C CB  . PHE A 1 6   ? 1.181   -5.582  -10.236 1.00 32.18 ? 4    PHE A CB  1 
ATOM   36   C CG  . PHE A 1 6   ? 0.263   -4.419  -10.030 1.00 32.94 ? 4    PHE A CG  1 
ATOM   37   C CD1 . PHE A 1 6   ? -0.752  -4.163  -10.927 1.00 35.83 ? 4    PHE A CD1 1 
ATOM   38   C CD2 . PHE A 1 6   ? 0.371   -3.617  -8.894  1.00 32.50 ? 4    PHE A CD2 1 
ATOM   39   C CE1 . PHE A 1 6   ? -1.594  -3.100  -10.726 1.00 34.74 ? 4    PHE A CE1 1 
ATOM   40   C CE2 . PHE A 1 6   ? -0.466  -2.561  -8.705  1.00 31.36 ? 4    PHE A CE2 1 
ATOM   41   C CZ  . PHE A 1 6   ? -1.439  -2.296  -9.628  1.00 32.55 ? 4    PHE A CZ  1 
ATOM   42   N N   . LEU A 1 7   ? 3.650   -7.320  -11.440 1.00 33.24 ? 5    LEU A N   1 
ATOM   43   C CA  . LEU A 1 7   ? 4.510   -8.408  -10.982 1.00 33.19 ? 5    LEU A CA  1 
ATOM   44   C C   . LEU A 1 7   ? 5.958   -8.029  -10.965 1.00 33.15 ? 5    LEU A C   1 
ATOM   45   O O   . LEU A 1 7   ? 6.465   -7.467  -11.906 1.00 32.89 ? 5    LEU A O   1 
ATOM   46   C CB  . LEU A 1 7   ? 4.322   -9.642  -11.866 1.00 33.87 ? 5    LEU A CB  1 
ATOM   47   C CG  . LEU A 1 7   ? 2.891   -10.151 -11.995 1.00 34.84 ? 5    LEU A CG  1 
ATOM   48   C CD1 . LEU A 1 7   ? 2.902   -11.398 -12.883 1.00 37.31 ? 5    LEU A CD1 1 
ATOM   49   C CD2 . LEU A 1 7   ? 2.308   -10.463 -10.667 1.00 37.55 ? 5    LEU A CD2 1 
ATOM   50   N N   . GLY A 1 8   ? 6.632   -8.374  -9.877  1.00 33.27 ? 6    GLY A N   1 
ATOM   51   C CA  . GLY A 1 8   ? 8.021   -8.031  -9.688  1.00 32.42 ? 6    GLY A CA  1 
ATOM   52   C C   . GLY A 1 8   ? 8.215   -7.152  -8.454  1.00 32.09 ? 6    GLY A C   1 
ATOM   53   O O   . GLY A 1 8   ? 7.384   -7.143  -7.539  1.00 32.35 ? 6    GLY A O   1 
ATOM   54   N N   . LYS A 1 9   ? 9.300   -6.401  -8.446  1.00 31.95 ? 7    LYS A N   1 
ATOM   55   C CA  . LYS A 1 9   ? 9.688   -5.609  -7.290  1.00 33.22 ? 7    LYS A CA  1 
ATOM   56   C C   . LYS A 1 9   ? 9.721   -4.130  -7.599  1.00 32.74 ? 7    LYS A C   1 
ATOM   57   O O   . LYS A 1 9   ? 10.052  -3.722  -8.725  1.00 33.09 ? 7    LYS A O   1 
ATOM   58   C CB  . LYS A 1 9   ? 11.087  -6.000  -6.830  1.00 34.20 ? 7    LYS A CB  1 
ATOM   59   C CG  . LYS A 1 9   ? 11.210  -7.371  -6.273  1.00 37.49 ? 7    LYS A CG  1 
ATOM   60   C CD  . LYS A 1 9   ? 12.508  -7.461  -5.406  1.00 41.99 ? 7    LYS A CD  1 
ATOM   61   C CE  . LYS A 1 9   ? 12.572  -8.767  -4.680  1.00 43.15 ? 7    LYS A CE  1 
ATOM   62   N NZ  . LYS A 1 9   ? 13.718  -9.511  -5.229  1.00 46.75 ? 7    LYS A NZ  1 
ATOM   63   N N   . TRP A 1 10  ? 9.467   -3.330  -6.560  1.00 30.81 ? 8    TRP A N   1 
ATOM   64   C CA  . TRP A 1 10  ? 9.281   -1.883  -6.682  1.00 30.05 ? 8    TRP A CA  1 
ATOM   65   C C   . TRP A 1 10  ? 9.942   -1.221  -5.484  1.00 29.49 ? 8    TRP A C   1 
ATOM   66   O O   . TRP A 1 10  ? 9.876   -1.769  -4.412  1.00 29.47 ? 8    TRP A O   1 
ATOM   67   C CB  . TRP A 1 10  ? 7.770   -1.535  -6.684  1.00 28.66 ? 8    TRP A CB  1 
ATOM   68   C CG  . TRP A 1 10  ? 7.023   -2.145  -7.814  1.00 28.98 ? 8    TRP A CG  1 
ATOM   69   C CD1 . TRP A 1 10  ? 6.435   -3.389  -7.841  1.00 28.32 ? 8    TRP A CD1 1 
ATOM   70   C CD2 . TRP A 1 10  ? 6.756   -1.555  -9.088  1.00 29.26 ? 8    TRP A CD2 1 
ATOM   71   N NE1 . TRP A 1 10  ? 5.845   -3.600  -9.059  1.00 30.74 ? 8    TRP A NE1 1 
ATOM   72   C CE2 . TRP A 1 10  ? 6.041   -2.499  -9.849  1.00 29.56 ? 8    TRP A CE2 1 
ATOM   73   C CE3 . TRP A 1 10  ? 7.050   -0.315  -9.668  1.00 26.76 ? 8    TRP A CE3 1 
ATOM   74   C CZ2 . TRP A 1 10  ? 5.608   -2.238  -11.158 1.00 28.64 ? 8    TRP A CZ2 1 
ATOM   75   C CZ3 . TRP A 1 10  ? 6.610   -0.056  -10.945 1.00 26.34 ? 8    TRP A CZ3 1 
ATOM   76   C CH2 . TRP A 1 10  ? 5.905   -1.016  -11.681 1.00 27.39 ? 8    TRP A CH2 1 
ATOM   77   N N   . LYS A 1 11  ? 10.617  -0.087  -5.670  1.00 29.64 ? 9    LYS A N   1 
ATOM   78   C CA  . LYS A 1 11  ? 11.219  0.615   -4.551  1.00 29.24 ? 9    LYS A CA  1 
ATOM   79   C C   . LYS A 1 11  ? 10.698  2.051   -4.531  1.00 27.73 ? 9    LYS A C   1 
ATOM   80   O O   . LYS A 1 11  ? 10.621  2.723   -5.562  1.00 26.57 ? 9    LYS A O   1 
ATOM   81   C CB  . LYS A 1 11  ? 12.758  0.558   -4.602  1.00 29.75 ? 9    LYS A CB  1 
ATOM   82   C CG  . LYS A 1 11  ? 13.452  1.202   -3.385  1.00 33.43 ? 9    LYS A CG  1 
ATOM   83   C CD  . LYS A 1 11  ? 14.988  1.148   -3.501  1.00 38.60 ? 9    LYS A CD  1 
ATOM   84   C CE  . LYS A 1 11  ? 15.668  1.374   -2.163  1.00 42.35 ? 9    LYS A CE  1 
ATOM   85   N NZ  . LYS A 1 11  ? 16.980  0.651   -2.104  1.00 43.60 ? 9    LYS A NZ  1 
ATOM   86   N N   . LEU A 1 12  ? 10.306  2.499   -3.345  1.00 26.46 ? 10   LEU A N   1 
ATOM   87   C CA  . LEU A 1 12  ? 9.845   3.870   -3.141  1.00 26.21 ? 10   LEU A CA  1 
ATOM   88   C C   . LEU A 1 12  ? 10.898  4.848   -3.592  1.00 27.70 ? 10   LEU A C   1 
ATOM   89   O O   . LEU A 1 12  ? 12.027  4.753   -3.100  1.00 26.59 ? 10   LEU A O   1 
ATOM   90   C CB  . LEU A 1 12  ? 9.573   4.169   -1.659  1.00 26.25 ? 10   LEU A CB  1 
ATOM   91   C CG  . LEU A 1 12  ? 8.975   5.570   -1.411  1.00 25.92 ? 10   LEU A CG  1 
ATOM   92   C CD1 . LEU A 1 12  ? 7.509   5.619   -1.849  1.00 25.84 ? 10   LEU A CD1 1 
ATOM   93   C CD2 . LEU A 1 12  ? 9.094   5.886   0.045   1.00 28.64 ? 10   LEU A CD2 1 
ATOM   94   N N   . SER A 1 13  ? 10.501  5.761   -4.483  1.00 28.19 ? 11   SER A N   1 
ATOM   95   C CA  . SER A 1 13  ? 11.362  6.855   -5.010  1.00 29.86 ? 11   SER A CA  1 
ATOM   96   C C   . SER A 1 13  ? 11.022  8.235   -4.522  1.00 30.09 ? 11   SER A C   1 
ATOM   97   O O   . SER A 1 13  ? 11.937  9.052   -4.305  1.00 28.91 ? 11   SER A O   1 
ATOM   98   C CB  . SER A 1 13  ? 11.404  6.848   -6.548  1.00 30.45 ? 11   SER A CB  1 
ATOM   99   O OG  . SER A 1 13  ? 10.136  7.034   -7.164  1.00 36.28 ? 11   SER A OG  1 
ATOM   100  N N   . GLU A 1 14  ? 9.726   8.518   -4.337  1.00 28.52 ? 12   GLU A N   1 
ATOM   101  C CA  . GLU A 1 14  ? 9.270   9.820   -3.862  1.00 28.81 ? 12   GLU A CA  1 
ATOM   102  C C   . GLU A 1 14  ? 7.988   9.737   -3.060  1.00 28.22 ? 12   GLU A C   1 
ATOM   103  O O   . GLU A 1 14  ? 7.093   8.939   -3.385  1.00 26.95 ? 12   GLU A O   1 
ATOM   104  C CB  . GLU A 1 14  ? 8.943   10.778  -4.999  1.00 29.11 ? 12   GLU A CB  1 
ATOM   105  C CG  . GLU A 1 14  ? 9.831   10.777  -6.200  1.00 32.24 ? 12   GLU A CG  1 
ATOM   106  C CD  . GLU A 1 14  ? 9.165   11.572  -7.291  1.00 36.03 ? 12   GLU A CD  1 
ATOM   107  O OE1 . GLU A 1 14  ? 8.348   11.004  -8.054  1.00 36.63 ? 12   GLU A OE1 1 
ATOM   108  O OE2 . GLU A 1 14  ? 9.396   12.795  -7.301  1.00 38.39 ? 12   GLU A OE2 1 
ATOM   109  N N   . SER A 1 15  ? 7.869   10.638  -2.094  1.00 26.91 ? 13   SER A N   1 
ATOM   110  C CA  . SER A 1 15  ? 6.701   10.711  -1.248  1.00 27.22 ? 13   SER A CA  1 
ATOM   111  C C   . SER A 1 15  ? 6.266   12.178  -1.098  1.00 27.08 ? 13   SER A C   1 
ATOM   112  O O   . SER A 1 15  ? 7.087   13.034  -0.781  1.00 27.64 ? 13   SER A O   1 
ATOM   113  C CB  . SER A 1 15  ? 7.038   10.137  0.108   1.00 27.40 ? 13   SER A CB  1 
ATOM   114  O OG  . SER A 1 15  ? 5.877   10.010  0.870   1.00 27.38 ? 13   SER A OG  1 
ATOM   115  N N   . HIS A 1 16  ? 4.992   12.450  -1.295  1.00 25.90 ? 14   HIS A N   1 
ATOM   116  C CA  . HIS A 1 16  ? 4.416   13.790  -1.190  1.00 26.50 ? 14   HIS A CA  1 
ATOM   117  C C   . HIS A 1 16  ? 3.225   13.827  -0.248  1.00 26.76 ? 14   HIS A C   1 
ATOM   118  O O   . HIS A 1 16  ? 2.251   13.091  -0.414  1.00 26.07 ? 14   HIS A O   1 
ATOM   119  C CB  A HIS A 1 16  ? 3.954   14.252  -2.594  0.50 26.48 ? 14   HIS A CB  1 
ATOM   120  C CB  B HIS A 1 16  ? 4.146   14.360  -2.574  0.50 27.28 ? 14   HIS A CB  1 
ATOM   121  C CG  A HIS A 1 16  ? 3.203   15.555  -2.606  0.50 27.33 ? 14   HIS A CG  1 
ATOM   122  C CG  B HIS A 1 16  ? 5.396   14.428  -3.383  0.50 30.11 ? 14   HIS A CG  1 
ATOM   123  N ND1 A HIS A 1 16  ? 3.832   16.780  -2.718  0.50 28.81 ? 14   HIS A ND1 1 
ATOM   124  N ND1 B HIS A 1 16  ? 6.568   14.935  -2.871  0.50 35.05 ? 14   HIS A ND1 1 
ATOM   125  C CD2 A HIS A 1 16  ? 1.877   15.823  -2.539  0.50 28.23 ? 14   HIS A CD2 1 
ATOM   126  C CD2 B HIS A 1 16  ? 5.713   13.898  -4.577  0.50 32.97 ? 14   HIS A CD2 1 
ATOM   127  C CE1 A HIS A 1 16  ? 2.926   17.741  -2.720  0.50 28.18 ? 14   HIS A CE1 1 
ATOM   128  C CE1 B HIS A 1 16  ? 7.534   14.786  -3.756  0.50 35.16 ? 14   HIS A CE1 1 
ATOM   129  N NE2 A HIS A 1 16  ? 1.734   17.191  -2.589  0.50 26.74 ? 14   HIS A NE2 1 
ATOM   130  N NE2 B HIS A 1 16  ? 7.036   14.172  -4.811  0.50 34.84 ? 14   HIS A NE2 1 
ATOM   131  N N   . ASN A 1 17  ? 3.314   14.681  0.761   1.00 26.71 ? 15   ASN A N   1 
ATOM   132  C CA  . ASN A 1 17  ? 2.223   14.880  1.732   1.00 26.49 ? 15   ASN A CA  1 
ATOM   133  C C   . ASN A 1 17  ? 1.881   13.703  2.658   1.00 26.26 ? 15   ASN A C   1 
ATOM   134  O O   . ASN A 1 17  ? 0.762   13.642  3.181   1.00 26.34 ? 15   ASN A O   1 
ATOM   135  C CB  . ASN A 1 17  ? 0.952   15.410  1.039   1.00 27.34 ? 15   ASN A CB  1 
ATOM   136  C CG  . ASN A 1 17  ? 0.079   16.267  1.975   1.00 28.36 ? 15   ASN A CG  1 
ATOM   137  O OD1 . ASN A 1 17  ? 0.608   17.032  2.768   1.00 30.01 ? 15   ASN A OD1 1 
ATOM   138  N ND2 . ASN A 1 17  ? -1.237  16.124  1.888   1.00 27.18 ? 15   ASN A ND2 1 
ATOM   139  N N   . PHE A 1 18  ? 2.827   12.801  2.871   1.00 25.93 ? 16   PHE A N   1 
ATOM   140  C CA  . PHE A 1 18  ? 2.553   11.584  3.639   1.00 27.45 ? 16   PHE A CA  1 
ATOM   141  C C   . PHE A 1 18  ? 2.408   11.852  5.138   1.00 28.85 ? 16   PHE A C   1 
ATOM   142  O O   . PHE A 1 18  ? 1.608   11.181  5.794   1.00 28.14 ? 16   PHE A O   1 
ATOM   143  C CB  . PHE A 1 18  ? 3.640   10.540  3.382   1.00 27.22 ? 16   PHE A CB  1 
ATOM   144  C CG  . PHE A 1 18  ? 3.309   9.121   3.866   1.00 27.51 ? 16   PHE A CG  1 
ATOM   145  C CD1 . PHE A 1 18  ? 2.095   8.509   3.578   1.00 31.38 ? 16   PHE A CD1 1 
ATOM   146  C CD2 . PHE A 1 18  ? 4.233   8.413   4.583   1.00 30.00 ? 16   PHE A CD2 1 
ATOM   147  C CE1 . PHE A 1 18  ? 1.821   7.200   4.010   1.00 29.53 ? 16   PHE A CE1 1 
ATOM   148  C CE2 . PHE A 1 18  ? 3.962   7.103   5.019   1.00 32.32 ? 16   PHE A CE2 1 
ATOM   149  C CZ  . PHE A 1 18  ? 2.738   6.509   4.710   1.00 31.07 ? 16   PHE A CZ  1 
ATOM   150  N N   . ASP A 1 19  ? 3.134   12.824  5.685   1.00 28.92 ? 17   ASP A N   1 
ATOM   151  C CA  . ASP A 1 19  ? 2.954   13.113  7.107   1.00 31.34 ? 17   ASP A CA  1 
ATOM   152  C C   . ASP A 1 19  ? 1.535   13.567  7.457   1.00 31.50 ? 17   ASP A C   1 
ATOM   153  O O   . ASP A 1 19  ? 1.027   13.232  8.529   1.00 31.83 ? 17   ASP A O   1 
ATOM   154  C CB  . ASP A 1 19  ? 3.973   14.093  7.637   1.00 31.33 ? 17   ASP A CB  1 
ATOM   155  C CG  . ASP A 1 19  ? 3.982   14.129  9.164   1.00 34.73 ? 17   ASP A CG  1 
ATOM   156  O OD1 . ASP A 1 19  ? 4.474   13.148  9.756   1.00 34.09 ? 17   ASP A OD1 1 
ATOM   157  O OD2 . ASP A 1 19  ? 3.497   15.083  9.840   1.00 37.05 ? 17   ASP A OD2 1 
ATOM   158  N N   . ALA A 1 20  ? 0.890   14.311  6.568   1.00 31.40 ? 18   ALA A N   1 
ATOM   159  C CA  . ALA A 1 20  ? -0.502  14.723  6.778   1.00 31.43 ? 18   ALA A CA  1 
ATOM   160  C C   . ALA A 1 20  ? -1.428  13.501  6.946   1.00 32.63 ? 18   ALA A C   1 
ATOM   161  O O   . ALA A 1 20  ? -2.430  13.559  7.687   1.00 33.20 ? 18   ALA A O   1 
ATOM   162  C CB  . ALA A 1 20  ? -0.981  15.574  5.614   1.00 31.63 ? 18   ALA A CB  1 
ATOM   163  N N   . VAL A 1 21  ? -1.126  12.400  6.269   1.00 32.52 ? 19   VAL A N   1 
ATOM   164  C CA  . VAL A 1 21  ? -2.044  11.252  6.366   1.00 32.95 ? 19   VAL A CA  1 
ATOM   165  C C   . VAL A 1 21  ? -1.760  10.418  7.577   1.00 32.51 ? 19   VAL A C   1 
ATOM   166  O O   . VAL A 1 21  ? -2.697  9.957   8.219   1.00 33.48 ? 19   VAL A O   1 
ATOM   167  C CB  . VAL A 1 21  ? -2.221  10.332  5.099   1.00 33.49 ? 19   VAL A CB  1 
ATOM   168  C CG1 . VAL A 1 21  ? -2.028  11.034  3.789   1.00 33.35 ? 19   VAL A CG1 1 
ATOM   169  C CG2 . VAL A 1 21  ? -1.486  8.991   5.224   1.00 34.77 ? 19   VAL A CG2 1 
ATOM   170  N N   . MET A 1 22  ? -0.510  10.238  7.961   1.00 32.86 ? 20   MET A N   1 
ATOM   171  C CA  . MET A 1 22  ? -0.332  9.436   9.177   1.00 33.57 ? 20   MET A CA  1 
ATOM   172  C C   . MET A 1 22  ? -0.667  10.176  10.425  1.00 33.93 ? 20   MET A C   1 
ATOM   173  O O   . MET A 1 22  ? -0.949  9.558   11.413  1.00 33.39 ? 20   MET A O   1 
ATOM   174  C CB  A MET A 1 22  ? 0.959   8.649   9.292   0.50 33.33 ? 20   MET A CB  1 
ATOM   175  C CB  B MET A 1 22  ? 1.148   9.170   9.407   0.50 33.43 ? 20   MET A CB  1 
ATOM   176  C CG  A MET A 1 22  ? 1.966   9.015   8.411   0.50 31.35 ? 20   MET A CG  1 
ATOM   177  C CG  B MET A 1 22  ? 1.533   7.804   9.152   0.50 35.51 ? 20   MET A CG  1 
ATOM   178  S SD  A MET A 1 22  ? 2.687   10.295  9.225   0.50 29.45 ? 20   MET A SD  1 
ATOM   179  S SD  B MET A 1 22  ? 1.807   7.886   7.520   0.50 36.20 ? 20   MET A SD  1 
ATOM   180  C CE  A MET A 1 22  ? 4.504   9.770   8.655   0.50 26.09 ? 20   MET A CE  1 
ATOM   181  C CE  B MET A 1 22  ? 3.474   8.770   7.580   0.50 37.05 ? 20   MET A CE  1 
ATOM   182  N N   . SER A 1 23  ? -0.488  11.489  10.376  1.00 35.48 ? 21   SER A N   1 
ATOM   183  C CA  . SER A 1 23  ? -0.842  12.356  11.472  1.00 36.53 ? 21   SER A CA  1 
ATOM   184  C C   . SER A 1 23  ? -2.339  12.215  11.714  1.00 36.72 ? 21   SER A C   1 
ATOM   185  O O   . SER A 1 23  ? -2.790  12.031  12.860  1.00 37.40 ? 21   SER A O   1 
ATOM   186  C CB  . SER A 1 23  ? -0.470  13.803  11.128  1.00 35.70 ? 21   SER A CB  1 
ATOM   187  O OG  . SER A 1 23  ? -0.591  14.604  12.289  1.00 40.39 ? 21   SER A OG  1 
ATOM   188  N N   . LYS A 1 24  ? -3.099  12.287  10.627  1.00 36.40 ? 22   LYS A N   1 
ATOM   189  C CA  . LYS A 1 24  ? -4.550  12.115  10.658  1.00 36.54 ? 22   LYS A CA  1 
ATOM   190  C C   . LYS A 1 24  ? -4.991  10.735  11.166  1.00 35.87 ? 22   LYS A C   1 
ATOM   191  O O   . LYS A 1 24  ? -5.975  10.628  11.896  1.00 36.31 ? 22   LYS A O   1 
ATOM   192  C CB  . LYS A 1 24  ? -5.135  12.397  9.268   1.00 36.53 ? 22   LYS A CB  1 
ATOM   193  C CG  . LYS A 1 24  ? -6.654  12.275  9.188   1.00 37.94 ? 22   LYS A CG  1 
ATOM   194  C CD  . LYS A 1 24  ? -7.201  12.956  7.949   1.00 39.09 ? 22   LYS A CD  1 
ATOM   195  C CE  . LYS A 1 24  ? -8.729  12.944  7.934   1.00 39.77 ? 22   LYS A CE  1 
ATOM   196  N NZ  . LYS A 1 24  ? -9.281  14.060  8.746   1.00 40.69 ? 22   LYS A NZ  1 
ATOM   197  N N   . LEU A 1 25  ? -4.247  9.692   10.801  1.00 34.98 ? 23   LEU A N   1 
ATOM   198  C CA  . LEU A 1 25  ? -4.505  8.319   11.236  1.00 35.36 ? 23   LEU A CA  1 
ATOM   199  C C   . LEU A 1 25  ? -4.195  8.041   12.700  1.00 36.11 ? 23   LEU A C   1 
ATOM   200  O O   . LEU A 1 25  ? -4.489  6.937   13.201  1.00 36.83 ? 23   LEU A O   1 
ATOM   201  C CB  . LEU A 1 25  ? -3.699  7.329   10.372  1.00 34.75 ? 23   LEU A CB  1 
ATOM   202  C CG  . LEU A 1 25  ? -4.159  7.220   8.925   1.00 33.51 ? 23   LEU A CG  1 
ATOM   203  C CD1 . LEU A 1 25  ? -3.177  6.368   8.100   1.00 31.65 ? 23   LEU A CD1 1 
ATOM   204  C CD2 . LEU A 1 25  ? -5.573  6.678   8.834   1.00 32.62 ? 23   LEU A CD2 1 
ATOM   205  N N   . GLY A 1 26  ? -3.540  8.997   13.349  1.00 36.03 ? 24   GLY A N   1 
ATOM   206  C CA  . GLY A 1 26  ? -3.196  8.914   14.753  1.00 36.22 ? 24   GLY A CA  1 
ATOM   207  C C   . GLY A 1 26  ? -1.904  8.162   15.022  1.00 36.26 ? 24   GLY A C   1 
ATOM   208  O O   . GLY A 1 26  ? -1.689  7.725   16.169  1.00 36.21 ? 24   GLY A O   1 
ATOM   209  N N   . VAL A 1 27  ? -1.068  7.968   13.991  1.00 35.04 ? 25   VAL A N   1 
ATOM   210  C CA  . VAL A 1 27  ? 0.173   7.234   14.128  1.00 35.07 ? 25   VAL A CA  1 
ATOM   211  C C   . VAL A 1 27  ? 1.118   7.948   15.075  1.00 35.03 ? 25   VAL A C   1 
ATOM   212  O O   . VAL A 1 27  ? 1.243   9.172   15.042  1.00 35.54 ? 25   VAL A O   1 
ATOM   213  C CB  . VAL A 1 27  ? 0.884   7.005   12.753  1.00 35.13 ? 25   VAL A CB  1 
ATOM   214  C CG1 . VAL A 1 27  ? 2.191   6.237   12.924  1.00 33.76 ? 25   VAL A CG1 1 
ATOM   215  C CG2 . VAL A 1 27  ? -0.032  6.247   11.811  1.00 36.54 ? 25   VAL A CG2 1 
ATOM   216  N N   . SER A 1 28  ? 1.817   7.185   15.906  1.00 34.81 ? 26   SER A N   1 
ATOM   217  C CA  . SER A 1 28  ? 2.649   7.764   16.925  1.00 34.88 ? 26   SER A CA  1 
ATOM   218  C C   . SER A 1 28  ? 3.726   8.626   16.274  1.00 35.45 ? 26   SER A C   1 
ATOM   219  O O   . SER A 1 28  ? 4.118   8.397   15.119  1.00 33.80 ? 26   SER A O   1 
ATOM   220  C CB  . SER A 1 28  ? 3.298   6.677   17.779  1.00 35.23 ? 26   SER A CB  1 
ATOM   221  O OG  . SER A 1 28  ? 4.388   6.083   17.102  1.00 33.06 ? 26   SER A OG  1 
ATOM   222  N N   . TRP A 1 29  ? 4.184   9.619   17.019  1.00 35.38 ? 27   TRP A N   1 
ATOM   223  C CA  . TRP A 1 29  ? 5.286   10.456  16.590  1.00 36.14 ? 27   TRP A CA  1 
ATOM   224  C C   . TRP A 1 29  ? 6.473   9.646   16.091  1.00 36.07 ? 27   TRP A C   1 
ATOM   225  O O   . TRP A 1 29  ? 6.987   9.925   15.006  1.00 35.26 ? 27   TRP A O   1 
ATOM   226  C CB  . TRP A 1 29  ? 5.753   11.387  17.727  1.00 37.13 ? 27   TRP A CB  1 
ATOM   227  C CG  . TRP A 1 29  ? 6.919   12.208  17.320  1.00 38.11 ? 27   TRP A CG  1 
ATOM   228  C CD1 . TRP A 1 29  ? 8.211   12.034  17.684  1.00 39.79 ? 27   TRP A CD1 1 
ATOM   229  C CD2 . TRP A 1 29  ? 6.896   13.322  16.435  1.00 39.63 ? 27   TRP A CD2 1 
ATOM   230  N NE1 . TRP A 1 29  ? 9.006   12.995  17.099  1.00 41.31 ? 27   TRP A NE1 1 
ATOM   231  C CE2 . TRP A 1 29  ? 8.222   13.794  16.317  1.00 41.09 ? 27   TRP A CE2 1 
ATOM   232  C CE3 . TRP A 1 29  ? 5.886   13.978  15.725  1.00 43.00 ? 27   TRP A CE3 1 
ATOM   233  C CZ2 . TRP A 1 29  ? 8.565   14.877  15.523  1.00 42.73 ? 27   TRP A CZ2 1 
ATOM   234  C CZ3 . TRP A 1 29  ? 6.224   15.069  14.940  1.00 45.11 ? 27   TRP A CZ3 1 
ATOM   235  C CH2 . TRP A 1 29  ? 7.553   15.503  14.843  1.00 45.11 ? 27   TRP A CH2 1 
ATOM   236  N N   . ALA A 1 30  ? 6.933   8.669   16.886  1.00 36.00 ? 28   ALA A N   1 
ATOM   237  C CA  . ALA A 1 30  ? 8.144   7.921   16.547  1.00 35.65 ? 28   ALA A CA  1 
ATOM   238  C C   . ALA A 1 30  ? 7.965   7.045   15.300  1.00 35.01 ? 28   ALA A C   1 
ATOM   239  O O   . ALA A 1 30  ? 8.874   6.938   14.486  1.00 35.56 ? 28   ALA A O   1 
ATOM   240  C CB  . ALA A 1 30  ? 8.633   7.066   17.744  1.00 36.50 ? 28   ALA A CB  1 
ATOM   241  N N   . THR A 1 31  ? 6.806   6.405   15.149  1.00 33.72 ? 29   THR A N   1 
ATOM   242  C CA  . THR A 1 31  ? 6.536   5.622   13.949  1.00 33.25 ? 29   THR A CA  1 
ATOM   243  C C   . THR A 1 31  ? 6.365   6.535   12.718  1.00 33.02 ? 29   THR A C   1 
ATOM   244  O O   . THR A 1 31  ? 6.723   6.145   11.596  1.00 32.76 ? 29   THR A O   1 
ATOM   245  C CB  . THR A 1 31  ? 5.303   4.726   14.114  1.00 33.55 ? 29   THR A CB  1 
ATOM   246  O OG1 . THR A 1 31  ? 5.546   3.784   15.165  1.00 35.45 ? 29   THR A OG1 1 
ATOM   247  C CG2 . THR A 1 31  ? 5.117   3.863   12.863  1.00 33.09 ? 29   THR A CG2 1 
ATOM   248  N N   . ARG A 1 32  ? 5.801   7.721   12.931  1.00 31.94 ? 30   ARG A N   1 
ATOM   249  C CA  . ARG A 1 32  ? 5.659   8.714   11.865  1.00 33.35 ? 30   ARG A CA  1 
ATOM   250  C C   . ARG A 1 32  ? 7.036   9.089   11.327  1.00 34.01 ? 30   ARG A C   1 
ATOM   251  O O   . ARG A 1 32  ? 7.239   9.139   10.096  1.00 33.93 ? 30   ARG A O   1 
ATOM   252  C CB  . ARG A 1 32  ? 4.900   9.954   12.352  1.00 33.33 ? 30   ARG A CB  1 
ATOM   253  C CG  . ARG A 1 32  ? 3.423   9.825   12.205  1.00 33.96 ? 30   ARG A CG  1 
ATOM   254  C CD  . ARG A 1 32  ? 2.603   10.909  12.896  1.00 34.76 ? 30   ARG A CD  1 
ATOM   255  N NE  . ARG A 1 32  ? 2.898   12.224  12.332  1.00 34.52 ? 30   ARG A NE  1 
ATOM   256  C CZ  . ARG A 1 32  ? 2.938   13.344  13.040  1.00 37.99 ? 30   ARG A CZ  1 
ATOM   257  N NH1 . ARG A 1 32  ? 2.667   13.339  14.337  1.00 38.97 ? 30   ARG A NH1 1 
ATOM   258  N NH2 . ARG A 1 32  ? 3.231   14.492  12.443  1.00 38.84 ? 30   ARG A NH2 1 
ATOM   259  N N   . GLN A 1 33  ? 8.005   9.295   12.221  1.00 35.24 ? 31   GLN A N   1 
ATOM   260  C CA  . GLN A 1 33  ? 9.340   9.696   11.770  1.00 35.81 ? 31   GLN A CA  1 
ATOM   261  C C   . GLN A 1 33  ? 9.977   8.596   10.926  1.00 36.07 ? 31   GLN A C   1 
ATOM   262  O O   . GLN A 1 33  ? 10.608  8.896   9.901   1.00 35.70 ? 31   GLN A O   1 
ATOM   263  C CB  . GLN A 1 33  ? 10.285  10.078  12.918  1.00 36.27 ? 31   GLN A CB  1 
ATOM   264  C CG  . GLN A 1 33  ? 9.856   11.299  13.795  1.00 39.34 ? 31   GLN A CG  1 
ATOM   265  C CD  . GLN A 1 33  ? 9.117   12.423  13.054  1.00 42.93 ? 31   GLN A CD  1 
ATOM   266  O OE1 . GLN A 1 33  ? 9.731   13.214  12.340  1.00 45.99 ? 31   GLN A OE1 1 
ATOM   267  N NE2 . GLN A 1 33  ? 7.808   12.495  13.234  1.00 45.03 ? 31   GLN A NE2 1 
ATOM   268  N N   . ILE A 1 34  ? 9.849   7.342   11.370  1.00 35.29 ? 32   ILE A N   1 
ATOM   269  C CA  . ILE A 1 34  ? 10.275  6.176   10.590  1.00 35.04 ? 32   ILE A CA  1 
ATOM   270  C C   . ILE A 1 34  ? 9.565   6.150   9.239   1.00 34.41 ? 32   ILE A C   1 
ATOM   271  O O   . ILE A 1 34  ? 10.217  5.975   8.208   1.00 35.14 ? 32   ILE A O   1 
ATOM   272  C CB  . ILE A 1 34  ? 10.049  4.827   11.363  1.00 35.47 ? 32   ILE A CB  1 
ATOM   273  C CG1 . ILE A 1 34  ? 10.958  4.750   12.596  1.00 36.57 ? 32   ILE A CG1 1 
ATOM   274  C CG2 . ILE A 1 34  ? 10.338  3.595   10.469  1.00 37.02 ? 32   ILE A CG2 1 
ATOM   275  C CD1 . ILE A 1 34  ? 10.420  3.800   13.676  1.00 36.87 ? 32   ILE A CD1 1 
ATOM   276  N N   . GLY A 1 35  ? 8.256   6.359   9.234   1.00 33.57 ? 33   GLY A N   1 
ATOM   277  C CA  . GLY A 1 35  ? 7.459   6.397   8.008   1.00 33.88 ? 33   GLY A CA  1 
ATOM   278  C C   . GLY A 1 35  ? 7.841   7.507   7.036   1.00 34.63 ? 33   GLY A C   1 
ATOM   279  O O   . GLY A 1 35  ? 7.693   7.337   5.805   1.00 35.01 ? 33   GLY A O   1 
ATOM   280  N N   . ASN A 1 36  ? 8.366   8.621   7.572   1.00 33.84 ? 34   ASN A N   1 
ATOM   281  C CA  . ASN A 1 36  ? 8.848   9.733   6.734   1.00 35.13 ? 34   ASN A CA  1 
ATOM   282  C C   . ASN A 1 36  ? 10.298  9.567   6.222   1.00 35.84 ? 34   ASN A C   1 
ATOM   283  O O   . ASN A 1 36  ? 10.770  10.406  5.449   1.00 36.18 ? 34   ASN A O   1 
ATOM   284  C CB  . ASN A 1 36  ? 8.663   11.078  7.468   1.00 34.85 ? 34   ASN A CB  1 
ATOM   285  C CG  . ASN A 1 36  ? 7.181   11.438  7.683   1.00 34.11 ? 34   ASN A CG  1 
ATOM   286  O OD1 . ASN A 1 36  ? 6.332   11.126  6.849   1.00 31.96 ? 34   ASN A OD1 1 
ATOM   287  N ND2 . ASN A 1 36  ? 6.875   12.100  8.797   1.00 35.49 ? 34   ASN A ND2 1 
ATOM   288  N N   . THR A 1 37  ? 10.970  8.486   6.622   1.00 36.37 ? 35   THR A N   1 
ATOM   289  C CA  . THR A 1 37  ? 12.368  8.249   6.279   1.00 37.88 ? 35   THR A CA  1 
ATOM   290  C C   . THR A 1 37  ? 12.610  6.960   5.470   1.00 37.80 ? 35   THR A C   1 
ATOM   291  O O   . THR A 1 37  ? 13.359  6.995   4.481   1.00 38.46 ? 35   THR A O   1 
ATOM   292  C CB  . THR A 1 37  ? 13.283  8.230   7.525   1.00 38.57 ? 35   THR A CB  1 
ATOM   293  O OG1 . THR A 1 37  ? 13.057  7.034   8.282   1.00 42.00 ? 35   THR A OG1 1 
ATOM   294  C CG2 . THR A 1 37  ? 12.992  9.378   8.498   1.00 38.74 ? 35   THR A CG2 1 
ATOM   295  N N   . VAL A 1 38  ? 12.018  5.829   5.877   1.00 36.63 ? 36   VAL A N   1 
ATOM   296  C CA  . VAL A 1 38  ? 12.347  4.555   5.223   1.00 36.39 ? 36   VAL A CA  1 
ATOM   297  C C   . VAL A 1 38  ? 11.797  4.517   3.815   1.00 35.13 ? 36   VAL A C   1 
ATOM   298  O O   . VAL A 1 38  ? 10.760  5.106   3.510   1.00 33.08 ? 36   VAL A O   1 
ATOM   299  C CB  . VAL A 1 38  ? 11.835  3.278   5.963   1.00 36.78 ? 36   VAL A CB  1 
ATOM   300  C CG1 . VAL A 1 38  ? 12.538  3.115   7.284   1.00 39.15 ? 36   VAL A CG1 1 
ATOM   301  C CG2 . VAL A 1 38  ? 10.306  3.275   6.108   1.00 37.65 ? 36   VAL A CG2 1 
ATOM   302  N N   . THR A 1 39  ? 12.509  3.775   2.975   1.00 35.24 ? 37   THR A N   1 
ATOM   303  C CA  . THR A 1 39  ? 12.139  3.600   1.581   1.00 34.76 ? 37   THR A CA  1 
ATOM   304  C C   . THR A 1 39  ? 11.981  2.104   1.353   1.00 33.54 ? 37   THR A C   1 
ATOM   305  O O   . THR A 1 39  ? 12.954  1.366   1.153   1.00 34.50 ? 37   THR A O   1 
ATOM   306  C CB  . THR A 1 39  ? 13.196  4.206   0.656   1.00 35.81 ? 37   THR A CB  1 
ATOM   307  O OG1 . THR A 1 39  ? 14.475  3.735   1.044   1.00 37.84 ? 37   THR A OG1 1 
ATOM   308  C CG2 . THR A 1 39  ? 13.296  5.679   0.869   1.00 36.93 ? 37   THR A CG2 1 
ATOM   309  N N   . PRO A 1 40  ? 10.747  1.624   1.448   1.00 30.13 ? 38   PRO A N   1 
ATOM   310  C CA  . PRO A 1 40  ? 10.502  0.201   1.316   1.00 28.86 ? 38   PRO A CA  1 
ATOM   311  C C   . PRO A 1 40  ? 10.638  -0.307  -0.098  1.00 27.53 ? 38   PRO A C   1 
ATOM   312  O O   . PRO A 1 40  ? 10.503  0.444   -1.048  1.00 25.91 ? 38   PRO A O   1 
ATOM   313  C CB  . PRO A 1 40  ? 9.043   0.068   1.777   1.00 28.75 ? 38   PRO A CB  1 
ATOM   314  C CG  . PRO A 1 40  ? 8.783   1.284   2.476   1.00 30.34 ? 38   PRO A CG  1 
ATOM   315  C CD  . PRO A 1 40  ? 9.505   2.359   1.721   1.00 31.04 ? 38   PRO A CD  1 
ATOM   316  N N   . THR A 1 41  ? 10.875  -1.602  -0.207  1.00 28.37 ? 39   THR A N   1 
ATOM   317  C CA  . THR A 1 41  ? 10.725  -2.362  -1.428  1.00 29.06 ? 39   THR A CA  1 
ATOM   318  C C   . THR A 1 41  ? 9.480   -3.254  -1.360  1.00 29.42 ? 39   THR A C   1 
ATOM   319  O O   . THR A 1 41  ? 9.229   -3.903  -0.368  1.00 30.68 ? 39   THR A O   1 
ATOM   320  C CB  . THR A 1 41  ? 11.982  -3.183  -1.627  1.00 29.04 ? 39   THR A CB  1 
ATOM   321  O OG1 . THR A 1 41  ? 13.043  -2.299  -1.984  1.00 32.80 ? 39   THR A OG1 1 
ATOM   322  C CG2 . THR A 1 41  ? 11.877  -4.133  -2.839  1.00 30.94 ? 39   THR A CG2 1 
ATOM   323  N N   . VAL A 1 42  ? 8.684   -3.245  -2.422  1.00 30.07 ? 40   VAL A N   1 
ATOM   324  C CA  . VAL A 1 42  ? 7.408   -3.958  -2.481  1.00 30.18 ? 40   VAL A CA  1 
ATOM   325  C C   . VAL A 1 42  ? 7.469   -4.977  -3.641  1.00 29.92 ? 40   VAL A C   1 
ATOM   326  O O   . VAL A 1 42  ? 7.870   -4.670  -4.742  1.00 29.28 ? 40   VAL A O   1 
ATOM   327  C CB  . VAL A 1 42  ? 6.219   -2.994  -2.619  1.00 30.97 ? 40   VAL A CB  1 
ATOM   328  C CG1 . VAL A 1 42  ? 4.900   -3.735  -2.710  1.00 30.74 ? 40   VAL A CG1 1 
ATOM   329  C CG2 . VAL A 1 42  ? 6.158   -2.044  -1.426  1.00 31.95 ? 40   VAL A CG2 1 
ATOM   330  N N   . THR A 1 43  ? 7.117   -6.213  -3.348  1.00 29.90 ? 41   THR A N   1 
ATOM   331  C CA  . THR A 1 43  ? 7.129   -7.287  -4.328  1.00 29.26 ? 41   THR A CA  1 
ATOM   332  C C   . THR A 1 43  ? 5.702   -7.788  -4.516  1.00 29.21 ? 41   THR A C   1 
ATOM   333  O O   . THR A 1 43  ? 5.022   -8.104  -3.554  1.00 29.95 ? 41   THR A O   1 
ATOM   334  C CB  . THR A 1 43  ? 8.040   -8.436  -3.844  1.00 29.05 ? 41   THR A CB  1 
ATOM   335  O OG1 . THR A 1 43  ? 9.380   -7.964  -3.626  1.00 28.25 ? 41   THR A OG1 1 
ATOM   336  C CG2 . THR A 1 43  ? 8.192   -9.542  -4.898  1.00 28.87 ? 41   THR A CG2 1 
ATOM   337  N N   . PHE A 1 44  ? 5.257   -7.929  -5.757  1.00 30.04 ? 42   PHE A N   1 
ATOM   338  C CA  . PHE A 1 44  ? 3.947   -8.535  -6.040  1.00 30.41 ? 42   PHE A CA  1 
ATOM   339  C C   . PHE A 1 44  ? 4.147   -9.875  -6.760  1.00 31.45 ? 42   PHE A C   1 
ATOM   340  O O   . PHE A 1 44  ? 4.936   -9.966  -7.683  1.00 30.44 ? 42   PHE A O   1 
ATOM   341  C CB  . PHE A 1 44  ? 3.093   -7.656  -6.963  1.00 30.39 ? 42   PHE A CB  1 
ATOM   342  C CG  . PHE A 1 44  ? 2.619   -6.368  -6.324  1.00 31.23 ? 42   PHE A CG  1 
ATOM   343  C CD1 . PHE A 1 44  ? 3.376   -5.227  -6.395  1.00 32.58 ? 42   PHE A CD1 1 
ATOM   344  C CD2 . PHE A 1 44  ? 1.400   -6.313  -5.665  1.00 30.18 ? 42   PHE A CD2 1 
ATOM   345  C CE1 . PHE A 1 44  ? 2.933   -4.028  -5.782  1.00 32.26 ? 42   PHE A CE1 1 
ATOM   346  C CE2 . PHE A 1 44  ? 0.956   -5.115  -5.049  1.00 31.34 ? 42   PHE A CE2 1 
ATOM   347  C CZ  . PHE A 1 44  ? 1.722   -3.985  -5.127  1.00 32.97 ? 42   PHE A CZ  1 
ATOM   348  N N   . THR A 1 45  ? 3.417   -10.890 -6.334  1.00 33.33 ? 43   THR A N   1 
ATOM   349  C CA  . THR A 1 45  ? 3.285   -12.134 -7.114  1.00 36.26 ? 43   THR A CA  1 
ATOM   350  C C   . THR A 1 45  ? 1.804   -12.441 -7.223  1.00 38.03 ? 43   THR A C   1 
ATOM   351  O O   . THR A 1 45  ? 1.004   -11.996 -6.405  1.00 38.59 ? 43   THR A O   1 
ATOM   352  C CB  . THR A 1 45  ? 4.044   -13.309 -6.458  1.00 35.72 ? 43   THR A CB  1 
ATOM   353  O OG1 . THR A 1 45  ? 3.426   -13.666 -5.218  1.00 37.50 ? 43   THR A OG1 1 
ATOM   354  C CG2 . THR A 1 45  ? 5.405   -12.900 -6.046  1.00 37.39 ? 43   THR A CG2 1 
ATOM   355  N N   . MET A 1 46  ? 1.427   -13.168 -8.270  1.00 41.03 ? 44   MET A N   1 
ATOM   356  C CA  . MET A 1 46  ? 0.030   -13.543 -8.500  1.00 43.08 ? 44   MET A CA  1 
ATOM   357  C C   . MET A 1 46  ? 0.017   -15.063 -8.681  1.00 44.50 ? 44   MET A C   1 
ATOM   358  O O   . MET A 1 46  ? 0.631   -15.582 -9.619  1.00 43.94 ? 44   MET A O   1 
ATOM   359  C CB  . MET A 1 46  ? -0.539  -12.817 -9.736  1.00 44.06 ? 44   MET A CB  1 
ATOM   360  C CG  . MET A 1 46  ? -2.022  -13.078 -10.012 1.00 46.76 ? 44   MET A CG  1 
ATOM   361  S SD  . MET A 1 46  ? -3.182  -12.280 -8.889  1.00 51.80 ? 44   MET A SD  1 
ATOM   362  C CE  . MET A 1 46  ? -4.071  -11.228 -9.965  1.00 53.25 ? 44   MET A CE  1 
ATOM   363  N N   . ASP A 1 47  ? -0.630  -15.737 -7.731  1.00 45.61 ? 45   ASP A N   1 
ATOM   364  C CA  . ASP A 1 47  ? -0.652  -17.189 -7.627  1.00 46.97 ? 45   ASP A CA  1 
ATOM   365  C C   . ASP A 1 47  ? -2.108  -17.660 -7.492  1.00 47.11 ? 45   ASP A C   1 
ATOM   366  O O   . ASP A 1 47  ? -2.616  -17.836 -6.377  1.00 48.32 ? 45   ASP A O   1 
ATOM   367  C CB  . ASP A 1 47  ? 0.154   -17.622 -6.399  1.00 46.99 ? 45   ASP A CB  1 
ATOM   368  C CG  . ASP A 1 47  ? 1.542   -16.985 -6.354  1.00 48.10 ? 45   ASP A CG  1 
ATOM   369  O OD1 . ASP A 1 47  ? 2.493   -17.569 -6.955  1.00 48.70 ? 45   ASP A OD1 1 
ATOM   370  O OD2 . ASP A 1 47  ? 1.756   -15.900 -5.744  1.00 46.28 ? 45   ASP A OD2 1 
ATOM   371  N N   . GLY A 1 48  ? -2.770  -17.818 -8.635  0.80 47.37 ? 46   GLY A N   1 
ATOM   372  C CA  . GLY A 1 48  ? -4.117  -18.352 -8.695  0.80 47.41 ? 46   GLY A CA  1 
ATOM   373  C C   . GLY A 1 48  ? -5.145  -17.247 -8.644  0.80 46.82 ? 46   GLY A C   1 
ATOM   374  O O   . GLY A 1 48  ? -5.036  -16.260 -9.378  0.80 47.50 ? 46   GLY A O   1 
ATOM   375  N N   . ASP A 1 49  ? -6.133  -17.422 -7.773  0.50 46.07 ? 47   ASP A N   1 
ATOM   376  C CA  . ASP A 1 49  ? -7.118  -16.388 -7.475  0.50 45.30 ? 47   ASP A CA  1 
ATOM   377  C C   . ASP A 1 49  ? -6.533  -15.343 -6.511  0.50 44.38 ? 47   ASP A C   1 
ATOM   378  O O   . ASP A 1 49  ? -7.235  -14.432 -6.086  0.50 43.70 ? 47   ASP A O   1 
ATOM   379  C CB  . ASP A 1 49  ? -8.356  -17.010 -6.811  0.50 45.36 ? 47   ASP A CB  1 
ATOM   380  C CG  . ASP A 1 49  ? -9.111  -17.944 -7.723  0.50 45.54 ? 47   ASP A CG  1 
ATOM   381  O OD1 . ASP A 1 49  ? -8.501  -18.913 -8.227  0.50 45.72 ? 47   ASP A OD1 1 
ATOM   382  O OD2 . ASP A 1 49  ? -10.329 -17.794 -7.974  0.50 45.97 ? 47   ASP A OD2 1 
ATOM   383  N N   . LYS A 1 50  ? -5.259  -15.489 -6.156  1.00 44.20 ? 48   LYS A N   1 
ATOM   384  C CA  . LYS A 1 50  ? -4.677  -14.745 -5.037  1.00 43.49 ? 48   LYS A CA  1 
ATOM   385  C C   . LYS A 1 50  ? -3.493  -13.907 -5.468  1.00 41.90 ? 48   LYS A C   1 
ATOM   386  O O   . LYS A 1 50  ? -2.632  -14.388 -6.186  1.00 42.73 ? 48   LYS A O   1 
ATOM   387  C CB  . LYS A 1 50  ? -4.203  -15.723 -3.953  1.00 44.44 ? 48   LYS A CB  1 
ATOM   388  C CG  . LYS A 1 50  ? -5.313  -16.651 -3.413  1.00 46.31 ? 48   LYS A CG  1 
ATOM   389  C CD  . LYS A 1 50  ? -5.351  -16.690 -1.881  1.00 49.14 ? 48   LYS A CD  1 
ATOM   390  C CE  . LYS A 1 50  ? -6.342  -15.647 -1.310  1.00 50.58 ? 48   LYS A CE  1 
ATOM   391  N NZ  . LYS A 1 50  ? -6.375  -15.567 0.199   1.00 49.84 ? 48   LYS A NZ  1 
ATOM   392  N N   . MET A 1 51  ? -3.444  -12.660 -4.997  1.00 40.16 ? 49   MET A N   1 
ATOM   393  C CA  . MET A 1 51  ? -2.264  -11.814 -5.107  1.00 38.16 ? 49   MET A CA  1 
ATOM   394  C C   . MET A 1 51  ? -1.600  -11.691 -3.742  1.00 36.55 ? 49   MET A C   1 
ATOM   395  O O   . MET A 1 51  ? -2.288  -11.622 -2.724  1.00 35.52 ? 49   MET A O   1 
ATOM   396  C CB  . MET A 1 51  ? -2.681  -10.422 -5.559  1.00 38.66 ? 49   MET A CB  1 
ATOM   397  C CG  . MET A 1 51  ? -1.537  -9.448  -5.695  1.00 39.69 ? 49   MET A CG  1 
ATOM   398  S SD  . MET A 1 51  ? -2.080  -7.918  -6.538  1.00 43.79 ? 49   MET A SD  1 
ATOM   399  C CE  . MET A 1 51  ? -1.261  -8.059  -8.018  1.00 38.92 ? 49   MET A CE  1 
ATOM   400  N N   . THR A 1 52  ? -0.275  -11.641 -3.741  1.00 34.95 ? 50   THR A N   1 
ATOM   401  C CA  . THR A 1 52  ? 0.514   -11.402 -2.541  1.00 34.90 ? 50   THR A CA  1 
ATOM   402  C C   . THR A 1 52  ? 1.423   -10.188 -2.703  1.00 33.53 ? 50   THR A C   1 
ATOM   403  O O   . THR A 1 52  ? 2.182   -10.090 -3.662  1.00 31.47 ? 50   THR A O   1 
ATOM   404  C CB  . THR A 1 52  ? 1.328   -12.672 -2.162  1.00 35.05 ? 50   THR A CB  1 
ATOM   405  O OG1 . THR A 1 52  ? 0.420   -13.724 -1.801  1.00 36.58 ? 50   THR A OG1 1 
ATOM   406  C CG2 . THR A 1 52  ? 2.129   -12.442 -0.881  1.00 36.91 ? 50   THR A CG2 1 
ATOM   407  N N   . MET A 1 53  ? 1.329   -9.266  -1.744  1.00 32.45 ? 51   MET A N   1 
ATOM   408  C CA  . MET A 1 53  ? 2.211   -8.113  -1.690  1.00 32.13 ? 51   MET A CA  1 
ATOM   409  C C   . MET A 1 53  ? 3.157   -8.215  -0.490  1.00 30.58 ? 51   MET A C   1 
ATOM   410  O O   . MET A 1 53  ? 2.723   -8.281  0.624   1.00 31.13 ? 51   MET A O   1 
ATOM   411  C CB  . MET A 1 53  ? 1.353   -6.851  -1.576  1.00 32.45 ? 51   MET A CB  1 
ATOM   412  C CG  . MET A 1 53  ? 2.156   -5.561  -1.626  1.00 33.67 ? 51   MET A CG  1 
ATOM   413  S SD  . MET A 1 53  ? 1.044   -4.085  -1.549  1.00 36.87 ? 51   MET A SD  1 
ATOM   414  C CE  . MET A 1 53  ? 1.227   -3.666  0.146   1.00 37.06 ? 51   MET A CE  1 
ATOM   415  N N   . LEU A 1 54  ? 4.459   -8.244  -0.721  1.00 31.15 ? 52   LEU A N   1 
ATOM   416  C CA  . LEU A 1 54  ? 5.452   -8.257  0.347   1.00 30.90 ? 52   LEU A CA  1 
ATOM   417  C C   . LEU A 1 54  ? 6.083   -6.890  0.445   1.00 31.33 ? 52   LEU A C   1 
ATOM   418  O O   . LEU A 1 54  ? 6.566   -6.378  -0.557  1.00 32.07 ? 52   LEU A O   1 
ATOM   419  C CB  . LEU A 1 54  ? 6.551   -9.275  0.024   1.00 31.41 ? 52   LEU A CB  1 
ATOM   420  C CG  . LEU A 1 54  ? 7.845   -9.316  0.834   1.00 31.21 ? 52   LEU A CG  1 
ATOM   421  C CD1 . LEU A 1 54  ? 7.573   -9.757  2.272   1.00 34.10 ? 52   LEU A CD1 1 
ATOM   422  C CD2 . LEU A 1 54  ? 8.802   -10.249 0.174   1.00 32.34 ? 52   LEU A CD2 1 
ATOM   423  N N   . THR A 1 55  ? 6.097   -6.311  1.641   1.00 31.26 ? 53   THR A N   1 
ATOM   424  C CA  . THR A 1 55  ? 6.792   -5.049  1.918   1.00 30.86 ? 53   THR A CA  1 
ATOM   425  C C   . THR A 1 55  ? 8.019   -5.292  2.802   1.00 31.04 ? 53   THR A C   1 
ATOM   426  O O   . THR A 1 55  ? 7.908   -5.894  3.858   1.00 32.43 ? 53   THR A O   1 
ATOM   427  C CB  . THR A 1 55  ? 5.793   -4.098  2.598   1.00 31.35 ? 53   THR A CB  1 
ATOM   428  O OG1 . THR A 1 55  ? 4.655   -3.898  1.733   1.00 31.20 ? 53   THR A OG1 1 
ATOM   429  C CG2 . THR A 1 55  ? 6.365   -2.684  2.754   1.00 32.75 ? 53   THR A CG2 1 
ATOM   430  N N   . GLU A 1 56  ? 9.185   -4.836  2.371   1.00 31.06 ? 54   GLU A N   1 
ATOM   431  C CA  . GLU A 1 56  ? 10.414  -5.019  3.111   1.00 32.45 ? 54   GLU A CA  1 
ATOM   432  C C   . GLU A 1 56  ? 11.033  -3.658  3.403   1.00 32.41 ? 54   GLU A C   1 
ATOM   433  O O   . GLU A 1 56  ? 11.093  -2.786  2.543   1.00 32.87 ? 54   GLU A O   1 
ATOM   434  C CB  . GLU A 1 56  ? 11.389  -5.908  2.329   1.00 32.98 ? 54   GLU A CB  1 
ATOM   435  C CG  . GLU A 1 56  ? 10.852  -7.313  2.096   1.00 33.77 ? 54   GLU A CG  1 
ATOM   436  C CD  . GLU A 1 56  ? 11.727  -8.113  1.165   1.00 37.92 ? 54   GLU A CD  1 
ATOM   437  O OE1 . GLU A 1 56  ? 11.975  -7.688  0.006   1.00 38.08 ? 54   GLU A OE1 1 
ATOM   438  O OE2 . GLU A 1 56  ? 12.197  -9.167  1.601   1.00 39.69 ? 54   GLU A OE2 1 
ATOM   439  N N   . SER A 1 57  ? 11.455  -3.470  4.644   1.00 33.27 ? 55   SER A N   1 
ATOM   440  C CA  . SER A 1 57  ? 12.131  -2.240  5.061   1.00 33.91 ? 55   SER A CA  1 
ATOM   441  C C   . SER A 1 57  ? 12.956  -2.534  6.303   1.00 35.23 ? 55   SER A C   1 
ATOM   442  O O   . SER A 1 57  ? 12.842  -3.598  6.895   1.00 34.63 ? 55   SER A O   1 
ATOM   443  C CB  . SER A 1 57  ? 11.135  -1.128  5.351   1.00 33.98 ? 55   SER A CB  1 
ATOM   444  O OG  . SER A 1 57  ? 10.420  -1.327  6.558   1.00 33.78 ? 55   SER A OG  1 
ATOM   445  N N   . THR A 1 58  ? 13.785  -1.582  6.689   1.00 37.32 ? 56   THR A N   1 
ATOM   446  C CA  . THR A 1 58  ? 14.537  -1.676  7.954   1.00 38.56 ? 56   THR A CA  1 
ATOM   447  C C   . THR A 1 58  ? 13.618  -1.707  9.158   1.00 39.23 ? 56   THR A C   1 
ATOM   448  O O   . THR A 1 58  ? 13.998  -2.185  10.214  1.00 41.17 ? 56   THR A O   1 
ATOM   449  C CB  . THR A 1 58  ? 15.503  -0.488  8.098   1.00 38.76 ? 56   THR A CB  1 
ATOM   450  O OG1 . THR A 1 58  ? 14.787  0.754   7.957   1.00 38.61 ? 56   THR A OG1 1 
ATOM   451  C CG2 . THR A 1 58  ? 16.517  -0.481  6.998   1.00 37.93 ? 56   THR A CG2 1 
ATOM   452  N N   . PHE A 1 59  ? 12.414  -1.178  9.009   1.00 40.16 ? 57   PHE A N   1 
ATOM   453  C CA  . PHE A 1 59  ? 11.459  -1.078  10.100  1.00 40.16 ? 57   PHE A CA  1 
ATOM   454  C C   . PHE A 1 59  ? 10.781  -2.408  10.348  1.00 40.34 ? 57   PHE A C   1 
ATOM   455  O O   . PHE A 1 59  ? 10.843  -2.942  11.443  1.00 39.40 ? 57   PHE A O   1 
ATOM   456  C CB  . PHE A 1 59  ? 10.402  -0.021  9.782   1.00 40.38 ? 57   PHE A CB  1 
ATOM   457  C CG  . PHE A 1 59  ? 9.316   0.091   10.817  1.00 40.91 ? 57   PHE A CG  1 
ATOM   458  C CD1 . PHE A 1 59  ? 7.987   0.022   10.450  1.00 40.87 ? 57   PHE A CD1 1 
ATOM   459  C CD2 . PHE A 1 59  ? 9.628   0.258   12.160  1.00 43.52 ? 57   PHE A CD2 1 
ATOM   460  C CE1 . PHE A 1 59  ? 6.972   0.121   11.393  1.00 41.55 ? 57   PHE A CE1 1 
ATOM   461  C CE2 . PHE A 1 59  ? 8.615   0.368   13.110  1.00 42.17 ? 57   PHE A CE2 1 
ATOM   462  C CZ  . PHE A 1 59  ? 7.284   0.293   12.718  1.00 42.14 ? 57   PHE A CZ  1 
ATOM   463  N N   . LYS A 1 60  ? 10.157  -2.939  9.302   1.00 40.43 ? 58   LYS A N   1 
ATOM   464  C CA  . LYS A 1 60  ? 9.328   -4.142  9.373   1.00 39.91 ? 58   LYS A CA  1 
ATOM   465  C C   . LYS A 1 60  ? 9.307   -4.808  7.997   1.00 39.08 ? 58   LYS A C   1 
ATOM   466  O O   . LYS A 1 60  ? 9.325   -4.107  6.973   1.00 38.21 ? 58   LYS A O   1 
ATOM   467  C CB  . LYS A 1 60  ? 7.916   -3.718  9.734   1.00 40.55 ? 58   LYS A CB  1 
ATOM   468  C CG  . LYS A 1 60  ? 6.960   -4.840  10.075  1.00 43.98 ? 58   LYS A CG  1 
ATOM   469  C CD  . LYS A 1 60  ? 5.781   -4.270  10.887  1.00 47.50 ? 58   LYS A CD  1 
ATOM   470  C CE  . LYS A 1 60  ? 6.154   -4.076  12.369  1.00 49.42 ? 58   LYS A CE  1 
ATOM   471  N NZ  . LYS A 1 60  ? 5.554   -2.849  13.027  1.00 51.34 ? 58   LYS A NZ  1 
ATOM   472  N N   . ASN A 1 61  ? 9.261   -6.140  7.979   1.00 37.35 ? 59   ASN A N   1 
ATOM   473  C CA  . ASN A 1 61  ? 8.978   -6.914  6.765   1.00 37.11 ? 59   ASN A CA  1 
ATOM   474  C C   . ASN A 1 61  ? 7.625   -7.571  6.952   1.00 36.14 ? 59   ASN A C   1 
ATOM   475  O O   . ASN A 1 61  ? 7.394   -8.233  7.933   1.00 36.71 ? 59   ASN A O   1 
ATOM   476  C CB  . ASN A 1 61  ? 10.043  -7.972  6.471   1.00 36.17 ? 59   ASN A CB  1 
ATOM   477  C CG  . ASN A 1 61  ? 11.416  -7.394  6.364   1.00 38.51 ? 59   ASN A CG  1 
ATOM   478  O OD1 . ASN A 1 61  ? 11.644  -6.439  5.613   1.00 33.45 ? 59   ASN A OD1 1 
ATOM   479  N ND2 . ASN A 1 61  ? 12.369  -7.973  7.106   1.00 40.13 ? 59   ASN A ND2 1 
ATOM   480  N N   . LEU A 1 62  ? 6.745   -7.379  5.983   1.00 35.77 ? 60   LEU A N   1 
ATOM   481  C CA  . LEU A 1 62  ? 5.322   -7.582  6.124   1.00 36.37 ? 60   LEU A CA  1 
ATOM   482  C C   . LEU A 1 62  ? 4.738   -8.137  4.817   1.00 35.81 ? 60   LEU A C   1 
ATOM   483  O O   . LEU A 1 62  ? 5.112   -7.699  3.759   1.00 35.62 ? 60   LEU A O   1 
ATOM   484  C CB  . LEU A 1 62  ? 4.707   -6.217  6.388   1.00 37.98 ? 60   LEU A CB  1 
ATOM   485  C CG  . LEU A 1 62  ? 3.458   -6.150  7.223   1.00 41.38 ? 60   LEU A CG  1 
ATOM   486  C CD1 . LEU A 1 62  ? 3.792   -6.577  8.645   1.00 45.81 ? 60   LEU A CD1 1 
ATOM   487  C CD2 . LEU A 1 62  ? 2.936   -4.728  7.207   1.00 43.14 ? 60   LEU A CD2 1 
ATOM   488  N N   . SER A 1 63  ? 3.818   -9.084  4.893   1.00 35.15 ? 61   SER A N   1 
ATOM   489  C CA  . SER A 1 63  ? 3.191   -9.665  3.710   1.00 34.91 ? 61   SER A CA  1 
ATOM   490  C C   . SER A 1 63  ? 1.665   -9.740  3.869   1.00 34.27 ? 61   SER A C   1 
ATOM   491  O O   . SER A 1 63  ? 1.181   -9.970  4.967   1.00 33.18 ? 61   SER A O   1 
ATOM   492  C CB  . SER A 1 63  ? 3.741   -11.083 3.505   1.00 35.23 ? 61   SER A CB  1 
ATOM   493  O OG  . SER A 1 63  ? 2.982   -11.739 2.531   1.00 37.82 ? 61   SER A OG  1 
ATOM   494  N N   . CYS A 1 64  ? 0.912   -9.554  2.779   1.00 35.44 ? 62   CYS A N   1 
ATOM   495  C CA  . CYS A 1 64  ? -0.535  -9.834  2.769   1.00 36.74 ? 62   CYS A CA  1 
ATOM   496  C C   . CYS A 1 64  ? -0.915  -10.591 1.494   1.00 36.15 ? 62   CYS A C   1 
ATOM   497  O O   . CYS A 1 64  ? -0.308  -10.406 0.450   1.00 34.78 ? 62   CYS A O   1 
ATOM   498  C CB  . CYS A 1 64  ? -1.396  -8.553  2.931   1.00 37.81 ? 62   CYS A CB  1 
ATOM   499  S SG  . CYS A 1 64  ? -1.292  -7.481  1.496   1.00 45.91 ? 62   CYS A SG  1 
ATOM   500  N N   . THR A 1 65  ? -1.894  -11.481 1.615   1.00 36.20 ? 63   THR A N   1 
ATOM   501  C CA  . THR A 1 65  ? -2.368  -12.300 0.500   1.00 37.04 ? 63   THR A CA  1 
ATOM   502  C C   . THR A 1 65  ? -3.889  -12.128 0.453   1.00 37.22 ? 63   THR A C   1 
ATOM   503  O O   . THR A 1 65  ? -4.547  -12.114 1.500   1.00 39.02 ? 63   THR A O   1 
ATOM   504  C CB  . THR A 1 65  ? -1.951  -13.786 0.673   1.00 36.72 ? 63   THR A CB  1 
ATOM   505  O OG1 . THR A 1 65  ? -0.508  -13.906 0.662   1.00 38.04 ? 63   THR A OG1 1 
ATOM   506  C CG2 . THR A 1 65  ? -2.387  -14.638 -0.520  1.00 36.93 ? 63   THR A CG2 1 
ATOM   507  N N   . PHE A 1 66  ? -4.446  -11.949 -0.746  1.00 37.10 ? 64   PHE A N   1 
ATOM   508  C CA  . PHE A 1 66  ? -5.873  -11.642 -0.881  1.00 36.48 ? 64   PHE A CA  1 
ATOM   509  C C   . PHE A 1 66  ? -6.465  -12.077 -2.216  1.00 37.05 ? 64   PHE A C   1 
ATOM   510  O O   . PHE A 1 66  ? -5.780  -12.175 -3.232  1.00 36.24 ? 64   PHE A O   1 
ATOM   511  C CB  . PHE A 1 66  ? -6.118  -10.135 -0.691  1.00 36.62 ? 64   PHE A CB  1 
ATOM   512  C CG  . PHE A 1 66  ? -5.228  -9.255  -1.538  1.00 33.88 ? 64   PHE A CG  1 
ATOM   513  C CD1 . PHE A 1 66  ? -4.002  -8.825  -1.055  1.00 36.49 ? 64   PHE A CD1 1 
ATOM   514  C CD2 . PHE A 1 66  ? -5.599  -8.892  -2.817  1.00 35.64 ? 64   PHE A CD2 1 
ATOM   515  C CE1 . PHE A 1 66  ? -3.167  -8.037  -1.833  1.00 33.20 ? 64   PHE A CE1 1 
ATOM   516  C CE2 . PHE A 1 66  ? -4.766  -8.083  -3.600  1.00 34.44 ? 64   PHE A CE2 1 
ATOM   517  C CZ  . PHE A 1 66  ? -3.556  -7.661  -3.098  1.00 34.16 ? 64   PHE A CZ  1 
ATOM   518  N N   . LYS A 1 67  ? -7.765  -12.352 -2.169  1.00 37.85 ? 65   LYS A N   1 
ATOM   519  C CA  . LYS A 1 67  ? -8.612  -12.441 -3.349  1.00 38.44 ? 65   LYS A CA  1 
ATOM   520  C C   . LYS A 1 67  ? -9.284  -11.088 -3.549  1.00 37.84 ? 65   LYS A C   1 
ATOM   521  O O   . LYS A 1 67  ? -9.660  -10.436 -2.574  1.00 37.46 ? 65   LYS A O   1 
ATOM   522  C CB  . LYS A 1 67  ? -9.690  -13.492 -3.090  1.00 39.36 ? 65   LYS A CB  1 
ATOM   523  C CG  . LYS A 1 67  ? -10.532 -13.843 -4.278  1.00 41.98 ? 65   LYS A CG  1 
ATOM   524  C CD  . LYS A 1 67  ? -11.257 -15.192 -4.027  1.00 45.12 ? 65   LYS A CD  1 
ATOM   525  C CE  . LYS A 1 67  ? -10.247 -16.328 -3.828  1.00 47.68 ? 65   LYS A CE  1 
ATOM   526  N NZ  . LYS A 1 67  ? -9.909  -16.568 -2.388  1.00 49.27 ? 65   LYS A NZ  1 
ATOM   527  N N   . PHE A 1 68  ? -9.416  -10.649 -4.795  1.00 38.03 ? 66   PHE A N   1 
ATOM   528  C CA  . PHE A 1 68  ? -10.082 -9.376  -5.084  1.00 39.08 ? 66   PHE A CA  1 
ATOM   529  C C   . PHE A 1 68  ? -11.565 -9.434  -4.673  1.00 40.24 ? 66   PHE A C   1 
ATOM   530  O O   . PHE A 1 68  ? -12.220 -10.424 -4.954  1.00 40.85 ? 66   PHE A O   1 
ATOM   531  C CB  . PHE A 1 68  ? -9.936  -9.009  -6.574  1.00 38.86 ? 66   PHE A CB  1 
ATOM   532  C CG  . PHE A 1 68  ? -8.517  -8.805  -7.022  1.00 40.94 ? 66   PHE A CG  1 
ATOM   533  C CD1 . PHE A 1 68  ? -7.711  -7.843  -6.423  1.00 41.17 ? 66   PHE A CD1 1 
ATOM   534  C CD2 . PHE A 1 68  ? -7.979  -9.568  -8.046  1.00 41.72 ? 66   PHE A CD2 1 
ATOM   535  C CE1 . PHE A 1 68  ? -6.419  -7.657  -6.831  1.00 40.91 ? 66   PHE A CE1 1 
ATOM   536  C CE2 . PHE A 1 68  ? -6.677  -9.387  -8.449  1.00 42.49 ? 66   PHE A CE2 1 
ATOM   537  C CZ  . PHE A 1 68  ? -5.893  -8.427  -7.837  1.00 41.22 ? 66   PHE A CZ  1 
ATOM   538  N N   . GLY A 1 69  ? -12.065 -8.411  -3.966  1.00 40.79 ? 67   GLY A N   1 
ATOM   539  C CA  . GLY A 1 69  ? -13.458 -8.316  -3.545  1.00 42.24 ? 67   GLY A CA  1 
ATOM   540  C C   . GLY A 1 69  ? -13.764 -8.999  -2.226  1.00 43.10 ? 67   GLY A C   1 
ATOM   541  O O   . GLY A 1 69  ? -14.879 -8.848  -1.662  1.00 44.68 ? 67   GLY A O   1 
ATOM   542  N N   . GLU A 1 70  ? -12.772 -9.726  -1.715  1.00 43.26 ? 68   GLU A N   1 
ATOM   543  C CA  . GLU A 1 70  ? -12.908 -10.550 -0.525  1.00 44.65 ? 68   GLU A CA  1 
ATOM   544  C C   . GLU A 1 70  ? -12.311 -9.874  0.710   1.00 44.17 ? 68   GLU A C   1 
ATOM   545  O O   . GLU A 1 70  ? -11.098 -9.730  0.813   1.00 44.75 ? 68   GLU A O   1 
ATOM   546  C CB  . GLU A 1 70  ? -12.227 -11.898 -0.757  1.00 44.75 ? 68   GLU A CB  1 
ATOM   547  C CG  . GLU A 1 70  ? -12.203 -12.773 0.491   1.00 48.00 ? 68   GLU A CG  1 
ATOM   548  C CD  . GLU A 1 70  ? -11.673 -14.164 0.229   1.00 51.83 ? 68   GLU A CD  1 
ATOM   549  O OE1 . GLU A 1 70  ? -10.521 -14.424 0.644   1.00 51.94 ? 68   GLU A OE1 1 
ATOM   550  O OE2 . GLU A 1 70  ? -12.412 -14.978 -0.395  1.00 55.46 ? 68   GLU A OE2 1 
ATOM   551  N N   . GLU A 1 71  ? -13.163 -9.481  1.646   1.00 44.85 ? 69   GLU A N   1 
ATOM   552  C CA  . GLU A 1 71  ? -12.728 -8.853  2.890   1.00 45.26 ? 69   GLU A CA  1 
ATOM   553  C C   . GLU A 1 71  ? -11.782 -9.770  3.627   1.00 44.79 ? 69   GLU A C   1 
ATOM   554  O O   . GLU A 1 71  ? -11.931 -10.997 3.584   1.00 45.01 ? 69   GLU A O   1 
ATOM   555  C CB  . GLU A 1 71  ? -13.919 -8.509  3.792   1.00 46.04 ? 69   GLU A CB  1 
ATOM   556  C CG  . GLU A 1 71  ? -13.510 -7.795  5.078   1.00 48.36 ? 69   GLU A CG  1 
ATOM   557  C CD  . GLU A 1 71  ? -14.635 -7.020  5.750   1.00 52.17 ? 69   GLU A CD  1 
ATOM   558  O OE1 . GLU A 1 71  ? -15.494 -7.666  6.396   1.00 55.36 ? 69   GLU A OE1 1 
ATOM   559  O OE2 . GLU A 1 71  ? -14.644 -5.759  5.677   1.00 54.32 ? 69   GLU A OE2 1 
ATOM   560  N N   . PHE A 1 72  ? -10.786 -9.176  4.279   1.00 43.83 ? 70   PHE A N   1 
ATOM   561  C CA  . PHE A 1 72  ? -9.827  -9.916  5.072   1.00 42.86 ? 70   PHE A CA  1 
ATOM   562  C C   . PHE A 1 72  ? -9.275  -9.073  6.216   1.00 42.65 ? 70   PHE A C   1 
ATOM   563  O O   . PHE A 1 72  ? -9.340  -7.835  6.206   1.00 41.85 ? 70   PHE A O   1 
ATOM   564  C CB  . PHE A 1 72  ? -8.705  -10.462 4.187   1.00 42.80 ? 70   PHE A CB  1 
ATOM   565  C CG  . PHE A 1 72  ? -7.776  -9.393  3.599   1.00 40.77 ? 70   PHE A CG  1 
ATOM   566  C CD1 . PHE A 1 72  ? -8.046  -8.821  2.351   1.00 38.25 ? 70   PHE A CD1 1 
ATOM   567  C CD2 . PHE A 1 72  ? -6.622  -9.009  4.268   1.00 40.13 ? 70   PHE A CD2 1 
ATOM   568  C CE1 . PHE A 1 72  ? -7.185  -7.862  1.797   1.00 39.29 ? 70   PHE A CE1 1 
ATOM   569  C CE2 . PHE A 1 72  ? -5.748  -8.063  3.708   1.00 39.13 ? 70   PHE A CE2 1 
ATOM   570  C CZ  . PHE A 1 72  ? -6.044  -7.490  2.475   1.00 37.21 ? 70   PHE A CZ  1 
ATOM   571  N N   . ASP A 1 73  ? -8.740  -9.753  7.217   1.00 43.01 ? 71   ASP A N   1 
ATOM   572  C CA  . ASP A 1 73  ? -8.189  -9.084  8.379   1.00 43.16 ? 71   ASP A CA  1 
ATOM   573  C C   . ASP A 1 73  ? -6.703  -8.823  8.152   1.00 42.71 ? 71   ASP A C   1 
ATOM   574  O O   . ASP A 1 73  ? -5.975  -9.669  7.626   1.00 43.02 ? 71   ASP A O   1 
ATOM   575  C CB  . ASP A 1 73  ? -8.405  -9.918  9.658   1.00 44.16 ? 71   ASP A CB  1 
ATOM   576  C CG  . ASP A 1 73  ? -9.855  -9.951  10.104  1.00 45.24 ? 71   ASP A CG  1 
ATOM   577  O OD1 . ASP A 1 73  ? -10.607 -8.986  9.860   1.00 50.18 ? 71   ASP A OD1 1 
ATOM   578  O OD2 . ASP A 1 73  ? -10.337 -10.916 10.711  1.00 49.45 ? 71   ASP A OD2 1 
ATOM   579  N N   . GLU A 1 74  ? -6.272  -7.640  8.571   1.00 41.57 ? 72   GLU A N   1 
ATOM   580  C CA  . GLU A 1 74  ? -4.931  -7.132  8.307   1.00 41.34 ? 72   GLU A CA  1 
ATOM   581  C C   . GLU A 1 74  ? -4.469  -6.383  9.544   1.00 40.46 ? 72   GLU A C   1 
ATOM   582  O O   . GLU A 1 74  ? -5.266  -5.736  10.211  1.00 39.42 ? 72   GLU A O   1 
ATOM   583  C CB  . GLU A 1 74  ? -4.943  -6.175  7.089   1.00 41.07 ? 72   GLU A CB  1 
ATOM   584  C CG  . GLU A 1 74  ? -3.576  -5.936  6.449   1.00 43.40 ? 72   GLU A CG  1 
ATOM   585  C CD  . GLU A 1 74  ? -3.499  -4.680  5.588   1.00 45.12 ? 72   GLU A CD  1 
ATOM   586  O OE1 . GLU A 1 74  ? -4.544  -4.303  4.974   1.00 42.36 ? 72   GLU A OE1 1 
ATOM   587  O OE2 . GLU A 1 74  ? -2.383  -4.064  5.544   1.00 43.54 ? 72   GLU A OE2 1 
ATOM   588  N N   . LYS A 1 75  ? -3.182  -6.511  9.866   1.00 41.00 ? 73   LYS A N   1 
ATOM   589  C CA  . LYS A 1 75  ? -2.513  -5.609  10.797  1.00 41.37 ? 73   LYS A CA  1 
ATOM   590  C C   . LYS A 1 75  ? -1.536  -4.747  9.974   1.00 40.08 ? 73   LYS A C   1 
ATOM   591  O O   . LYS A 1 75  ? -0.710  -5.279  9.210   1.00 40.63 ? 73   LYS A O   1 
ATOM   592  C CB  . LYS A 1 75  ? -1.759  -6.375  11.890  1.00 41.91 ? 73   LYS A CB  1 
ATOM   593  C CG  . LYS A 1 75  ? -1.353  -5.473  13.078  1.00 45.91 ? 73   LYS A CG  1 
ATOM   594  C CD  . LYS A 1 75  ? -0.256  -6.086  13.972  1.00 48.69 ? 73   LYS A CD  1 
ATOM   595  C CE  . LYS A 1 75  ? -0.781  -6.368  15.378  1.00 50.79 ? 73   LYS A CE  1 
ATOM   596  N NZ  . LYS A 1 75  ? 0.334   -6.659  16.334  1.00 53.36 ? 73   LYS A NZ  1 
ATOM   597  N N   . THR A 1 76  ? -1.664  -3.429  10.111  1.00 38.16 ? 74   THR A N   1 
ATOM   598  C CA  . THR A 1 76  ? -0.878  -2.486  9.329   1.00 37.47 ? 74   THR A CA  1 
ATOM   599  C C   . THR A 1 76  ? 0.524   -2.429  9.914   1.00 37.50 ? 74   THR A C   1 
ATOM   600  O O   . THR A 1 76  ? 0.759   -2.926  11.012  1.00 37.66 ? 74   THR A O   1 
ATOM   601  C CB  . THR A 1 76  ? -1.505  -1.052  9.354   1.00 37.01 ? 74   THR A CB  1 
ATOM   602  O OG1 . THR A 1 76  ? -1.531  -0.532  10.692  1.00 32.24 ? 74   THR A OG1 1 
ATOM   603  C CG2 . THR A 1 76  ? -2.952  -1.071  8.912   1.00 36.06 ? 74   THR A CG2 1 
ATOM   604  N N   . SER A 1 77  ? 1.446   -1.801  9.191   1.00 39.00 ? 75   SER A N   1 
ATOM   605  C CA  . SER A 1 77  ? 2.830   -1.675  9.653   1.00 40.12 ? 75   SER A CA  1 
ATOM   606  C C   . SER A 1 77  ? 2.944   -0.933  10.988  1.00 40.14 ? 75   SER A C   1 
ATOM   607  O O   . SER A 1 77  ? 3.808   -1.215  11.805  1.00 42.21 ? 75   SER A O   1 
ATOM   608  C CB  . SER A 1 77  ? 3.730   -1.023  8.580   1.00 39.84 ? 75   SER A CB  1 
ATOM   609  O OG  . SER A 1 77  ? 3.132   0.083   7.922   1.00 42.47 ? 75   SER A OG  1 
ATOM   610  N N   . ASP A 1 78  ? 2.048   0.008   11.223  1.00 40.13 ? 76   ASP A N   1 
ATOM   611  C CA  . ASP A 1 78  ? 2.088   0.789   12.442  1.00 39.25 ? 76   ASP A CA  1 
ATOM   612  C C   . ASP A 1 78  ? 1.326   0.150   13.615  1.00 40.09 ? 76   ASP A C   1 
ATOM   613  O O   . ASP A 1 78  ? 1.329   0.691   14.718  1.00 39.57 ? 76   ASP A O   1 
ATOM   614  C CB  . ASP A 1 78  ? 1.574   2.202   12.174  1.00 39.17 ? 76   ASP A CB  1 
ATOM   615  C CG  . ASP A 1 78  ? 0.160   2.228   11.693  1.00 37.24 ? 76   ASP A CG  1 
ATOM   616  O OD1 . ASP A 1 78  ? -0.126  1.714   10.591  1.00 36.54 ? 76   ASP A OD1 1 
ATOM   617  O OD2 . ASP A 1 78  ? -0.753  2.749   12.362  1.00 36.22 ? 76   ASP A OD2 1 
ATOM   618  N N   . GLY A 1 79  ? 0.669   -0.978  13.357  1.00 40.77 ? 77   GLY A N   1 
ATOM   619  C CA  . GLY A 1 79  ? 0.048   -1.787  14.396  1.00 41.61 ? 77   GLY A CA  1 
ATOM   620  C C   . GLY A 1 79  ? -1.464  -1.787  14.517  1.00 42.10 ? 77   GLY A C   1 
ATOM   621  O O   . GLY A 1 79  ? -1.994  -2.385  15.454  1.00 42.49 ? 77   GLY A O   1 
ATOM   622  N N   . ARG A 1 80  ? -2.174  -1.147  13.590  1.00 41.68 ? 78   ARG A N   1 
ATOM   623  C CA  . ARG A 1 80  ? -3.621  -1.075  13.663  1.00 41.15 ? 78   ARG A CA  1 
ATOM   624  C C   . ARG A 1 80  ? -4.244  -2.329  13.024  1.00 41.57 ? 78   ARG A C   1 
ATOM   625  O O   . ARG A 1 80  ? -3.845  -2.743  11.931  1.00 40.74 ? 78   ARG A O   1 
ATOM   626  C CB  . ARG A 1 80  ? -4.133  0.175   12.952  1.00 41.29 ? 78   ARG A CB  1 
ATOM   627  C CG  . ARG A 1 80  ? -3.753  1.501   13.609  1.00 41.20 ? 78   ARG A CG  1 
ATOM   628  C CD  . ARG A 1 80  ? -3.277  2.563   12.593  1.00 42.58 ? 78   ARG A CD  1 
ATOM   629  N NE  . ARG A 1 80  ? -4.250  2.588   11.552  1.00 40.75 ? 78   ARG A NE  1 
ATOM   630  C CZ  . ARG A 1 80  ? -4.065  2.588   10.248  1.00 34.00 ? 78   ARG A CZ  1 
ATOM   631  N NH1 . ARG A 1 80  ? -2.871  2.643   9.629   1.00 31.37 ? 78   ARG A NH1 1 
ATOM   632  N NH2 . ARG A 1 80  ? -5.176  2.534   9.530   1.00 33.45 ? 78   ARG A NH2 1 
ATOM   633  N N   . ASN A 1 81  ? -5.203  -2.941  13.727  1.00 41.34 ? 79   ASN A N   1 
ATOM   634  C CA  . ASN A 1 81  ? -6.009  -4.016  13.157  1.00 41.47 ? 79   ASN A CA  1 
ATOM   635  C C   . ASN A 1 81  ? -7.146  -3.414  12.343  1.00 40.74 ? 79   ASN A C   1 
ATOM   636  O O   . ASN A 1 81  ? -7.919  -2.578  12.834  1.00 41.45 ? 79   ASN A O   1 
ATOM   637  C CB  . ASN A 1 81  ? -6.572  -4.932  14.248  1.00 42.36 ? 79   ASN A CB  1 
ATOM   638  C CG  . ASN A 1 81  ? -5.487  -5.679  14.981  1.00 43.46 ? 79   ASN A CG  1 
ATOM   639  O OD1 . ASN A 1 81  ? -4.751  -6.469  14.392  1.00 45.67 ? 79   ASN A OD1 1 
ATOM   640  N ND2 . ASN A 1 81  ? -5.364  -5.411  16.271  1.00 47.43 ? 79   ASN A ND2 1 
ATOM   641  N N   . VAL A 1 82  ? -7.219  -3.827  11.092  1.00 39.19 ? 80   VAL A N   1 
ATOM   642  C CA  . VAL A 1 82  ? -8.126  -3.250  10.115  1.00 38.57 ? 80   VAL A CA  1 
ATOM   643  C C   . VAL A 1 82  ? -8.786  -4.365  9.298   1.00 38.80 ? 80   VAL A C   1 
ATOM   644  O O   . VAL A 1 82  ? -8.260  -5.484  9.195   1.00 39.68 ? 80   VAL A O   1 
ATOM   645  C CB  . VAL A 1 82  ? -7.356  -2.256  9.184   1.00 38.31 ? 80   VAL A CB  1 
ATOM   646  C CG1 . VAL A 1 82  ? -6.644  -1.193  10.021  1.00 36.21 ? 80   VAL A CG1 1 
ATOM   647  C CG2 . VAL A 1 82  ? -6.334  -3.000  8.299   1.00 38.40 ? 80   VAL A CG2 1 
ATOM   648  N N   . LYS A 1 83  ? -9.957  -4.052  8.758   1.00 38.76 ? 81   LYS A N   1 
ATOM   649  C CA  . LYS A 1 83  ? -10.637 -4.881  7.777   1.00 38.97 ? 81   LYS A CA  1 
ATOM   650  C C   . LYS A 1 83  ? -10.351 -4.272  6.426   1.00 37.36 ? 81   LYS A C   1 
ATOM   651  O O   . LYS A 1 83  ? -10.682 -3.095  6.203   1.00 38.04 ? 81   LYS A O   1 
ATOM   652  C CB  . LYS A 1 83  ? -12.168 -4.851  7.973   1.00 39.08 ? 81   LYS A CB  1 
ATOM   653  C CG  . LYS A 1 83  ? -12.690 -5.023  9.399   1.00 42.48 ? 81   LYS A CG  1 
ATOM   654  C CD  . LYS A 1 83  ? -14.241 -4.794  9.434   1.00 45.38 ? 81   LYS A CD  1 
ATOM   655  C CE  . LYS A 1 83  ? -14.675 -3.312  9.196   1.00 48.18 ? 81   LYS A CE  1 
ATOM   656  N NZ  . LYS A 1 83  ? -15.197 -3.017  7.784   1.00 49.41 ? 81   LYS A NZ  1 
ATOM   657  N N   . SER A 1 84  ? -9.751  -5.057  5.537   1.00 36.09 ? 82   SER A N   1 
ATOM   658  C CA  . SER A 1 84  ? -9.426  -4.609  4.210   1.00 34.82 ? 82   SER A CA  1 
ATOM   659  C C   . SER A 1 84  ? -10.071 -5.413  3.090   1.00 34.93 ? 82   SER A C   1 
ATOM   660  O O   . SER A 1 84  ? -10.414 -6.573  3.240   1.00 35.53 ? 82   SER A O   1 
ATOM   661  C CB  . SER A 1 84  ? -7.894  -4.622  4.030   1.00 35.06 ? 82   SER A CB  1 
ATOM   662  O OG  . SER A 1 84  ? -7.286  -3.978  5.126   1.00 35.36 ? 82   SER A OG  1 
ATOM   663  N N   . VAL A 1 85  ? -10.258 -4.764  1.957   1.00 34.20 ? 83   VAL A N   1 
ATOM   664  C CA  . VAL A 1 85  ? -10.566 -5.443  0.717   1.00 34.34 ? 83   VAL A CA  1 
ATOM   665  C C   . VAL A 1 85  ? -9.817  -4.724  -0.393  1.00 33.97 ? 83   VAL A C   1 
ATOM   666  O O   . VAL A 1 85  ? -9.669  -3.512  -0.343  1.00 33.55 ? 83   VAL A O   1 
ATOM   667  C CB  . VAL A 1 85  ? -12.083 -5.435  0.418   1.00 34.57 ? 83   VAL A CB  1 
ATOM   668  C CG1 . VAL A 1 85  ? -12.605 -4.025  0.274   1.00 36.99 ? 83   VAL A CG1 1 
ATOM   669  C CG2 . VAL A 1 85  ? -12.356 -6.227  -0.829  1.00 37.15 ? 83   VAL A CG2 1 
ATOM   670  N N   . VAL A 1 86  ? -9.336  -5.480  -1.354  1.00 34.03 ? 84   VAL A N   1 
ATOM   671  C CA  . VAL A 1 86  ? -8.636  -4.941  -2.508  1.00 34.39 ? 84   VAL A CA  1 
ATOM   672  C C   . VAL A 1 86  ? -9.553  -5.205  -3.694  1.00 34.95 ? 84   VAL A C   1 
ATOM   673  O O   . VAL A 1 86  ? -10.036 -6.325  -3.861  1.00 35.12 ? 84   VAL A O   1 
ATOM   674  C CB  . VAL A 1 86  ? -7.266  -5.610  -2.726  1.00 33.63 ? 84   VAL A CB  1 
ATOM   675  C CG1 . VAL A 1 86  ? -6.584  -5.038  -3.960  1.00 34.48 ? 84   VAL A CG1 1 
ATOM   676  C CG2 . VAL A 1 86  ? -6.363  -5.444  -1.503  1.00 32.95 ? 84   VAL A CG2 1 
ATOM   677  N N   . GLU A 1 87  ? -9.838  -4.169  -4.481  1.00 35.47 ? 85   GLU A N   1 
ATOM   678  C CA  . GLU A 1 87  ? -10.666 -4.317  -5.669  1.00 37.09 ? 85   GLU A CA  1 
ATOM   679  C C   . GLU A 1 87  ? -9.832  -4.071  -6.928  1.00 37.20 ? 85   GLU A C   1 
ATOM   680  O O   . GLU A 1 87  ? -8.972  -3.183  -6.949  1.00 36.48 ? 85   GLU A O   1 
ATOM   681  C CB  . GLU A 1 87  ? -11.865 -3.362  -5.615  1.00 37.54 ? 85   GLU A CB  1 
ATOM   682  C CG  . GLU A 1 87  ? -12.848 -3.618  -4.473  1.00 41.30 ? 85   GLU A CG  1 
ATOM   683  C CD  . GLU A 1 87  ? -13.944 -4.639  -4.807  1.00 46.25 ? 85   GLU A CD  1 
ATOM   684  O OE1 . GLU A 1 87  ? -15.056 -4.514  -4.234  1.00 52.68 ? 85   GLU A OE1 1 
ATOM   685  O OE2 . GLU A 1 87  ? -13.711 -5.567  -5.621  1.00 48.84 ? 85   GLU A OE2 1 
ATOM   686  N N   . LYS A 1 88  ? -10.074 -4.877  -7.950  1.00 37.29 ? 86   LYS A N   1 
ATOM   687  C CA  . LYS A 1 88  ? -9.451  -4.711  -9.263  1.00 38.75 ? 86   LYS A CA  1 
ATOM   688  C C   . LYS A 1 88  ? -10.219 -3.666  -10.104 1.00 39.24 ? 86   LYS A C   1 
ATOM   689  O O   . LYS A 1 88  ? -11.370 -3.882  -10.511 1.00 39.08 ? 86   LYS A O   1 
ATOM   690  C CB  . LYS A 1 88  ? -9.380  -6.039  -10.015 1.00 39.71 ? 86   LYS A CB  1 
ATOM   691  C CG  . LYS A 1 88  ? -8.604  -5.920  -11.338 1.00 41.49 ? 86   LYS A CG  1 
ATOM   692  C CD  . LYS A 1 88  ? -8.153  -7.275  -11.924 1.00 46.39 ? 86   LYS A CD  1 
ATOM   693  C CE  . LYS A 1 88  ? -9.345  -8.008  -12.477 1.00 50.14 ? 86   LYS A CE  1 
ATOM   694  N NZ  . LYS A 1 88  ? -10.024 -7.296  -13.614 1.00 53.35 ? 86   LYS A NZ  1 
ATOM   695  N N   . ASN A 1 89  ? -9.581  -2.523  -10.338 1.00 37.93 ? 87   ASN A N   1 
ATOM   696  C CA  . ASN A 1 89  ? -10.152 -1.481  -11.194 1.00 38.52 ? 87   ASN A CA  1 
ATOM   697  C C   . ASN A 1 89  ? -9.950  -1.774  -12.675 1.00 38.47 ? 87   ASN A C   1 
ATOM   698  O O   . ASN A 1 89  ? -10.788 -1.407  -13.511 1.00 39.53 ? 87   ASN A O   1 
ATOM   699  C CB  . ASN A 1 89  ? -9.579  -0.096  -10.838 1.00 37.98 ? 87   ASN A CB  1 
ATOM   700  C CG  . ASN A 1 89  ? -9.779  0.255   -9.388  1.00 38.13 ? 87   ASN A CG  1 
ATOM   701  O OD1 . ASN A 1 89  ? -8.889  0.076   -8.580  1.00 33.55 ? 87   ASN A OD1 1 
ATOM   702  N ND2 . ASN A 1 89  ? -10.964 0.722   -9.046  1.00 40.99 ? 87   ASN A ND2 1 
ATOM   703  N N   . SER A 1 90  ? -8.843  -2.443  -12.974 1.00 38.74 ? 88   SER A N   1 
ATOM   704  C CA  . SER A 1 90  ? -8.341  -2.683  -14.321 1.00 39.00 ? 88   SER A CA  1 
ATOM   705  C C   . SER A 1 90  ? -7.131  -3.603  -14.199 1.00 38.76 ? 88   SER A C   1 
ATOM   706  O O   . SER A 1 90  ? -6.728  -3.912  -13.104 1.00 38.61 ? 88   SER A O   1 
ATOM   707  C CB  . SER A 1 90  ? -7.947  -1.358  -14.989 1.00 39.47 ? 88   SER A CB  1 
ATOM   708  O OG  . SER A 1 90  ? -6.560  -1.094  -14.844 1.00 38.99 ? 88   SER A OG  1 
ATOM   709  N N   . GLU A 1 91  ? -6.545  -4.050  -15.309 1.00 38.52 ? 89   GLU A N   1 
ATOM   710  C CA  . GLU A 1 91  ? -5.331  -4.870  -15.243 1.00 39.16 ? 89   GLU A CA  1 
ATOM   711  C C   . GLU A 1 91  ? -4.083  -4.105  -14.716 1.00 37.83 ? 89   GLU A C   1 
ATOM   712  O O   . GLU A 1 91  ? -3.041  -4.696  -14.452 1.00 38.87 ? 89   GLU A O   1 
ATOM   713  C CB  . GLU A 1 91  ? -5.039  -5.498  -16.621 1.00 39.87 ? 89   GLU A CB  1 
ATOM   714  C CG  . GLU A 1 91  ? -6.130  -6.487  -17.048 1.00 42.45 ? 89   GLU A CG  1 
ATOM   715  C CD  . GLU A 1 91  ? -6.133  -7.749  -16.199 1.00 45.65 ? 89   GLU A CD  1 
ATOM   716  O OE1 . GLU A 1 91  ? -7.190  -8.080  -15.602 1.00 48.76 ? 89   GLU A OE1 1 
ATOM   717  O OE2 . GLU A 1 91  ? -5.064  -8.396  -16.109 1.00 49.94 ? 89   GLU A OE2 1 
ATOM   718  N N   . SER A 1 92  ? -4.222  -2.806  -14.548 1.00 36.36 ? 90   SER A N   1 
ATOM   719  C CA  . SER A 1 92  ? -3.105  -1.938  -14.167 1.00 35.08 ? 90   SER A CA  1 
ATOM   720  C C   . SER A 1 92  ? -3.442  -1.061  -12.937 1.00 33.27 ? 90   SER A C   1 
ATOM   721  O O   . SER A 1 92  ? -2.655  -0.234  -12.531 1.00 31.76 ? 90   SER A O   1 
ATOM   722  C CB  . SER A 1 92  ? -2.719  -1.083  -15.374 1.00 34.46 ? 90   SER A CB  1 
ATOM   723  O OG  . SER A 1 92  ? -3.743  -0.161  -15.660 1.00 37.22 ? 90   SER A OG  1 
ATOM   724  N N   . LYS A 1 93  ? -4.599  -1.265  -12.319 1.00 31.51 ? 91   LYS A N   1 
ATOM   725  C CA  . LYS A 1 93  ? -4.994  -0.459  -11.177 1.00 30.95 ? 91   LYS A CA  1 
ATOM   726  C C   . LYS A 1 93  ? -5.807  -1.257  -10.156 1.00 31.59 ? 91   LYS A C   1 
ATOM   727  O O   . LYS A 1 93  ? -6.773  -1.929  -10.520 1.00 31.07 ? 91   LYS A O   1 
ATOM   728  C CB  . LYS A 1 93  ? -5.797  0.730   -11.667 1.00 30.72 ? 91   LYS A CB  1 
ATOM   729  C CG  . LYS A 1 93  ? -6.133  1.767   -10.645 1.00 31.73 ? 91   LYS A CG  1 
ATOM   730  C CD  . LYS A 1 93  ? -6.790  2.942   -11.381 1.00 34.33 ? 91   LYS A CD  1 
ATOM   731  C CE  . LYS A 1 93  ? -7.362  3.955   -10.484 1.00 37.16 ? 91   LYS A CE  1 
ATOM   732  N NZ  . LYS A 1 93  ? -8.121  4.915   -11.300 1.00 40.28 ? 91   LYS A NZ  1 
ATOM   733  N N   . LEU A 1 94  ? -5.432  -1.162  -8.880  1.00 31.01 ? 92   LEU A N   1 
ATOM   734  C CA  . LEU A 1 94  ? -6.241  -1.740  -7.801  1.00 31.85 ? 92   LEU A CA  1 
ATOM   735  C C   . LEU A 1 94  ? -6.413  -0.757  -6.687  1.00 31.21 ? 92   LEU A C   1 
ATOM   736  O O   . LEU A 1 94  ? -5.575  0.150   -6.491  1.00 29.94 ? 92   LEU A O   1 
ATOM   737  C CB  . LEU A 1 94  ? -5.656  -3.052  -7.290  1.00 33.00 ? 92   LEU A CB  1 
ATOM   738  C CG  . LEU A 1 94  ? -4.195  -3.121  -6.991  1.00 34.09 ? 92   LEU A CG  1 
ATOM   739  C CD1 . LEU A 1 94  ? -3.942  -2.486  -5.651  1.00 36.64 ? 92   LEU A CD1 1 
ATOM   740  C CD2 . LEU A 1 94  ? -3.643  -4.579  -7.051  1.00 35.33 ? 92   LEU A CD2 1 
ATOM   741  N N   . THR A 1 95  ? -7.501  -0.922  -5.948  1.00 29.99 ? 93   THR A N   1 
ATOM   742  C CA  . THR A 1 95  ? -7.828  -0.026  -4.861  1.00 29.60 ? 93   THR A CA  1 
ATOM   743  C C   . THR A 1 95  ? -8.026  -0.815  -3.546  1.00 30.38 ? 93   THR A C   1 
ATOM   744  O O   . THR A 1 95  ? -8.851  -1.724  -3.497  1.00 30.25 ? 93   THR A O   1 
ATOM   745  C CB  . THR A 1 95  ? -9.111  0.737   -5.218  1.00 29.87 ? 93   THR A CB  1 
ATOM   746  O OG1 . THR A 1 95  ? -8.953  1.482   -6.439  1.00 30.65 ? 93   THR A OG1 1 
ATOM   747  C CG2 . THR A 1 95  ? -9.441  1.752   -4.182  1.00 29.87 ? 93   THR A CG2 1 
ATOM   748  N N   . GLN A 1 96  ? -7.269  -0.472  -2.503  1.00 29.16 ? 94   GLN A N   1 
ATOM   749  C CA  . GLN A 1 96  ? -7.340  -1.117  -1.206  1.00 30.07 ? 94   GLN A CA  1 
ATOM   750  C C   . GLN A 1 96  ? -7.993  -0.187  -0.208  1.00 31.21 ? 94   GLN A C   1 
ATOM   751  O O   . GLN A 1 96  ? -7.583  0.967   -0.033  1.00 30.33 ? 94   GLN A O   1 
ATOM   752  C CB  . GLN A 1 96  ? -5.945  -1.500  -0.712  1.00 29.55 ? 94   GLN A CB  1 
ATOM   753  C CG  . GLN A 1 96  ? -5.920  -2.152  0.660   1.00 30.58 ? 94   GLN A CG  1 
ATOM   754  C CD  . GLN A 1 96  ? -4.575  -2.576  1.088   1.00 32.67 ? 94   GLN A CD  1 
ATOM   755  O OE1 . GLN A 1 96  ? -3.580  -2.207  0.471   1.00 32.71 ? 94   GLN A OE1 1 
ATOM   756  N NE2 . GLN A 1 96  ? -4.521  -3.399  2.142   1.00 31.49 ? 94   GLN A NE2 1 
ATOM   757  N N   . THR A 1 97  ? -9.017  -0.699  0.469   1.00 30.57 ? 95   THR A N   1 
ATOM   758  C CA  . THR A 1 97  ? -9.699  0.049   1.488   1.00 31.42 ? 95   THR A CA  1 
ATOM   759  C C   . THR A 1 97  ? -9.363  -0.613  2.823   1.00 31.67 ? 95   THR A C   1 
ATOM   760  O O   . THR A 1 97  ? -9.482  -1.827  2.956   1.00 32.69 ? 95   THR A O   1 
ATOM   761  C CB  . THR A 1 97  ? -11.231 0.082   1.163   1.00 31.31 ? 95   THR A CB  1 
ATOM   762  O OG1 . THR A 1 97  ? -11.438 0.782   -0.081  1.00 34.06 ? 95   THR A OG1 1 
ATOM   763  C CG2 . THR A 1 97  ? -11.962 0.902   2.125   1.00 34.17 ? 95   THR A CG2 1 
ATOM   764  N N   . GLN A 1 98  ? -8.891  0.168   3.776   1.00 31.69 ? 96   GLN A N   1 
ATOM   765  C CA  . GLN A 1 98  ? -8.547  -0.306  5.108   1.00 33.42 ? 96   GLN A CA  1 
ATOM   766  C C   . GLN A 1 98  ? -9.424  0.420   6.113   1.00 34.73 ? 96   GLN A C   1 
ATOM   767  O O   . GLN A 1 98  ? -9.350  1.632   6.246   1.00 35.06 ? 96   GLN A O   1 
ATOM   768  C CB  . GLN A 1 98  ? -7.081  -0.028  5.436   1.00 33.32 ? 96   GLN A CB  1 
ATOM   769  C CG  . GLN A 1 98  ? -6.121  -0.796  4.574   1.00 33.32 ? 96   GLN A CG  1 
ATOM   770  C CD  . GLN A 1 98  ? -4.641  -0.585  4.963   1.00 32.49 ? 96   GLN A CD  1 
ATOM   771  O OE1 . GLN A 1 98  ? -4.216  0.526   5.215   1.00 35.30 ? 96   GLN A OE1 1 
ATOM   772  N NE2 . GLN A 1 98  ? -3.876  -1.668  4.993   1.00 31.25 ? 96   GLN A NE2 1 
ATOM   773  N N   . VAL A 1 99  ? -10.243 -0.322  6.839   1.00 36.77 ? 97   VAL A N   1 
ATOM   774  C CA  . VAL A 1 99  ? -11.168 0.285   7.789   1.00 37.66 ? 97   VAL A CA  1 
ATOM   775  C C   . VAL A 1 99  ? -10.714 -0.048  9.206   1.00 38.73 ? 97   VAL A C   1 
ATOM   776  O O   . VAL A 1 99  ? -10.789 -1.205  9.621   1.00 37.93 ? 97   VAL A O   1 
ATOM   777  C CB  . VAL A 1 99  ? -12.628 -0.176  7.537   1.00 37.56 ? 97   VAL A CB  1 
ATOM   778  C CG1 . VAL A 1 99  ? -13.587 0.489   8.526   1.00 38.86 ? 97   VAL A CG1 1 
ATOM   779  C CG2 . VAL A 1 99  ? -13.057 0.139   6.121   1.00 37.61 ? 97   VAL A CG2 1 
ATOM   780  N N   . ASP A 1 100 ? -10.171 0.961   9.900   1.00 40.43 ? 98   ASP A N   1 
ATOM   781  C CA  . ASP A 1 100 ? -10.053 0.950   11.361  1.00 42.00 ? 98   ASP A CA  1 
ATOM   782  C C   . ASP A 1 100 ? -11.268 1.680   12.017  1.00 43.46 ? 98   ASP A C   1 
ATOM   783  O O   . ASP A 1 100 ? -12.120 2.240   11.319  1.00 43.53 ? 98   ASP A O   1 
ATOM   784  C CB  . ASP A 1 100 ? -8.642  1.425   11.833  1.00 41.62 ? 98   ASP A CB  1 
ATOM   785  C CG  . ASP A 1 100 ? -8.441  2.945   11.832  1.00 42.99 ? 98   ASP A CG  1 
ATOM   786  O OD1 . ASP A 1 100 ? -7.561  3.465   11.065  1.00 37.53 ? 98   ASP A OD1 1 
ATOM   787  O OD2 . ASP A 1 100 ? -9.019  3.696   12.643  1.00 42.13 ? 98   ASP A OD2 1 
ATOM   788  N N   . PRO A 1 101 ? -11.417 1.589   13.337  1.00 44.99 ? 99   PRO A N   1 
ATOM   789  C CA  . PRO A 1 101 ? -12.597 2.169   14.008  1.00 44.84 ? 99   PRO A CA  1 
ATOM   790  C C   . PRO A 1 101 ? -12.633 3.693   14.004  1.00 44.75 ? 99   PRO A C   1 
ATOM   791  O O   . PRO A 1 101 ? -13.727 4.271   14.066  1.00 46.16 ? 99   PRO A O   1 
ATOM   792  C CB  . PRO A 1 101 ? -12.467 1.644   15.442  1.00 45.06 ? 99   PRO A CB  1 
ATOM   793  C CG  . PRO A 1 101 ? -11.588 0.474   15.333  1.00 45.48 ? 99   PRO A CG  1 
ATOM   794  C CD  . PRO A 1 101 ? -10.555 0.873   14.297  1.00 44.99 ? 99   PRO A CD  1 
ATOM   795  N N   . LYS A 1 102 ? -11.463 4.325   13.957  1.00 44.04 ? 100  LYS A N   1 
ATOM   796  C CA  . LYS A 1 102 ? -11.369 5.776   13.881  1.00 43.05 ? 100  LYS A CA  1 
ATOM   797  C C   . LYS A 1 102 ? -11.466 6.303   12.429  1.00 42.09 ? 100  LYS A C   1 
ATOM   798  O O   . LYS A 1 102 ? -12.094 7.337   12.192  1.00 41.68 ? 100  LYS A O   1 
ATOM   799  C CB  . LYS A 1 102 ? -10.094 6.248   14.570  1.00 43.25 ? 100  LYS A CB  1 
ATOM   800  C CG  . LYS A 1 102 ? -10.045 6.003   16.077  1.00 44.71 ? 100  LYS A CG  1 
ATOM   801  C CD  . LYS A 1 102 ? -8.787  6.654   16.710  1.00 46.33 ? 100  LYS A CD  1 
ATOM   802  C CE  . LYS A 1 102 ? -8.573  6.249   18.165  1.00 48.27 ? 100  LYS A CE  1 
ATOM   803  N NZ  . LYS A 1 102 ? -7.199  6.603   18.665  1.00 50.50 ? 100  LYS A NZ  1 
ATOM   804  N N   . ASN A 1 103 ? -10.906 5.569   11.461  1.00 40.29 ? 101  ASN A N   1 
ATOM   805  C CA  . ASN A 1 103 ? -10.745 6.074   10.092  1.00 39.40 ? 101  ASN A CA  1 
ATOM   806  C C   . ASN A 1 103 ? -10.766 5.003   9.015   1.00 38.09 ? 101  ASN A C   1 
ATOM   807  O O   . ASN A 1 103 ? -10.622 3.819   9.282   1.00 38.10 ? 101  ASN A O   1 
ATOM   808  C CB  . ASN A 1 103 ? -9.419  6.792   9.945   1.00 39.41 ? 101  ASN A CB  1 
ATOM   809  C CG  . ASN A 1 103 ? -9.436  8.201   10.503  1.00 39.71 ? 101  ASN A CG  1 
ATOM   810  O OD1 . ASN A 1 103 ? -10.201 9.047   10.051  1.00 44.09 ? 101  ASN A OD1 1 
ATOM   811  N ND2 . ASN A 1 103 ? -8.577  8.462   11.462  1.00 36.25 ? 101  ASN A ND2 1 
ATOM   812  N N   . THR A 1 104 ? -10.939 5.454   7.781   1.00 36.43 ? 102  THR A N   1 
ATOM   813  C CA  . THR A 1 104 ? -10.861 4.610   6.613   1.00 35.40 ? 102  THR A CA  1 
ATOM   814  C C   . THR A 1 104 ? -9.778  5.166   5.695   1.00 33.52 ? 102  THR A C   1 
ATOM   815  O O   . THR A 1 104 ? -9.750  6.368   5.453   1.00 32.54 ? 102  THR A O   1 
ATOM   816  C CB  . THR A 1 104 ? -12.231 4.566   5.942   1.00 36.92 ? 102  THR A CB  1 
ATOM   817  O OG1 . THR A 1 104 ? -13.096 3.726   6.743   1.00 38.87 ? 102  THR A OG1 1 
ATOM   818  C CG2 . THR A 1 104 ? -12.184 3.875   4.562   1.00 36.83 ? 102  THR A CG2 1 
ATOM   819  N N   . THR A 1 105 ? -8.884  4.286   5.253   1.00 31.41 ? 103  THR A N   1 
ATOM   820  C CA  . THR A 1 105 ? -7.787  4.619   4.316   1.00 29.84 ? 103  THR A CA  1 
ATOM   821  C C   . THR A 1 105 ? -8.053  3.957   2.976   1.00 28.77 ? 103  THR A C   1 
ATOM   822  O O   . THR A 1 105 ? -8.297  2.763   2.918   1.00 28.74 ? 103  THR A O   1 
ATOM   823  C CB  . THR A 1 105 ? -6.463  4.114   4.858   1.00 29.27 ? 103  THR A CB  1 
ATOM   824  O OG1 . THR A 1 105 ? -6.264  4.598   6.188   1.00 28.76 ? 103  THR A OG1 1 
ATOM   825  C CG2 . THR A 1 105 ? -5.252  4.660   3.982   1.00 29.47 ? 103  THR A CG2 1 
ATOM   826  N N   . VAL A 1 106 ? -8.025  4.739   1.902   1.00 27.27 ? 104  VAL A N   1 
ATOM   827  C CA  . VAL A 1 106 ? -8.172  4.221   0.565   1.00 26.88 ? 104  VAL A CA  1 
ATOM   828  C C   . VAL A 1 106 ? -6.794  4.336   -0.110  1.00 26.46 ? 104  VAL A C   1 
ATOM   829  O O   . VAL A 1 106 ? -6.181  5.422   -0.114  1.00 27.31 ? 104  VAL A O   1 
ATOM   830  C CB  . VAL A 1 106 ? -9.214  4.935   -0.225  1.00 26.81 ? 104  VAL A CB  1 
ATOM   831  C CG1 . VAL A 1 106 ? -9.344  4.325   -1.581  1.00 28.12 ? 104  VAL A CG1 1 
ATOM   832  C CG2 . VAL A 1 106 ? -10.565 4.895   0.517   1.00 29.06 ? 104  VAL A CG2 1 
ATOM   833  N N   . ILE A 1 107 ? -6.289  3.208   -0.590  1.00 26.13 ? 105  ILE A N   1 
ATOM   834  C CA  . ILE A 1 107 ? -4.966  3.166   -1.265  1.00 26.01 ? 105  ILE A CA  1 
ATOM   835  C C   . ILE A 1 107 ? -5.117  2.679   -2.692  1.00 25.99 ? 105  ILE A C   1 
ATOM   836  O O   . ILE A 1 107 ? -5.420  1.511   -2.960  1.00 26.42 ? 105  ILE A O   1 
ATOM   837  C CB  . ILE A 1 107 ? -3.978  2.267   -0.490  1.00 25.89 ? 105  ILE A CB  1 
ATOM   838  C CG1 . ILE A 1 107 ? -3.958  2.631   0.989   1.00 27.41 ? 105  ILE A CG1 1 
ATOM   839  C CG2 . ILE A 1 107 ? -2.561  2.397   -1.111  1.00 26.76 ? 105  ILE A CG2 1 
ATOM   840  C CD1 . ILE A 1 107 ? -3.533  1.509   1.886   1.00 31.69 ? 105  ILE A CD1 1 
ATOM   841  N N   . VAL A 1 108 ? -4.932  3.576   -3.641  1.00 25.89 ? 106  VAL A N   1 
ATOM   842  C CA  . VAL A 1 108 ? -5.012  3.244   -5.042  1.00 26.27 ? 106  VAL A CA  1 
ATOM   843  C C   . VAL A 1 108 ? -3.554  3.041   -5.519  1.00 25.91 ? 106  VAL A C   1 
ATOM   844  O O   . VAL A 1 108 ? -2.672  3.813   -5.165  1.00 26.68 ? 106  VAL A O   1 
ATOM   845  C CB  . VAL A 1 108 ? -5.753  4.369   -5.837  1.00 26.41 ? 106  VAL A CB  1 
ATOM   846  C CG1 . VAL A 1 108 ? -5.882  4.037   -7.281  1.00 28.86 ? 106  VAL A CG1 1 
ATOM   847  C CG2 . VAL A 1 108 ? -7.114  4.673   -5.226  1.00 29.21 ? 106  VAL A CG2 1 
ATOM   848  N N   . ARG A 1 109 ? -3.316  1.957   -6.245  1.00 25.42 ? 107  ARG A N   1 
ATOM   849  C CA  . ARG A 1 109 ? -2.033  1.633   -6.845  1.00 24.85 ? 107  ARG A CA  1 
ATOM   850  C C   . ARG A 1 109 ? -2.242  1.466   -8.326  1.00 26.15 ? 107  ARG A C   1 
ATOM   851  O O   . ARG A 1 109 ? -3.065  0.647   -8.772  1.00 27.41 ? 107  ARG A O   1 
ATOM   852  C CB  . ARG A 1 109 ? -1.481  0.349   -6.267  1.00 24.82 ? 107  ARG A CB  1 
ATOM   853  C CG  . ARG A 1 109 ? -1.271  0.395   -4.755  1.00 22.42 ? 107  ARG A CG  1 
ATOM   854  C CD  . ARG A 1 109 ? -0.561  -0.787  -4.199  1.00 23.80 ? 107  ARG A CD  1 
ATOM   855  N NE  . ARG A 1 109 ? -0.080  -0.570  -2.850  1.00 24.29 ? 107  ARG A NE  1 
ATOM   856  C CZ  . ARG A 1 109 ? -0.756  -0.780  -1.733  1.00 27.89 ? 107  ARG A CZ  1 
ATOM   857  N NH1 . ARG A 1 109 ? -1.990  -1.239  -1.759  1.00 28.21 ? 107  ARG A NH1 1 
ATOM   858  N NH2 . ARG A 1 109 ? -0.169  -0.537  -0.574  1.00 29.68 ? 107  ARG A NH2 1 
ATOM   859  N N   . GLU A 1 110 ? -1.529  2.253   -9.107  1.00 25.66 ? 108  GLU A N   1 
ATOM   860  C CA  . GLU A 1 110 ? -1.698  2.209   -10.536 1.00 25.69 ? 108  GLU A CA  1 
ATOM   861  C C   . GLU A 1 110 ? -0.334  2.119   -11.187 1.00 25.54 ? 108  GLU A C   1 
ATOM   862  O O   . GLU A 1 110 ? 0.517   2.899   -10.850 1.00 25.07 ? 108  GLU A O   1 
ATOM   863  C CB  A GLU A 1 110 ? -2.422  3.474   -10.984 0.50 25.25 ? 108  GLU A CB  1 
ATOM   864  C CB  B GLU A 1 110 ? -2.494  3.399   -11.061 0.50 25.51 ? 108  GLU A CB  1 
ATOM   865  C CG  A GLU A 1 110 ? -2.594  3.605   -12.494 0.50 27.35 ? 108  GLU A CG  1 
ATOM   866  C CG  B GLU A 1 110 ? -2.082  4.777   -10.596 0.50 27.66 ? 108  GLU A CG  1 
ATOM   867  C CD  A GLU A 1 110 ? -3.743  4.503   -12.910 0.50 27.89 ? 108  GLU A CD  1 
ATOM   868  C CD  B GLU A 1 110 ? -3.079  5.831   -11.040 0.50 29.47 ? 108  GLU A CD  1 
ATOM   869  O OE1 A GLU A 1 110 ? -4.228  5.304   -12.085 0.50 31.83 ? 108  GLU A OE1 1 
ATOM   870  O OE1 B GLU A 1 110 ? -3.089  6.128   -12.253 0.50 29.98 ? 108  GLU A OE1 1 
ATOM   871  O OE2 A GLU A 1 110 ? -4.190  4.381   -14.072 0.50 28.02 ? 108  GLU A OE2 1 
ATOM   872  O OE2 B GLU A 1 110 ? -3.839  6.336   -10.187 0.50 27.60 ? 108  GLU A OE2 1 
ATOM   873  N N   . VAL A 1 111 ? -0.170  1.199   -12.129 1.00 25.84 ? 109  VAL A N   1 
ATOM   874  C CA  . VAL A 1 111 ? 1.114   0.965   -12.796 1.00 25.49 ? 109  VAL A CA  1 
ATOM   875  C C   . VAL A 1 111 ? 1.067   1.607   -14.149 1.00 26.71 ? 109  VAL A C   1 
ATOM   876  O O   . VAL A 1 111 ? 0.124   1.400   -14.918 1.00 25.54 ? 109  VAL A O   1 
ATOM   877  C CB  . VAL A 1 111 ? 1.441   -0.530  -12.951 1.00 26.42 ? 109  VAL A CB  1 
ATOM   878  C CG1 . VAL A 1 111 ? 2.666   -0.748  -13.834 1.00 26.23 ? 109  VAL A CG1 1 
ATOM   879  C CG2 . VAL A 1 111 ? 1.678   -1.151  -11.582 1.00 27.07 ? 109  VAL A CG2 1 
ATOM   880  N N   . ASP A 1 112 ? 2.079   2.422   -14.430 1.00 25.95 ? 110  ASP A N   1 
ATOM   881  C CA  . ASP A 1 112 ? 2.255   3.052   -15.734 1.00 27.08 ? 110  ASP A CA  1 
ATOM   882  C C   . ASP A 1 112 ? 3.698   2.931   -16.133 1.00 27.48 ? 110  ASP A C   1 
ATOM   883  O O   . ASP A 1 112 ? 4.551   3.707   -15.692 1.00 27.46 ? 110  ASP A O   1 
ATOM   884  C CB  . ASP A 1 112 ? 1.873   4.524   -15.695 1.00 27.68 ? 110  ASP A CB  1 
ATOM   885  C CG  . ASP A 1 112 ? 2.023   5.207   -17.074 1.00 29.08 ? 110  ASP A CG  1 
ATOM   886  O OD1 . ASP A 1 112 ? 1.916   6.455   -17.162 1.00 29.95 ? 110  ASP A OD1 1 
ATOM   887  O OD2 . ASP A 1 112 ? 2.230   4.569   -18.110 1.00 29.09 ? 110  ASP A OD2 1 
ATOM   888  N N   . GLY A 1 113 ? 3.995   1.911   -16.925 1.00 28.22 ? 111  GLY A N   1 
ATOM   889  C CA  . GLY A 1 113 ? 5.368   1.677   -17.336 1.00 28.28 ? 111  GLY A CA  1 
ATOM   890  C C   . GLY A 1 113 ? 6.252   1.299   -16.165 1.00 29.25 ? 111  GLY A C   1 
ATOM   891  O O   . GLY A 1 113 ? 6.030   0.254   -15.534 1.00 29.46 ? 111  GLY A O   1 
ATOM   892  N N   . ASP A 1 114 ? 7.267   2.113   -15.897 1.00 29.54 ? 112  ASP A N   1 
ATOM   893  C CA  . ASP A 1 114 ? 8.162   1.856   -14.785 1.00 30.37 ? 112  ASP A CA  1 
ATOM   894  C C   . ASP A 1 114 ? 7.847   2.583   -13.503 1.00 28.11 ? 112  ASP A C   1 
ATOM   895  O O   . ASP A 1 114 ? 8.676   2.545   -12.599 1.00 27.36 ? 112  ASP A O   1 
ATOM   896  C CB  . ASP A 1 114 ? 9.607   2.120   -15.185 1.00 31.22 ? 112  ASP A CB  1 
ATOM   897  C CG  . ASP A 1 114 ? 10.086  1.119   -16.211 1.00 35.86 ? 112  ASP A CG  1 
ATOM   898  O OD1 . ASP A 1 114 ? 9.602   -0.058  -16.214 1.00 39.31 ? 112  ASP A OD1 1 
ATOM   899  O OD2 . ASP A 1 114 ? 10.920  1.442   -17.057 1.00 39.89 ? 112  ASP A OD2 1 
ATOM   900  N N   . THR A 1 115 ? 6.667   3.197   -13.430 1.00 26.36 ? 113  THR A N   1 
ATOM   901  C CA  . THR A 1 115 ? 6.141   3.806   -12.200 1.00 25.97 ? 113  THR A CA  1 
ATOM   902  C C   . THR A 1 115 ? 4.900   3.135   -11.648 1.00 26.73 ? 113  THR A C   1 
ATOM   903  O O   . THR A 1 115 ? 3.944   2.955   -12.368 1.00 26.40 ? 113  THR A O   1 
ATOM   904  C CB  . THR A 1 115 ? 5.812   5.305   -12.480 1.00 26.71 ? 113  THR A CB  1 
ATOM   905  O OG1 . THR A 1 115 ? 7.003   5.977   -12.966 1.00 25.93 ? 113  THR A OG1 1 
ATOM   906  C CG2 . THR A 1 115 ? 5.469   6.078   -11.214 1.00 26.24 ? 113  THR A CG2 1 
ATOM   907  N N   . MET A 1 116 ? 4.899   2.828   -10.350 1.00 26.22 ? 114  MET A N   1 
ATOM   908  C CA  . MET A 1 116 ? 3.678   2.530   -9.652  1.00 26.92 ? 114  MET A CA  1 
ATOM   909  C C   . MET A 1 116 ? 3.400   3.717   -8.758  1.00 27.15 ? 114  MET A C   1 
ATOM   910  O O   . MET A 1 116 ? 4.233   4.073   -7.911  1.00 25.69 ? 114  MET A O   1 
ATOM   911  C CB  . MET A 1 116 ? 3.785   1.249   -8.815  1.00 27.01 ? 114  MET A CB  1 
ATOM   912  C CG  . MET A 1 116 ? 2.509   1.000   -7.985  1.00 28.21 ? 114  MET A CG  1 
ATOM   913  S SD  . MET A 1 116 ? 2.531   -0.531  -7.152  1.00 30.67 ? 114  MET A SD  1 
ATOM   914  C CE  . MET A 1 116 ? 3.401   -0.053  -5.697  1.00 33.89 ? 114  MET A CE  1 
ATOM   915  N N   . LYS A 1 117 ? 2.271   4.359   -9.018  1.00 26.08 ? 115  LYS A N   1 
ATOM   916  C CA  . LYS A 1 117 ? 1.836   5.510   -8.254  1.00 27.04 ? 115  LYS A CA  1 
ATOM   917  C C   . LYS A 1 117 ? 0.893   5.004   -7.209  1.00 27.30 ? 115  LYS A C   1 
ATOM   918  O O   . LYS A 1 117 ? -0.090  4.365   -7.536  1.00 26.37 ? 115  LYS A O   1 
ATOM   919  C CB  . LYS A 1 117 ? 1.132   6.518   -9.142  1.00 27.52 ? 115  LYS A CB  1 
ATOM   920  C CG  . LYS A 1 117 ? 0.591   7.714   -8.336  1.00 29.38 ? 115  LYS A CG  1 
ATOM   921  C CD  . LYS A 1 117 ? 0.042   8.844   -9.175  1.00 34.75 ? 115  LYS A CD  1 
ATOM   922  C CE  . LYS A 1 117 ? -1.065  8.425   -10.092 1.00 36.48 ? 115  LYS A CE  1 
ATOM   923  N NZ  . LYS A 1 117 ? -1.475  9.558   -10.967 1.00 41.05 ? 115  LYS A NZ  1 
ATOM   924  N N   . THR A 1 118 ? 1.159   5.321   -5.960  1.00 27.37 ? 116  THR A N   1 
ATOM   925  C CA  . THR A 1 118 ? 0.269   4.886   -4.853  1.00 27.53 ? 116  THR A CA  1 
ATOM   926  C C   . THR A 1 118 ? -0.388  6.128   -4.243  1.00 27.45 ? 116  THR A C   1 
ATOM   927  O O   . THR A 1 118 ? 0.317   6.965   -3.671  1.00 26.63 ? 116  THR A O   1 
ATOM   928  C CB  . THR A 1 118 ? 1.112   4.143   -3.816  1.00 27.12 ? 116  THR A CB  1 
ATOM   929  O OG1 . THR A 1 118 ? 1.646   2.948   -4.417  1.00 27.00 ? 116  THR A OG1 1 
ATOM   930  C CG2 . THR A 1 118 ? 0.290   3.655   -2.610  1.00 28.65 ? 116  THR A CG2 1 
ATOM   931  N N   . THR A 1 119 ? -1.710  6.282   -4.388  1.00 27.58 ? 117  THR A N   1 
ATOM   932  C CA  . THR A 1 119 ? -2.402  7.441   -3.823  1.00 26.86 ? 117  THR A CA  1 
ATOM   933  C C   . THR A 1 119 ? -3.061  7.000   -2.537  1.00 28.07 ? 117  THR A C   1 
ATOM   934  O O   . THR A 1 119 ? -3.788  6.016   -2.540  1.00 27.68 ? 117  THR A O   1 
ATOM   935  C CB  . THR A 1 119 ? -3.393  7.988   -4.830  1.00 27.87 ? 117  THR A CB  1 
ATOM   936  O OG1 . THR A 1 119 ? -2.699  8.416   -6.010  1.00 28.67 ? 117  THR A OG1 1 
ATOM   937  C CG2 . THR A 1 119 ? -4.071  9.235   -4.333  1.00 28.20 ? 117  THR A CG2 1 
ATOM   938  N N   . VAL A 1 120 ? -2.830  7.722   -1.445  1.00 27.04 ? 118  VAL A N   1 
ATOM   939  C CA  . VAL A 1 120 ? -3.377  7.332   -0.132  1.00 27.01 ? 118  VAL A CA  1 
ATOM   940  C C   . VAL A 1 120 ? -4.290  8.446   0.361   1.00 26.83 ? 118  VAL A C   1 
ATOM   941  O O   . VAL A 1 120 ? -3.855  9.577   0.534   1.00 26.59 ? 118  VAL A O   1 
ATOM   942  C CB  . VAL A 1 120 ? -2.259  7.105   0.871   1.00 26.51 ? 118  VAL A CB  1 
ATOM   943  C CG1 . VAL A 1 120 ? -2.814  6.647   2.255   1.00 28.52 ? 118  VAL A CG1 1 
ATOM   944  C CG2 . VAL A 1 120 ? -1.248  6.099   0.317   1.00 27.22 ? 118  VAL A CG2 1 
ATOM   945  N N   . THR A 1 121 ? -5.561  8.137   0.624   1.00 27.40 ? 119  THR A N   1 
ATOM   946  C CA  . THR A 1 121 ? -6.519  9.173   1.021   1.00 28.04 ? 119  THR A CA  1 
ATOM   947  C C   . THR A 1 121 ? -7.213  8.764   2.314   1.00 28.62 ? 119  THR A C   1 
ATOM   948  O O   . THR A 1 121 ? -7.578  7.616   2.458   1.00 27.24 ? 119  THR A O   1 
ATOM   949  C CB  . THR A 1 121 ? -7.576  9.408   -0.091  1.00 29.47 ? 119  THR A CB  1 
ATOM   950  O OG1 . THR A 1 121 ? -8.247  8.181   -0.451  1.00 33.59 ? 119  THR A OG1 1 
ATOM   951  C CG2 . THR A 1 121 ? -6.922  9.744   -1.341  1.00 26.31 ? 119  THR A CG2 1 
ATOM   952  N N   . VAL A 1 122 ? -7.289  9.690   3.267   1.00 29.29 ? 120  VAL A N   1 
ATOM   953  C CA  . VAL A 1 122 ? -8.000  9.500   4.538   1.00 31.23 ? 120  VAL A CA  1 
ATOM   954  C C   . VAL A 1 122 ? -8.881  10.761  4.666   1.00 32.06 ? 120  VAL A C   1 
ATOM   955  O O   . VAL A 1 122 ? -8.372  11.835  4.961   1.00 32.62 ? 120  VAL A O   1 
ATOM   956  C CB  . VAL A 1 122 ? -7.029  9.407   5.716   1.00 30.89 ? 120  VAL A CB  1 
ATOM   957  C CG1 . VAL A 1 122 ? -7.798  9.194   7.027   1.00 33.50 ? 120  VAL A CG1 1 
ATOM   958  C CG2 . VAL A 1 122 ? -5.967  8.267   5.493   1.00 31.00 ? 120  VAL A CG2 1 
ATOM   959  N N   . GLY A 1 123 ? -10.169 10.627  4.382   1.00 33.45 ? 121  GLY A N   1 
ATOM   960  C CA  . GLY A 1 123 ? -11.087 11.755  4.374   1.00 34.46 ? 121  GLY A CA  1 
ATOM   961  C C   . GLY A 1 123 ? -10.724 12.728  3.273   1.00 35.44 ? 121  GLY A C   1 
ATOM   962  O O   . GLY A 1 123 ? -10.692 12.339  2.104   1.00 36.77 ? 121  GLY A O   1 
ATOM   963  N N   . ASP A 1 124 ? -10.381 13.962  3.662   1.00 36.04 ? 122  ASP A N   1 
ATOM   964  C CA  . ASP A 1 124 ? -10.053 15.041  2.714   1.00 36.36 ? 122  ASP A CA  1 
ATOM   965  C C   . ASP A 1 124 ? -8.534  15.188  2.501   1.00 35.33 ? 122  ASP A C   1 
ATOM   966  O O   . ASP A 1 124 ? -8.124  16.006  1.699   1.00 36.72 ? 122  ASP A O   1 
ATOM   967  C CB  A ASP A 1 124 ? -10.696 16.407  3.125   0.50 36.56 ? 122  ASP A CB  1 
ATOM   968  C CB  B ASP A 1 124 ? -10.693 16.390  3.165   0.50 36.70 ? 122  ASP A CB  1 
ATOM   969  C CG  A ASP A 1 124 ? -10.149 16.983  4.443   0.50 36.97 ? 122  ASP A CG  1 
ATOM   970  C CG  B ASP A 1 124 ? -12.212 16.483  2.857   0.50 37.87 ? 122  ASP A CG  1 
ATOM   971  O OD1 A ASP A 1 124 ? -10.896 17.720  5.135   0.50 36.04 ? 122  ASP A OD1 1 
ATOM   972  O OD1 B ASP A 1 124 ? -12.827 17.531  3.186   0.50 38.11 ? 122  ASP A OD1 1 
ATOM   973  O OD2 A ASP A 1 124 ? -8.993  16.791  4.873   0.50 37.60 ? 122  ASP A OD2 1 
ATOM   974  O OD2 B ASP A 1 124 ? -12.866 15.583  2.281   0.50 37.40 ? 122  ASP A OD2 1 
ATOM   975  N N   . VAL A 1 125 ? -7.713  14.382  3.180   1.00 33.72 ? 123  VAL A N   1 
ATOM   976  C CA  . VAL A 1 125 ? -6.236  14.456  3.044   1.00 32.14 ? 123  VAL A CA  1 
ATOM   977  C C   . VAL A 1 125 ? -5.722  13.379  2.052   1.00 31.40 ? 123  VAL A C   1 
ATOM   978  O O   . VAL A 1 125 ? -6.165  12.208  2.078   1.00 30.18 ? 123  VAL A O   1 
ATOM   979  C CB  . VAL A 1 125 ? -5.570  14.269  4.420   1.00 32.63 ? 123  VAL A CB  1 
ATOM   980  C CG1 . VAL A 1 125 ? -4.107  14.466  4.369   1.00 33.31 ? 123  VAL A CG1 1 
ATOM   981  C CG2 . VAL A 1 125 ? -6.193  15.232  5.458   1.00 33.43 ? 123  VAL A CG2 1 
ATOM   982  N N   . THR A 1 126 ? -4.793  13.772  1.175   1.00 29.83 ? 124  THR A N   1 
ATOM   983  C CA  . THR A 1 126 ? -4.243  12.864  0.164   1.00 29.17 ? 124  THR A CA  1 
ATOM   984  C C   . THR A 1 126 ? -2.710  12.932  0.113   1.00 28.20 ? 124  THR A C   1 
ATOM   985  O O   . THR A 1 126 ? -2.128  14.017  0.120   1.00 26.83 ? 124  THR A O   1 
ATOM   986  C CB  . THR A 1 126 ? -4.852  13.138  -1.249  1.00 30.06 ? 124  THR A CB  1 
ATOM   987  O OG1 . THR A 1 126 ? -6.266  12.825  -1.257  1.00 30.77 ? 124  THR A OG1 1 
ATOM   988  C CG2 . THR A 1 126 ? -4.311  12.155  -2.247  1.00 30.65 ? 124  THR A CG2 1 
ATOM   989  N N   . ALA A 1 127 ? -2.085  11.765  0.068   1.00 26.96 ? 125  ALA A N   1 
ATOM   990  C CA  . ALA A 1 127 ? -0.661  11.626  -0.172  1.00 26.38 ? 125  ALA A CA  1 
ATOM   991  C C   . ALA A 1 127 ? -0.417  10.845  -1.455  1.00 26.79 ? 125  ALA A C   1 
ATOM   992  O O   . ALA A 1 127 ? -1.203  10.020  -1.844  1.00 25.19 ? 125  ALA A O   1 
ATOM   993  C CB  . ALA A 1 127 ? 0.028   10.997  0.997   1.00 26.71 ? 125  ALA A CB  1 
ATOM   994  N N   . ILE A 1 128 ? 0.673   11.156  -2.158  1.00 26.53 ? 126  ILE A N   1 
ATOM   995  C CA  . ILE A 1 128 ? 1.053   10.381  -3.341  1.00 27.90 ? 126  ILE A CA  1 
ATOM   996  C C   . ILE A 1 128 ? 2.480   9.873   -3.161  1.00 27.17 ? 126  ILE A C   1 
ATOM   997  O O   . ILE A 1 128 ? 3.386   10.642  -2.843  1.00 27.94 ? 126  ILE A O   1 
ATOM   998  C CB  . ILE A 1 128 ? 0.954   11.260  -4.640  1.00 29.21 ? 126  ILE A CB  1 
ATOM   999  C CG1 . ILE A 1 128 ? -0.463  11.771  -4.850  1.00 30.90 ? 126  ILE A CG1 1 
ATOM   1000 C CG2 . ILE A 1 128 ? 1.479   10.503  -5.896  1.00 30.54 ? 126  ILE A CG2 1 
ATOM   1001 C CD1 . ILE A 1 128 ? -0.600  12.721  -6.010  1.00 32.82 ? 126  ILE A CD1 1 
ATOM   1002 N N   . ARG A 1 129 ? 2.674   8.574   -3.363  1.00 26.73 ? 127  ARG A N   1 
ATOM   1003 C CA  . ARG A 1 129 ? 3.970   7.932   -3.263  1.00 26.59 ? 127  ARG A CA  1 
ATOM   1004 C C   . ARG A 1 129 ? 4.281   7.161   -4.534  1.00 26.88 ? 127  ARG A C   1 
ATOM   1005 O O   . ARG A 1 129 ? 3.538   6.272   -4.939  1.00 24.79 ? 127  ARG A O   1 
ATOM   1006 C CB  . ARG A 1 129 ? 3.992   6.995   -2.068  1.00 26.14 ? 127  ARG A CB  1 
ATOM   1007 C CG  . ARG A 1 129 ? 3.931   7.744   -0.756  1.00 28.51 ? 127  ARG A CG  1 
ATOM   1008 C CD  . ARG A 1 129 ? 3.344   6.938   0.369   1.00 28.01 ? 127  ARG A CD  1 
ATOM   1009 N NE  . ARG A 1 129 ? 4.171   5.817   0.804   1.00 29.32 ? 127  ARG A NE  1 
ATOM   1010 C CZ  . ARG A 1 129 ? 5.305   5.939   1.485   1.00 29.54 ? 127  ARG A CZ  1 
ATOM   1011 N NH1 . ARG A 1 129 ? 5.939   4.854   1.858   1.00 30.79 ? 127  ARG A NH1 1 
ATOM   1012 N NH2 . ARG A 1 129 ? 5.787   7.137   1.836   1.00 29.00 ? 127  ARG A NH2 1 
ATOM   1013 N N   . ASN A 1 130 ? 5.381   7.540   -5.176  1.00 25.11 ? 128  ASN A N   1 
ATOM   1014 C CA  . ASN A 1 130 ? 5.815   6.930   -6.432  1.00 26.34 ? 128  ASN A CA  1 
ATOM   1015 C C   . ASN A 1 130 ? 6.871   5.864   -6.156  1.00 26.46 ? 128  ASN A C   1 
ATOM   1016 O O   . ASN A 1 130 ? 7.822   6.092   -5.406  1.00 27.83 ? 128  ASN A O   1 
ATOM   1017 C CB  . ASN A 1 130 ? 6.414   7.996   -7.374  1.00 26.27 ? 128  ASN A CB  1 
ATOM   1018 C CG  . ASN A 1 130 ? 5.351   8.807   -8.094  1.00 30.00 ? 128  ASN A CG  1 
ATOM   1019 O OD1 . ASN A 1 130 ? 4.205   8.350   -8.296  1.00 28.36 ? 128  ASN A OD1 1 
ATOM   1020 N ND2 . ASN A 1 130 ? 5.688   10.048  -8.407  1.00 33.58 ? 128  ASN A ND2 1 
ATOM   1021 N N   . TYR A 1 131 ? 6.705   4.708   -6.780  1.00 26.64 ? 129  TYR A N   1 
ATOM   1022 C CA  . TYR A 1 131 ? 7.656   3.605   -6.719  1.00 25.37 ? 129  TYR A CA  1 
ATOM   1023 C C   . TYR A 1 131 ? 8.198   3.365   -8.127  1.00 26.86 ? 129  TYR A C   1 
ATOM   1024 O O   . TYR A 1 131 ? 7.471   3.494   -9.093  1.00 25.19 ? 129  TYR A O   1 
ATOM   1025 C CB  . TYR A 1 131 ? 6.949   2.316   -6.270  1.00 25.73 ? 129  TYR A CB  1 
ATOM   1026 C CG  . TYR A 1 131 ? 6.510   2.293   -4.836  1.00 23.20 ? 129  TYR A CG  1 
ATOM   1027 C CD1 . TYR A 1 131 ? 5.408   3.067   -4.407  1.00 24.97 ? 129  TYR A CD1 1 
ATOM   1028 C CD2 . TYR A 1 131 ? 7.195   1.516   -3.883  1.00 24.66 ? 129  TYR A CD2 1 
ATOM   1029 C CE1 . TYR A 1 131 ? 4.969   3.020   -3.084  1.00 26.92 ? 129  TYR A CE1 1 
ATOM   1030 C CE2 . TYR A 1 131 ? 6.778   1.492   -2.534  1.00 23.80 ? 129  TYR A CE2 1 
ATOM   1031 C CZ  . TYR A 1 131 ? 5.687   2.244   -2.145  1.00 24.90 ? 129  TYR A CZ  1 
ATOM   1032 O OH  . TYR A 1 131 ? 5.318   2.168   -0.832  1.00 25.63 ? 129  TYR A OH  1 
ATOM   1033 N N   . LYS A 1 132 ? 9.492   3.057   -8.227  1.00 27.20 ? 130  LYS A N   1 
ATOM   1034 C CA  . LYS A 1 132 ? 10.137  2.663   -9.471  1.00 27.37 ? 130  LYS A CA  1 
ATOM   1035 C C   . LYS A 1 132 ? 10.279  1.171   -9.505  1.00 27.59 ? 130  LYS A C   1 
ATOM   1036 O O   . LYS A 1 132 ? 10.582  0.519   -8.496  1.00 27.63 ? 130  LYS A O   1 
ATOM   1037 C CB  A LYS A 1 132 ? 11.527  3.315   -9.615  0.50 26.89 ? 130  LYS A CB  1 
ATOM   1038 C CB  B LYS A 1 132 ? 11.532  3.305   -9.561  0.50 26.97 ? 130  LYS A CB  1 
ATOM   1039 C CG  A LYS A 1 132 ? 11.488  4.825   -9.466  0.50 28.09 ? 130  LYS A CG  1 
ATOM   1040 C CG  B LYS A 1 132 ? 12.435  2.629   -10.541 0.50 28.51 ? 130  LYS A CG  1 
ATOM   1041 C CD  A LYS A 1 132 ? 12.751  5.532   -10.030 0.50 29.11 ? 130  LYS A CD  1 
ATOM   1042 C CD  B LYS A 1 132 ? 13.853  3.205   -10.522 0.50 29.62 ? 130  LYS A CD  1 
ATOM   1043 C CE  A LYS A 1 132 ? 13.955  5.390   -9.123  0.50 30.54 ? 130  LYS A CE  1 
ATOM   1044 C CE  B LYS A 1 132 ? 14.186  3.995   -11.783 0.50 28.22 ? 130  LYS A CE  1 
ATOM   1045 N NZ  A LYS A 1 132 ? 15.216  5.056   -9.893  0.50 32.38 ? 130  LYS A NZ  1 
ATOM   1046 N NZ  B LYS A 1 132 ? 14.158  5.448   -11.508 0.50 28.26 ? 130  LYS A NZ  1 
ATOM   1047 N N   . ARG A 1 133 ? 10.092  0.612   -10.686 1.00 29.54 ? 131  ARG A N   1 
ATOM   1048 C CA  . ARG A 1 133 ? 10.223  -0.833  -10.896 1.00 30.93 ? 131  ARG A CA  1 
ATOM   1049 C C   . ARG A 1 133 ? 11.724  -1.178  -10.823 1.00 33.01 ? 131  ARG A C   1 
ATOM   1050 O O   . ARG A 1 133 ? 12.541  -0.515  -11.437 1.00 34.16 ? 131  ARG A O   1 
ATOM   1051 C CB  . ARG A 1 133 ? 9.640   -1.192  -12.275 1.00 30.98 ? 131  ARG A CB  1 
ATOM   1052 C CG  . ARG A 1 133 ? 9.769   -2.634  -12.684 1.00 32.69 ? 131  ARG A CG  1 
ATOM   1053 C CD  . ARG A 1 133 ? 9.440   -2.853  -14.160 1.00 34.13 ? 131  ARG A CD  1 
ATOM   1054 N NE  . ARG A 1 133 ? 8.110   -2.392  -14.546 1.00 33.64 ? 131  ARG A NE  1 
ATOM   1055 C CZ  . ARG A 1 133 ? 6.984   -3.094  -14.388 1.00 35.55 ? 131  ARG A CZ  1 
ATOM   1056 N NH1 . ARG A 1 133 ? 7.006   -4.279  -13.788 1.00 35.03 ? 131  ARG A NH1 1 
ATOM   1057 N NH2 . ARG A 1 133 ? 5.815   -2.603  -14.806 1.00 34.35 ? 131  ARG A NH2 1 
ATOM   1058 N N   . LEU A 1 134 ? 12.070  -2.206  -10.077 1.00 34.70 ? 132  LEU A N   1 
ATOM   1059 C CA  . LEU A 1 134 ? 13.445  -2.650  -9.987  1.00 37.42 ? 132  LEU A CA  1 
ATOM   1060 C C   . LEU A 1 134 ? 13.840  -3.651  -11.088 1.00 39.82 ? 132  LEU A C   1 
ATOM   1061 O O   . LEU A 1 134 ? 13.022  -4.419  -11.620 1.00 39.84 ? 132  LEU A O   1 
ATOM   1062 C CB  . LEU A 1 134 ? 13.746  -3.256  -8.619  1.00 37.48 ? 132  LEU A CB  1 
ATOM   1063 C CG  . LEU A 1 134 ? 13.765  -2.298  -7.437  1.00 36.99 ? 132  LEU A CG  1 
ATOM   1064 C CD1 . LEU A 1 134 ? 13.911  -3.079  -6.168  1.00 36.60 ? 132  LEU A CD1 1 
ATOM   1065 C CD2 . LEU A 1 134 ? 14.893  -1.266  -7.506  1.00 38.80 ? 132  LEU A CD2 1 
ATOM   1066 N N   . SER A 1 135 ? 15.134  -3.594  -11.382 1.00 42.76 ? 133  SER A N   1 
ATOM   1067 C CA  . SER A 1 135 ? 15.844  -4.385  -12.389 1.00 44.59 ? 133  SER A CA  1 
ATOM   1068 C C   . SER A 1 135 ? 15.406  -4.137  -13.815 1.00 45.81 ? 133  SER A C   1 
ATOM   1069 O O   . SER A 1 135 ? 16.088  -3.374  -14.517 1.00 47.48 ? 133  SER A O   1 
ATOM   1070 C CB  . SER A 1 135 ? 15.862  -5.859  -12.016 1.00 45.05 ? 133  SER A CB  1 
ATOM   1071 O OG  . SER A 1 135 ? 16.825  -6.007  -10.988 1.00 45.70 ? 133  SER A OG  1 
HETATM 1072 C C1  A OLA B 2 .   ? 2.296   2.701   0.464   0.50 41.39 ? 1134 OLA A C1  1 
HETATM 1073 C C1  B OLA B 2 .   ? 2.322   2.697   0.448   0.50 41.07 ? 1134 OLA A C1  1 
HETATM 1074 O O1  A OLA B 2 .   ? 2.197   1.583   -0.016  0.50 39.33 ? 1134 OLA A O1  1 
HETATM 1075 O O1  B OLA B 2 .   ? 2.234   1.572   -0.018  0.50 39.33 ? 1134 OLA A O1  1 
HETATM 1076 O O2  A OLA B 2 .   ? 3.339   3.406   0.054   0.50 36.45 ? 1134 OLA A O2  1 
HETATM 1077 O O2  B OLA B 2 .   ? 3.349   3.410   0.025   0.50 36.52 ? 1134 OLA A O2  1 
HETATM 1078 C C2  A OLA B 2 .   ? 1.309   3.371   1.422   0.50 42.79 ? 1134 OLA A C2  1 
HETATM 1079 C C2  B OLA B 2 .   ? 1.340   3.377   1.396   0.50 42.46 ? 1134 OLA A C2  1 
HETATM 1080 C C3  A OLA B 2 .   ? 0.525   2.505   2.421   0.50 45.58 ? 1134 OLA A C3  1 
HETATM 1081 C C3  B OLA B 2 .   ? 0.493   2.512   2.335   0.50 45.37 ? 1134 OLA A C3  1 
HETATM 1082 C C4  A OLA B 2 .   ? 0.569   3.061   3.871   0.50 46.40 ? 1134 OLA A C4  1 
HETATM 1083 C C4  B OLA B 2 .   ? 0.503   3.030   3.796   0.50 46.64 ? 1134 OLA A C4  1 
HETATM 1084 C C5  A OLA B 2 .   ? -0.775  3.425   4.516   0.50 45.02 ? 1134 OLA A C5  1 
HETATM 1085 C C5  B OLA B 2 .   ? -0.860  3.384   4.397   0.50 45.36 ? 1134 OLA A C5  1 
HETATM 1086 C C6  A OLA B 2 .   ? -0.642  4.424   5.675   0.50 44.81 ? 1134 OLA A C6  1 
HETATM 1087 C C6  B OLA B 2 .   ? -0.768  4.429   5.512   0.50 44.98 ? 1134 OLA A C6  1 
HETATM 1088 C C7  A OLA B 2 .   ? -0.347  3.808   7.036   0.50 44.29 ? 1134 OLA A C7  1 
HETATM 1089 C C7  B OLA B 2 .   ? -0.540  3.866   6.904   0.50 44.03 ? 1134 OLA A C7  1 
HETATM 1090 C C8  A OLA B 2 .   ? 1.146   3.652   7.315   0.50 45.94 ? 1134 OLA A C8  1 
HETATM 1091 C C8  B OLA B 2 .   ? 0.928   3.686   7.233   0.50 45.22 ? 1134 OLA A C8  1 
HETATM 1092 C C9  A OLA B 2 .   ? 1.572   4.359   8.580   0.50 45.67 ? 1134 OLA A C9  1 
HETATM 1093 C C9  B OLA B 2 .   ? 1.217   4.240   8.599   0.50 44.77 ? 1134 OLA A C9  1 
HETATM 1094 C C10 A OLA B 2 .   ? 2.853   4.453   8.967   0.50 47.24 ? 1134 OLA A C10 1 
HETATM 1095 C C10 B OLA B 2 .   ? 2.453   4.478   9.039   0.50 45.76 ? 1134 OLA A C10 1 
HETATM 1096 C C11 A OLA B 2 .   ? 4.017   3.879   8.185   0.50 47.79 ? 1134 OLA A C11 1 
HETATM 1097 C C11 B OLA B 2 .   ? 3.719   4.237   8.249   0.50 45.96 ? 1134 OLA A C11 1 
HETATM 1098 C C12 A OLA B 2 .   ? 5.021   3.161   9.089   0.50 48.58 ? 1134 OLA A C12 1 
HETATM 1099 C C12 B OLA B 2 .   ? 4.611   3.268   9.008   0.50 46.21 ? 1134 OLA A C12 1 
HETATM 1100 C C13 A OLA B 2 .   ? 6.354   2.856   8.390   0.50 47.92 ? 1134 OLA A C13 1 
HETATM 1101 C C13 B OLA B 2 .   ? 6.057   3.374   8.533   0.50 45.30 ? 1134 OLA A C13 1 
HETATM 1102 C C14 A OLA B 2 .   ? 6.286   1.749   7.331   0.50 50.11 ? 1134 OLA A C14 1 
HETATM 1103 C C14 B OLA B 2 .   ? 6.641   2.066   8.053   0.50 45.10 ? 1134 OLA A C14 1 
HETATM 1104 C C15 A OLA B 2 .   ? 6.078   2.280   5.907   0.50 49.95 ? 1134 OLA A C15 1 
HETATM 1105 C C15 B OLA B 2 .   ? 6.283   1.762   6.597   0.50 43.73 ? 1134 OLA A C15 1 
HETATM 1106 C C16 A OLA B 2 .   ? 5.559   1.188   4.965   0.50 50.39 ? 1134 OLA A C16 1 
HETATM 1107 C C16 B OLA B 2 .   ? 7.174   0.654   6.049   0.50 42.90 ? 1134 OLA A C16 1 
HETATM 1108 C C17 A OLA B 2 .   ? 4.238   1.564   4.284   0.50 49.11 ? 1134 OLA A C17 1 
HETATM 1109 C C17 B OLA B 2 .   ? 6.472   -0.699  6.027   0.50 41.76 ? 1134 OLA A C17 1 
HETATM 1110 C C18 A OLA B 2 .   ? 4.517   2.270   2.979   0.50 47.90 ? 1134 OLA A C18 1 
HETATM 1111 C C18 B OLA B 2 .   ? 7.478   -1.822  6.085   0.50 40.49 ? 1134 OLA A C18 1 
HETATM 1112 O O   . HOH C 3 .   ? -2.547  -8.205  -17.362 1.00 54.45 ? 2001 HOH A O   1 
HETATM 1113 O O   . HOH C 3 .   ? -7.517  -10.472 -12.593 1.00 59.41 ? 2002 HOH A O   1 
HETATM 1114 O O   . HOH C 3 .   ? 5.530   -6.928  -14.509 1.00 39.93 ? 2003 HOH A O   1 
HETATM 1115 O O   . HOH C 3 .   ? 2.342   -6.601  -18.077 1.00 54.69 ? 2004 HOH A O   1 
HETATM 1116 O O   . HOH C 3 .   ? 0.095   -1.206  -16.715 1.00 57.68 ? 2005 HOH A O   1 
HETATM 1117 O O   . HOH C 3 .   ? 8.963   -6.199  -12.758 1.00 49.03 ? 2006 HOH A O   1 
HETATM 1118 O O   . HOH C 3 .   ? -1.112  17.190  9.676   1.00 50.12 ? 2007 HOH A O   1 
HETATM 1119 O O   . HOH C 3 .   ? 15.675  -7.868  -3.874  1.00 56.17 ? 2008 HOH A O   1 
HETATM 1120 O O   . HOH C 3 .   ? 15.718  -6.981  -6.374  1.00 66.89 ? 2009 HOH A O   1 
HETATM 1121 O O   . HOH C 3 .   ? 15.448  -11.960 -5.411  1.00 68.55 ? 2010 HOH A O   1 
HETATM 1122 O O   . HOH C 3 .   ? 8.571   9.783   20.107  1.00 58.82 ? 2011 HOH A O   1 
HETATM 1123 O O   . HOH C 3 .   ? 13.870  9.920   -6.161  1.00 52.97 ? 2012 HOH A O   1 
HETATM 1124 O O   . HOH C 3 .   ? 9.773   8.704   -9.363  1.00 37.19 ? 2013 HOH A O   1 
HETATM 1125 O O   . HOH C 3 .   ? 9.900   14.447  -5.297  1.00 58.18 ? 2014 HOH A O   1 
HETATM 1126 O O   . HOH C 3 .   ? 12.550  12.711  -6.853  1.00 63.65 ? 2015 HOH A O   1 
HETATM 1127 O O   . HOH C 3 .   ? 9.389   13.710  0.911   1.00 48.98 ? 2016 HOH A O   1 
HETATM 1128 O O   . HOH C 3 .   ? 8.930   15.309  -0.865  1.00 54.44 ? 2017 HOH A O   1 
HETATM 1129 O O   . HOH C 3 .   ? 10.428  12.400  -2.005  1.00 47.89 ? 2018 HOH A O   1 
HETATM 1130 O O   . HOH C 3 .   ? -0.529  18.618  -0.794  1.00 53.17 ? 2019 HOH A O   1 
HETATM 1131 O O   . HOH C 3 .   ? 5.621   -13.622 -11.777 1.00 51.33 ? 2020 HOH A O   1 
HETATM 1132 O O   . HOH C 3 .   ? 6.326   14.481  11.336  1.00 42.28 ? 2021 HOH A O   1 
HETATM 1133 O O   . HOH C 3 .   ? 1.813   17.037  9.304   1.00 37.99 ? 2022 HOH A O   1 
HETATM 1134 O O   . HOH C 3 .   ? 0.796   -5.109  3.610   1.00 57.55 ? 2023 HOH A O   1 
HETATM 1135 O O   . HOH C 3 .   ? 8.200   -7.157  12.988  1.00 53.30 ? 2024 HOH A O   1 
HETATM 1136 O O   . HOH C 3 .   ? -1.045  11.898  15.136  1.00 47.54 ? 2025 HOH A O   1 
HETATM 1137 O O   . HOH C 3 .   ? -10.534 15.027  6.741   1.00 53.79 ? 2026 HOH A O   1 
HETATM 1138 O O   . HOH C 3 .   ? -7.357  9.741   14.381  1.00 53.21 ? 2027 HOH A O   1 
HETATM 1139 O O   . HOH C 3 .   ? -11.450 12.951  9.580   1.00 83.95 ? 2028 HOH A O   1 
HETATM 1140 O O   . HOH C 3 .   ? -6.732  6.158   12.577  1.00 38.61 ? 2029 HOH A O   1 
HETATM 1141 O O   . HOH C 3 .   ? -3.004  5.079   14.867  1.00 50.14 ? 2030 HOH A O   1 
HETATM 1142 O O   . HOH C 3 .   ? -18.064 -7.640  2.472   1.00 66.77 ? 2031 HOH A O   1 
HETATM 1143 O O   . HOH C 3 .   ? 1.228   11.557  16.000  1.00 45.25 ? 2032 HOH A O   1 
HETATM 1144 O O   . HOH C 3 .   ? -2.562  -10.329 11.414  1.00 58.50 ? 2033 HOH A O   1 
HETATM 1145 O O   . HOH C 3 .   ? 4.924   3.877   18.661  1.00 39.39 ? 2034 HOH A O   1 
HETATM 1146 O O   . HOH C 3 .   ? 1.317   4.304   16.201  1.00 38.25 ? 2035 HOH A O   1 
HETATM 1147 O O   . HOH C 3 .   ? 3.526   10.120  19.871  1.00 55.43 ? 2036 HOH A O   1 
HETATM 1148 O O   . HOH C 3 .   ? 11.219  7.012   15.181  1.00 44.27 ? 2037 HOH A O   1 
HETATM 1149 O O   . HOH C 3 .   ? 5.991   8.537   19.873  1.00 50.80 ? 2038 HOH A O   1 
HETATM 1150 O O   . HOH C 3 .   ? -14.386 -1.641  2.455   1.00 47.63 ? 2039 HOH A O   1 
HETATM 1151 O O   . HOH C 3 .   ? -17.282 1.731   6.675   1.00 55.92 ? 2040 HOH A O   1 
HETATM 1152 O O   . HOH C 3 .   ? 7.756   2.899   16.493  1.00 48.34 ? 2041 HOH A O   1 
HETATM 1153 O O   . HOH C 3 .   ? 3.462   2.420   15.759  1.00 35.45 ? 2042 HOH A O   1 
HETATM 1154 O O   . HOH C 3 .   ? 11.938  13.061  12.121  1.00 50.99 ? 2043 HOH A O   1 
HETATM 1155 O O   . HOH C 3 .   ? -10.559 5.383   -4.832  1.00 44.17 ? 2044 HOH A O   1 
HETATM 1156 O O   . HOH C 3 .   ? -12.792 4.399   -3.166  1.00 48.50 ? 2045 HOH A O   1 
HETATM 1157 O O   . HOH C 3 .   ? -14.479 4.053   0.961   1.00 52.93 ? 2046 HOH A O   1 
HETATM 1158 O O   . HOH C 3 .   ? 7.905   8.616   3.319   1.00 28.60 ? 2047 HOH A O   1 
HETATM 1159 O O   . HOH C 3 .   ? -14.338 6.917   8.424   1.00 42.69 ? 2048 HOH A O   1 
HETATM 1160 O O   . HOH C 3 .   ? 9.464   12.264  3.939   1.00 55.58 ? 2049 HOH A O   1 
HETATM 1161 O O   . HOH C 3 .   ? 7.139   11.472  4.162   1.00 32.55 ? 2050 HOH A O   1 
HETATM 1162 O O   . HOH C 3 .   ? -16.882 2.879   8.685   1.00 47.71 ? 2051 HOH A O   1 
HETATM 1163 O O   . HOH C 3 .   ? -15.593 1.853   2.599   1.00 47.46 ? 2052 HOH A O   1 
HETATM 1164 O O   . HOH C 3 .   ? 12.698  9.156   1.748   1.00 67.64 ? 2053 HOH A O   1 
HETATM 1165 O O   . HOH C 3 .   ? 16.005  6.189   3.162   1.00 53.84 ? 2054 HOH A O   1 
HETATM 1166 O O   . HOH C 3 .   ? 10.546  7.867   2.687   1.00 39.64 ? 2055 HOH A O   1 
HETATM 1167 O O   . HOH C 3 .   ? 8.113   5.347   3.953   1.00 28.51 ? 2056 HOH A O   1 
HETATM 1168 O O   . HOH C 3 .   ? 15.035  2.311   3.950   1.00 41.62 ? 2057 HOH A O   1 
HETATM 1169 O O   . HOH C 3 .   ? 17.103  5.242   1.013   1.00 80.77 ? 2058 HOH A O   1 
HETATM 1170 O O   . HOH C 3 .   ? 13.989  -1.027  0.506   1.00 42.84 ? 2059 HOH A O   1 
HETATM 1171 O O   . HOH C 3 .   ? -6.656  7.605   -7.780  1.00 50.03 ? 2060 HOH A O   1 
HETATM 1172 O O   . HOH C 3 .   ? 2.881   7.840   -13.190 1.00 31.43 ? 2061 HOH A O   1 
HETATM 1173 O O   . HOH C 3 .   ? 12.876  5.290   -15.136 1.00 36.53 ? 2062 HOH A O   1 
HETATM 1174 O O   . HOH C 3 .   ? 15.591  -2.810  -2.954  1.00 53.21 ? 2063 HOH A O   1 
HETATM 1175 O O   . HOH C 3 .   ? 4.910   -10.978 -3.250  1.00 35.54 ? 2064 HOH A O   1 
HETATM 1176 O O   . HOH C 3 .   ? 9.689   -6.723  -1.195  1.00 30.29 ? 2065 HOH A O   1 
HETATM 1177 O O   . HOH C 3 .   ? 7.458   -11.191 -8.435  1.00 37.85 ? 2066 HOH A O   1 
HETATM 1178 O O   . HOH C 3 .   ? -6.110  19.244  5.205   1.00 53.27 ? 2067 HOH A O   1 
HETATM 1179 O O   . HOH C 3 .   ? 3.231   -14.095 -10.371 1.00 36.23 ? 2068 HOH A O   1 
HETATM 1180 O O   . HOH C 3 .   ? 1.760   -20.062 -7.519  1.00 57.05 ? 2069 HOH A O   1 
HETATM 1181 O O   . HOH C 3 .   ? -0.265  -15.183 -4.096  1.00 44.03 ? 2070 HOH A O   1 
HETATM 1182 O O   . HOH C 3 .   ? -8.741  -12.640 -6.902  1.00 45.83 ? 2071 HOH A O   1 
HETATM 1183 O O   . HOH C 3 .   ? 2.843   -5.869  2.370   1.00 34.72 ? 2072 HOH A O   1 
HETATM 1184 O O   . HOH C 3 .   ? 13.773  -7.971  -1.794  1.00 59.91 ? 2073 HOH A O   1 
HETATM 1185 O O   . HOH C 3 .   ? 13.621  -5.559  8.628   1.00 57.46 ? 2074 HOH A O   1 
HETATM 1186 O O   . HOH C 3 .   ? 13.776  1.668   10.314  1.00 52.81 ? 2075 HOH A O   1 
HETATM 1187 O O   . HOH C 3 .   ? 14.168  0.139   4.311   1.00 37.81 ? 2076 HOH A O   1 
HETATM 1188 O O   . HOH C 3 .   ? 16.426  2.923   6.508   1.00 52.62 ? 2077 HOH A O   1 
HETATM 1189 O O   . HOH C 3 .   ? 17.260  0.118   11.447  1.00 61.86 ? 2078 HOH A O   1 
HETATM 1190 O O   . HOH C 3 .   ? 12.385  -5.923  11.615  1.00 54.87 ? 2079 HOH A O   1 
HETATM 1191 O O   . HOH C 3 .   ? 14.686  -9.159  4.986   1.00 57.90 ? 2080 HOH A O   1 
HETATM 1192 O O   . HOH C 3 .   ? 9.905   -7.496  10.581  1.00 39.14 ? 2081 HOH A O   1 
HETATM 1193 O O   . HOH C 3 .   ? 5.725   -9.657  9.308   1.00 47.84 ? 2082 HOH A O   1 
HETATM 1194 O O   . HOH C 3 .   ? 13.924  -6.031  5.015   1.00 38.63 ? 2083 HOH A O   1 
HETATM 1195 O O   . HOH C 3 .   ? 11.845  -10.488 8.720   1.00 42.88 ? 2084 HOH A O   1 
HETATM 1196 O O   . HOH C 3 .   ? 5.747   -12.711 1.107   1.00 43.64 ? 2085 HOH A O   1 
HETATM 1197 O O   . HOH C 3 .   ? 0.957   -12.862 2.728   1.00 38.22 ? 2086 HOH A O   1 
HETATM 1198 O O   . HOH C 3 .   ? -0.355  -12.588 5.848   1.00 34.99 ? 2087 HOH A O   1 
HETATM 1199 O O   . HOH C 3 .   ? 0.271   -8.131  6.722   1.00 54.95 ? 2088 HOH A O   1 
HETATM 1200 O O   . HOH C 3 .   ? -6.930  -12.650 2.280   1.00 56.50 ? 2089 HOH A O   1 
HETATM 1201 O O   . HOH C 3 .   ? -3.605  -11.465 4.401   1.00 54.08 ? 2090 HOH A O   1 
HETATM 1202 O O   . HOH C 3 .   ? -3.601  -14.697 3.912   1.00 67.64 ? 2091 HOH A O   1 
HETATM 1203 O O   . HOH C 3 .   ? -12.602 -17.490 -2.131  1.00 68.16 ? 2092 HOH A O   1 
HETATM 1204 O O   . HOH C 3 .   ? -9.402  -8.316  -1.108  1.00 31.36 ? 2093 HOH A O   1 
HETATM 1205 O O   . HOH C 3 .   ? -16.331 -11.691 -1.483  1.00 63.08 ? 2094 HOH A O   1 
HETATM 1206 O O   . HOH C 3 .   ? -9.165  -11.894 0.604   1.00 41.67 ? 2095 HOH A O   1 
HETATM 1207 O O   . HOH C 3 .   ? -16.343 -10.583 1.315   1.00 52.58 ? 2096 HOH A O   1 
HETATM 1208 O O   . HOH C 3 .   ? -14.715 -9.689  7.556   1.00 58.94 ? 2097 HOH A O   1 
HETATM 1209 O O   . HOH C 3 .   ? -14.234 -12.621 3.331   1.00 71.43 ? 2098 HOH A O   1 
HETATM 1210 O O   . HOH C 3 .   ? -3.287  -9.442  5.712   1.00 54.29 ? 2099 HOH A O   1 
HETATM 1211 O O   . HOH C 3 .   ? -7.781  -12.091 12.254  1.00 65.78 ? 2100 HOH A O   1 
HETATM 1212 O O   . HOH C 3 .   ? -12.266 -10.268 7.519   1.00 60.46 ? 2101 HOH A O   1 
HETATM 1213 O O   . HOH C 3 .   ? 0.053   -5.056  6.459   1.00 44.46 ? 2102 HOH A O   1 
HETATM 1214 O O   . HOH C 3 .   ? -1.451  -3.191  3.320   1.00 44.74 ? 2103 HOH A O   1 
HETATM 1215 O O   . HOH C 3 .   ? -1.502  -8.659  8.368   1.00 46.39 ? 2104 HOH A O   1 
HETATM 1216 O O   . HOH C 3 .   ? 0.989   -0.604  6.377   1.00 59.03 ? 2105 HOH A O   1 
HETATM 1217 O O   . HOH C 3 .   ? -0.811  3.440   14.891  1.00 41.65 ? 2106 HOH A O   1 
HETATM 1218 O O   . HOH C 3 .   ? -4.225  2.782   6.966   1.00 30.35 ? 2107 HOH A O   1 
HETATM 1219 O O   . HOH C 3 .   ? -6.206  -9.444  18.823  1.00 63.14 ? 2108 HOH A O   1 
HETATM 1220 O O   . HOH C 3 .   ? -7.848  -7.131  11.701  1.00 48.25 ? 2109 HOH A O   1 
HETATM 1221 O O   . HOH C 3 .   ? -16.571 -1.436  5.834   1.00 48.39 ? 2110 HOH A O   1 
HETATM 1222 O O   . HOH C 3 .   ? -12.540 -3.115  3.909   1.00 44.73 ? 2111 HOH A O   1 
HETATM 1223 O O   . HOH C 3 .   ? -16.966 -4.851  -6.075  1.00 62.09 ? 2112 HOH A O   1 
HETATM 1224 O O   . HOH C 3 .   ? -11.033 -4.900  -15.007 1.00 50.28 ? 2113 HOH A O   1 
HETATM 1225 O O   . HOH C 3 .   ? -11.195 -1.086  -16.149 1.00 49.32 ? 2114 HOH A O   1 
HETATM 1226 O O   . HOH C 3 .   ? -6.856  1.460   -15.402 1.00 48.64 ? 2115 HOH A O   1 
HETATM 1227 O O   . HOH C 3 .   ? -1.270  -5.479  -15.933 1.00 41.83 ? 2116 HOH A O   1 
HETATM 1228 O O   . HOH C 3 .   ? -7.477  -3.588  -18.187 1.00 52.64 ? 2117 HOH A O   1 
HETATM 1229 O O   . HOH C 3 .   ? -8.881  -8.826  -19.496 1.00 53.28 ? 2118 HOH A O   1 
HETATM 1230 O O   . HOH C 3 .   ? -10.169 3.886   -7.081  1.00 47.11 ? 2119 HOH A O   1 
HETATM 1231 O O   . HOH C 3 .   ? -2.073  -5.445  2.344   1.00 47.98 ? 2120 HOH A O   1 
HETATM 1232 O O   . HOH C 3 .   ? -11.355 -1.149  -2.201  1.00 34.77 ? 2121 HOH A O   1 
HETATM 1233 O O   . HOH C 3 .   ? -13.057 2.742   -1.091  1.00 36.14 ? 2122 HOH A O   1 
HETATM 1234 O O   . HOH C 3 .   ? -1.289  0.029   5.406   1.00 54.43 ? 2123 HOH A O   1 
HETATM 1235 O O   . HOH C 3 .   ? -6.776  4.073   14.988  1.00 48.55 ? 2124 HOH A O   1 
HETATM 1236 O O   . HOH C 3 .   ? -13.316 3.863   9.799   1.00 48.57 ? 2125 HOH A O   1 
HETATM 1237 O O   . HOH C 3 .   ? -6.438  8.805   16.465  1.00 56.49 ? 2126 HOH A O   1 
HETATM 1238 O O   . HOH C 3 .   ? -5.847  7.991   20.574  1.00 56.40 ? 2127 HOH A O   1 
HETATM 1239 O O   . HOH C 3 .   ? -8.507  9.364   18.969  1.00 54.87 ? 2128 HOH A O   1 
HETATM 1240 O O   . HOH C 3 .   ? -10.656 10.527  7.758   1.00 79.44 ? 2129 HOH A O   1 
HETATM 1241 O O   . HOH C 3 .   ? -11.372 7.790   3.757   1.00 38.55 ? 2130 HOH A O   1 
HETATM 1242 O O   . HOH C 3 .   ? -11.971 8.157   7.615   1.00 40.56 ? 2131 HOH A O   1 
HETATM 1243 O O   . HOH C 3 .   ? -15.593 3.362   5.609   1.00 45.37 ? 2132 HOH A O   1 
HETATM 1244 O O   . HOH C 3 .   ? -7.614  3.039   8.053   1.00 35.73 ? 2133 HOH A O   1 
HETATM 1245 O O   . HOH C 3 .   ? -4.271  -0.613  -3.830  1.00 41.57 ? 2134 HOH A O   1 
HETATM 1246 O O   . HOH C 3 .   ? -0.990  -1.229  2.259   1.00 43.71 ? 2135 HOH A O   1 
HETATM 1247 O O   . HOH C 3 .   ? 1.579   5.402   -12.401 1.00 34.12 ? 2136 HOH A O   1 
HETATM 1248 O O   . HOH C 3 .   ? -2.768  5.993   -7.666  1.00 27.47 ? 2137 HOH A O   1 
HETATM 1249 O O   . HOH C 3 .   ? -6.107  7.472   -10.410 1.00 61.43 ? 2138 HOH A O   1 
HETATM 1250 O O   . HOH C 3 .   ? -0.472  6.337   -13.204 1.00 50.23 ? 2139 HOH A O   1 
HETATM 1251 O O   . HOH C 3 .   ? -1.789  3.427   -15.611 1.00 65.22 ? 2140 HOH A O   1 
HETATM 1252 O O   . HOH C 3 .   ? 2.145   8.314   -18.986 1.00 25.54 ? 2141 HOH A O   1 
HETATM 1253 O O   . HOH C 3 .   ? 1.367   2.583   -19.218 1.00 54.19 ? 2142 HOH A O   1 
HETATM 1254 O O   . HOH C 3 .   ? -0.258  7.236   -15.957 1.00 56.19 ? 2143 HOH A O   1 
HETATM 1255 O O   . HOH C 3 .   ? 3.769   7.626   -15.738 1.00 33.46 ? 2144 HOH A O   1 
HETATM 1256 O O   . HOH C 3 .   ? 1.946   -0.215  -18.149 1.00 56.98 ? 2145 HOH A O   1 
HETATM 1257 O O   . HOH C 3 .   ? 10.624  -2.664  -18.002 1.00 61.33 ? 2146 HOH A O   1 
HETATM 1258 O O   . HOH C 3 .   ? 11.565  3.745   -17.267 1.00 36.94 ? 2147 HOH A O   1 
HETATM 1259 O O   . HOH C 3 .   ? 7.745   -1.305  -18.253 1.00 64.85 ? 2148 HOH A O   1 
HETATM 1260 O O   . HOH C 3 .   ? 9.905   5.594   -11.542 1.00 49.01 ? 2149 HOH A O   1 
HETATM 1261 O O   . HOH C 3 .   ? 6.533   6.427   -15.521 1.00 29.90 ? 2150 HOH A O   1 
HETATM 1262 O O   . HOH C 3 .   ? 0.462   9.281   -13.657 1.00 39.73 ? 2151 HOH A O   1 
HETATM 1263 O O   . HOH C 3 .   ? -1.721  11.298  -9.413  1.00 60.74 ? 2152 HOH A O   1 
HETATM 1264 O O   . HOH C 3 .   ? -9.213  7.330   -3.740  1.00 39.50 ? 2153 HOH A O   1 
HETATM 1265 O O   . HOH C 3 .   ? -6.641  7.108   -2.614  1.00 27.39 ? 2154 HOH A O   1 
HETATM 1266 O O   . HOH C 3 .   ? -11.303 8.294   0.952   1.00 54.33 ? 2155 HOH A O   1 
HETATM 1267 O O   . HOH C 3 .   ? -10.847 8.152   -1.742  1.00 42.59 ? 2156 HOH A O   1 
HETATM 1268 O O   . HOH C 3 .   ? -12.211 10.500  1.224   1.00 45.67 ? 2157 HOH A O   1 
HETATM 1269 O O   . HOH C 3 .   ? -11.207 17.371  7.578   1.00 41.62 ? 2158 HOH A O   1 
HETATM 1270 O O   . HOH C 3 .   ? -5.938  18.361  1.836   1.00 57.96 ? 2159 HOH A O   1 
HETATM 1271 O O   . HOH C 3 .   ? -6.960  15.527  -0.820  1.00 59.22 ? 2160 HOH A O   1 
HETATM 1272 O O   . HOH C 3 .   ? -4.504  16.610  0.928   1.00 32.83 ? 2161 HOH A O   1 
HETATM 1273 O O   . HOH C 3 .   ? -1.171  14.821  -2.439  1.00 45.25 ? 2162 HOH A O   1 
HETATM 1274 O O   . HOH C 3 .   ? -6.853  11.664  -5.011  1.00 47.71 ? 2163 HOH A O   1 
HETATM 1275 O O   . HOH C 3 .   ? 3.268   9.191   -10.733 1.00 29.37 ? 2164 HOH A O   1 
HETATM 1276 O O   . HOH C 3 .   ? 11.340  4.845   -13.095 1.00 62.24 ? 2165 HOH A O   1 
HETATM 1277 O O   . HOH C 3 .   ? 6.530   -6.049  -16.789 1.00 49.24 ? 2166 HOH A O   1 
HETATM 1278 O O   . HOH C 3 .   ? 12.838  1.758   -13.416 1.00 50.40 ? 2167 HOH A O   1 
HETATM 1279 O O   . HOH C 3 .   ? 11.018  -6.007  -10.994 1.00 42.98 ? 2168 HOH A O   1 
HETATM 1280 O O   . HOH C 3 .   ? 17.280  -1.564  -10.887 1.00 58.08 ? 2169 HOH A O   1 
HETATM 1281 O O   . HOH C 3 .   ? 12.964  -2.921  -15.880 1.00 58.87 ? 2170 HOH A O   1 
HETATM 1282 O O   . HOH C 3 .   ? 14.883  -6.701  -8.957  1.00 58.79 ? 2171 HOH A O   1 
HETATM 1283 O O   . HOH C 3 .   ? 2.493   0.765   -2.614  1.00 34.35 ? 2172 HOH A O   1 
HETATM 1284 O O   . HOH C 3 .   ? 3.474   -1.037  1.008   1.00 51.70 ? 2173 HOH A O   1 
# 
loop_
_pdbx_poly_seq_scheme.asym_id 
_pdbx_poly_seq_scheme.entity_id 
_pdbx_poly_seq_scheme.seq_id 
_pdbx_poly_seq_scheme.mon_id 
_pdbx_poly_seq_scheme.ndb_seq_num 
_pdbx_poly_seq_scheme.pdb_seq_num 
_pdbx_poly_seq_scheme.auth_seq_num 
_pdbx_poly_seq_scheme.pdb_mon_id 
_pdbx_poly_seq_scheme.auth_mon_id 
_pdbx_poly_seq_scheme.pdb_strand_id 
_pdbx_poly_seq_scheme.pdb_ins_code 
_pdbx_poly_seq_scheme.hetero 
A 1 1   GLY 1   -1  -1  GLY GLY A . n 
A 1 2   SER 2   0   0   SER SER A . n 
A 1 3   MET 3   1   1   MET MET A . n 
A 1 4   SER 4   2   2   SER SER A . n 
A 1 5   SER 5   3   3   SER SER A . n 
A 1 6   PHE 6   4   4   PHE PHE A . n 
A 1 7   LEU 7   5   5   LEU LEU A . n 
A 1 8   GLY 8   6   6   GLY GLY A . n 
A 1 9   LYS 9   7   7   LYS LYS A . n 
A 1 10  TRP 10  8   8   TRP TRP A . n 
A 1 11  LYS 11  9   9   LYS LYS A . n 
A 1 12  LEU 12  10  10  LEU LEU A . n 
A 1 13  SER 13  11  11  SER SER A . n 
A 1 14  GLU 14  12  12  GLU GLU A . n 
A 1 15  SER 15  13  13  SER SER A . n 
A 1 16  HIS 16  14  14  HIS HIS A . n 
A 1 17  ASN 17  15  15  ASN ASN A . n 
A 1 18  PHE 18  16  16  PHE PHE A . n 
A 1 19  ASP 19  17  17  ASP ASP A . n 
A 1 20  ALA 20  18  18  ALA ALA A . n 
A 1 21  VAL 21  19  19  VAL VAL A . n 
A 1 22  MET 22  20  20  MET MET A . n 
A 1 23  SER 23  21  21  SER SER A . n 
A 1 24  LYS 24  22  22  LYS LYS A . n 
A 1 25  LEU 25  23  23  LEU LEU A . n 
A 1 26  GLY 26  24  24  GLY GLY A . n 
A 1 27  VAL 27  25  25  VAL VAL A . n 
A 1 28  SER 28  26  26  SER SER A . n 
A 1 29  TRP 29  27  27  TRP TRP A . n 
A 1 30  ALA 30  28  28  ALA ALA A . n 
A 1 31  THR 31  29  29  THR THR A . n 
A 1 32  ARG 32  30  30  ARG ARG A . n 
A 1 33  GLN 33  31  31  GLN GLN A . n 
A 1 34  ILE 34  32  32  ILE ILE A . n 
A 1 35  GLY 35  33  33  GLY GLY A . n 
A 1 36  ASN 36  34  34  ASN ASN A . n 
A 1 37  THR 37  35  35  THR THR A . n 
A 1 38  VAL 38  36  36  VAL VAL A . n 
A 1 39  THR 39  37  37  THR THR A . n 
A 1 40  PRO 40  38  38  PRO PRO A . n 
A 1 41  THR 41  39  39  THR THR A . n 
A 1 42  VAL 42  40  40  VAL VAL A . n 
A 1 43  THR 43  41  41  THR THR A . n 
A 1 44  PHE 44  42  42  PHE PHE A . n 
A 1 45  THR 45  43  43  THR THR A . n 
A 1 46  MET 46  44  44  MET MET A . n 
A 1 47  ASP 47  45  45  ASP ASP A . n 
A 1 48  GLY 48  46  46  GLY GLY A . n 
A 1 49  ASP 49  47  47  ASP ASP A . n 
A 1 50  LYS 50  48  48  LYS LYS A . n 
A 1 51  MET 51  49  49  MET MET A . n 
A 1 52  THR 52  50  50  THR THR A . n 
A 1 53  MET 53  51  51  MET MET A . n 
A 1 54  LEU 54  52  52  LEU LEU A . n 
A 1 55  THR 55  53  53  THR THR A . n 
A 1 56  GLU 56  54  54  GLU GLU A . n 
A 1 57  SER 57  55  55  SER SER A . n 
A 1 58  THR 58  56  56  THR THR A . n 
A 1 59  PHE 59  57  57  PHE PHE A . n 
A 1 60  LYS 60  58  58  LYS LYS A . n 
A 1 61  ASN 61  59  59  ASN ASN A . n 
A 1 62  LEU 62  60  60  LEU LEU A . n 
A 1 63  SER 63  61  61  SER SER A . n 
A 1 64  CYS 64  62  62  CYS CYS A . n 
A 1 65  THR 65  63  63  THR THR A . n 
A 1 66  PHE 66  64  64  PHE PHE A . n 
A 1 67  LYS 67  65  65  LYS LYS A . n 
A 1 68  PHE 68  66  66  PHE PHE A . n 
A 1 69  GLY 69  67  67  GLY GLY A . n 
A 1 70  GLU 70  68  68  GLU GLU A . n 
A 1 71  GLU 71  69  69  GLU GLU A . n 
A 1 72  PHE 72  70  70  PHE PHE A . n 
A 1 73  ASP 73  71  71  ASP ASP A . n 
A 1 74  GLU 74  72  72  GLU GLU A . n 
A 1 75  LYS 75  73  73  LYS LYS A . n 
A 1 76  THR 76  74  74  THR THR A . n 
A 1 77  SER 77  75  75  SER SER A . n 
A 1 78  ASP 78  76  76  ASP ASP A . n 
A 1 79  GLY 79  77  77  GLY GLY A . n 
A 1 80  ARG 80  78  78  ARG ARG A . n 
A 1 81  ASN 81  79  79  ASN ASN A . n 
A 1 82  VAL 82  80  80  VAL VAL A . n 
A 1 83  LYS 83  81  81  LYS LYS A . n 
A 1 84  SER 84  82  82  SER SER A . n 
A 1 85  VAL 85  83  83  VAL VAL A . n 
A 1 86  VAL 86  84  84  VAL VAL A . n 
A 1 87  GLU 87  85  85  GLU GLU A . n 
A 1 88  LYS 88  86  86  LYS LYS A . n 
A 1 89  ASN 89  87  87  ASN ASN A . n 
A 1 90  SER 90  88  88  SER SER A . n 
A 1 91  GLU 91  89  89  GLU GLU A . n 
A 1 92  SER 92  90  90  SER SER A . n 
A 1 93  LYS 93  91  91  LYS LYS A . n 
A 1 94  LEU 94  92  92  LEU LEU A . n 
A 1 95  THR 95  93  93  THR THR A . n 
A 1 96  GLN 96  94  94  GLN GLN A . n 
A 1 97  THR 97  95  95  THR THR A . n 
A 1 98  GLN 98  96  96  GLN GLN A . n 
A 1 99  VAL 99  97  97  VAL VAL A . n 
A 1 100 ASP 100 98  98  ASP ASP A . n 
A 1 101 PRO 101 99  99  PRO PRO A . n 
A 1 102 LYS 102 100 100 LYS LYS A . n 
A 1 103 ASN 103 101 101 ASN ASN A . n 
A 1 104 THR 104 102 102 THR THR A . n 
A 1 105 THR 105 103 103 THR THR A . n 
A 1 106 VAL 106 104 104 VAL VAL A . n 
A 1 107 ILE 107 105 105 ILE ILE A . n 
A 1 108 VAL 108 106 106 VAL VAL A . n 
A 1 109 ARG 109 107 107 ARG ARG A . n 
A 1 110 GLU 110 108 108 GLU GLU A . n 
A 1 111 VAL 111 109 109 VAL VAL A . n 
A 1 112 ASP 112 110 110 ASP ASP A . n 
A 1 113 GLY 113 111 111 GLY GLY A . n 
A 1 114 ASP 114 112 112 ASP ASP A . n 
A 1 115 THR 115 113 113 THR THR A . n 
A 1 116 MET 116 114 114 MET MET A . n 
A 1 117 LYS 117 115 115 LYS LYS A . n 
A 1 118 THR 118 116 116 THR THR A . n 
A 1 119 THR 119 117 117 THR THR A . n 
A 1 120 VAL 120 118 118 VAL VAL A . n 
A 1 121 THR 121 119 119 THR THR A . n 
A 1 122 VAL 122 120 120 VAL VAL A . n 
A 1 123 GLY 123 121 121 GLY GLY A . n 
A 1 124 ASP 124 122 122 ASP ASP A . n 
A 1 125 VAL 125 123 123 VAL VAL A . n 
A 1 126 THR 126 124 124 THR THR A . n 
A 1 127 ALA 127 125 125 ALA ALA A . n 
A 1 128 ILE 128 126 126 ILE ILE A . n 
A 1 129 ARG 129 127 127 ARG ARG A . n 
A 1 130 ASN 130 128 128 ASN ASN A . n 
A 1 131 TYR 131 129 129 TYR TYR A . n 
A 1 132 LYS 132 130 130 LYS LYS A . n 
A 1 133 ARG 133 131 131 ARG ARG A . n 
A 1 134 LEU 134 132 132 LEU LEU A . n 
A 1 135 SER 135 133 133 SER SER A . n 
# 
loop_
_pdbx_nonpoly_scheme.asym_id 
_pdbx_nonpoly_scheme.entity_id 
_pdbx_nonpoly_scheme.mon_id 
_pdbx_nonpoly_scheme.ndb_seq_num 
_pdbx_nonpoly_scheme.pdb_seq_num 
_pdbx_nonpoly_scheme.auth_seq_num 
_pdbx_nonpoly_scheme.pdb_mon_id 
_pdbx_nonpoly_scheme.auth_mon_id 
_pdbx_nonpoly_scheme.pdb_strand_id 
_pdbx_nonpoly_scheme.pdb_ins_code 
B 2 OLA 1   1134 1134 OLA OLA A . 
C 3 HOH 1   2001 2001 HOH HOH A . 
C 3 HOH 2   2002 2002 HOH HOH A . 
C 3 HOH 3   2003 2003 HOH HOH A . 
C 3 HOH 4   2004 2004 HOH HOH A . 
C 3 HOH 5   2005 2005 HOH HOH A . 
C 3 HOH 6   2006 2006 HOH HOH A . 
C 3 HOH 7   2007 2007 HOH HOH A . 
C 3 HOH 8   2008 2008 HOH HOH A . 
C 3 HOH 9   2009 2009 HOH HOH A . 
C 3 HOH 10  2010 2010 HOH HOH A . 
C 3 HOH 11  2011 2011 HOH HOH A . 
C 3 HOH 12  2012 2012 HOH HOH A . 
C 3 HOH 13  2013 2013 HOH HOH A . 
C 3 HOH 14  2014 2014 HOH HOH A . 
C 3 HOH 15  2015 2015 HOH HOH A . 
C 3 HOH 16  2016 2016 HOH HOH A . 
C 3 HOH 17  2017 2017 HOH HOH A . 
C 3 HOH 18  2018 2018 HOH HOH A . 
C 3 HOH 19  2019 2019 HOH HOH A . 
C 3 HOH 20  2020 2020 HOH HOH A . 
C 3 HOH 21  2021 2021 HOH HOH A . 
C 3 HOH 22  2022 2022 HOH HOH A . 
C 3 HOH 23  2023 2023 HOH HOH A . 
C 3 HOH 24  2024 2024 HOH HOH A . 
C 3 HOH 25  2025 2025 HOH HOH A . 
C 3 HOH 26  2026 2026 HOH HOH A . 
C 3 HOH 27  2027 2027 HOH HOH A . 
C 3 HOH 28  2028 2028 HOH HOH A . 
C 3 HOH 29  2029 2029 HOH HOH A . 
C 3 HOH 30  2030 2030 HOH HOH A . 
C 3 HOH 31  2031 2031 HOH HOH A . 
C 3 HOH 32  2032 2032 HOH HOH A . 
C 3 HOH 33  2033 2033 HOH HOH A . 
C 3 HOH 34  2034 2034 HOH HOH A . 
C 3 HOH 35  2035 2035 HOH HOH A . 
C 3 HOH 36  2036 2036 HOH HOH A . 
C 3 HOH 37  2037 2037 HOH HOH A . 
C 3 HOH 38  2038 2038 HOH HOH A . 
C 3 HOH 39  2039 2039 HOH HOH A . 
C 3 HOH 40  2040 2040 HOH HOH A . 
C 3 HOH 41  2041 2041 HOH HOH A . 
C 3 HOH 42  2042 2042 HOH HOH A . 
C 3 HOH 43  2043 2043 HOH HOH A . 
C 3 HOH 44  2044 2044 HOH HOH A . 
C 3 HOH 45  2045 2045 HOH HOH A . 
C 3 HOH 46  2046 2046 HOH HOH A . 
C 3 HOH 47  2047 2047 HOH HOH A . 
C 3 HOH 48  2048 2048 HOH HOH A . 
C 3 HOH 49  2049 2049 HOH HOH A . 
C 3 HOH 50  2050 2050 HOH HOH A . 
C 3 HOH 51  2051 2051 HOH HOH A . 
C 3 HOH 52  2052 2052 HOH HOH A . 
C 3 HOH 53  2053 2053 HOH HOH A . 
C 3 HOH 54  2054 2054 HOH HOH A . 
C 3 HOH 55  2055 2055 HOH HOH A . 
C 3 HOH 56  2056 2056 HOH HOH A . 
C 3 HOH 57  2057 2057 HOH HOH A . 
C 3 HOH 58  2058 2058 HOH HOH A . 
C 3 HOH 59  2059 2059 HOH HOH A . 
C 3 HOH 60  2060 2060 HOH HOH A . 
C 3 HOH 61  2061 2061 HOH HOH A . 
C 3 HOH 62  2062 2062 HOH HOH A . 
C 3 HOH 63  2063 2063 HOH HOH A . 
C 3 HOH 64  2064 2064 HOH HOH A . 
C 3 HOH 65  2065 2065 HOH HOH A . 
C 3 HOH 66  2066 2066 HOH HOH A . 
C 3 HOH 67  2067 2067 HOH HOH A . 
C 3 HOH 68  2068 2068 HOH HOH A . 
C 3 HOH 69  2069 2069 HOH HOH A . 
C 3 HOH 70  2070 2070 HOH HOH A . 
C 3 HOH 71  2071 2071 HOH HOH A . 
C 3 HOH 72  2072 2072 HOH HOH A . 
C 3 HOH 73  2073 2073 HOH HOH A . 
C 3 HOH 74  2074 2074 HOH HOH A . 
C 3 HOH 75  2075 2075 HOH HOH A . 
C 3 HOH 76  2076 2076 HOH HOH A . 
C 3 HOH 77  2077 2077 HOH HOH A . 
C 3 HOH 78  2078 2078 HOH HOH A . 
C 3 HOH 79  2079 2079 HOH HOH A . 
C 3 HOH 80  2080 2080 HOH HOH A . 
C 3 HOH 81  2081 2081 HOH HOH A . 
C 3 HOH 82  2082 2082 HOH HOH A . 
C 3 HOH 83  2083 2083 HOH HOH A . 
C 3 HOH 84  2084 2084 HOH HOH A . 
C 3 HOH 85  2085 2085 HOH HOH A . 
C 3 HOH 86  2086 2086 HOH HOH A . 
C 3 HOH 87  2087 2087 HOH HOH A . 
C 3 HOH 88  2088 2088 HOH HOH A . 
C 3 HOH 89  2089 2089 HOH HOH A . 
C 3 HOH 90  2090 2090 HOH HOH A . 
C 3 HOH 91  2091 2091 HOH HOH A . 
C 3 HOH 92  2092 2092 HOH HOH A . 
C 3 HOH 93  2093 2093 HOH HOH A . 
C 3 HOH 94  2094 2094 HOH HOH A . 
C 3 HOH 95  2095 2095 HOH HOH A . 
C 3 HOH 96  2096 2096 HOH HOH A . 
C 3 HOH 97  2097 2097 HOH HOH A . 
C 3 HOH 98  2098 2098 HOH HOH A . 
C 3 HOH 99  2099 2099 HOH HOH A . 
C 3 HOH 100 2100 2100 HOH HOH A . 
C 3 HOH 101 2101 2101 HOH HOH A . 
C 3 HOH 102 2102 2102 HOH HOH A . 
C 3 HOH 103 2103 2103 HOH HOH A . 
C 3 HOH 104 2104 2104 HOH HOH A . 
C 3 HOH 105 2105 2105 HOH HOH A . 
C 3 HOH 106 2106 2106 HOH HOH A . 
C 3 HOH 107 2107 2107 HOH HOH A . 
C 3 HOH 108 2108 2108 HOH HOH A . 
C 3 HOH 109 2109 2109 HOH HOH A . 
C 3 HOH 110 2110 2110 HOH HOH A . 
C 3 HOH 111 2111 2111 HOH HOH A . 
C 3 HOH 112 2112 2112 HOH HOH A . 
C 3 HOH 113 2113 2113 HOH HOH A . 
C 3 HOH 114 2114 2114 HOH HOH A . 
C 3 HOH 115 2115 2115 HOH HOH A . 
C 3 HOH 116 2116 2116 HOH HOH A . 
C 3 HOH 117 2117 2117 HOH HOH A . 
C 3 HOH 118 2118 2118 HOH HOH A . 
C 3 HOH 119 2119 2119 HOH HOH A . 
C 3 HOH 120 2120 2120 HOH HOH A . 
C 3 HOH 121 2121 2121 HOH HOH A . 
C 3 HOH 122 2122 2122 HOH HOH A . 
C 3 HOH 123 2123 2123 HOH HOH A . 
C 3 HOH 124 2124 2124 HOH HOH A . 
C 3 HOH 125 2125 2125 HOH HOH A . 
C 3 HOH 126 2126 2126 HOH HOH A . 
C 3 HOH 127 2127 2127 HOH HOH A . 
C 3 HOH 128 2128 2128 HOH HOH A . 
C 3 HOH 129 2129 2129 HOH HOH A . 
C 3 HOH 130 2130 2130 HOH HOH A . 
C 3 HOH 131 2131 2131 HOH HOH A . 
C 3 HOH 132 2132 2132 HOH HOH A . 
C 3 HOH 133 2133 2133 HOH HOH A . 
C 3 HOH 134 2134 2134 HOH HOH A . 
C 3 HOH 135 2135 2135 HOH HOH A . 
C 3 HOH 136 2136 2136 HOH HOH A . 
C 3 HOH 137 2137 2137 HOH HOH A . 
C 3 HOH 138 2138 2138 HOH HOH A . 
C 3 HOH 139 2139 2139 HOH HOH A . 
C 3 HOH 140 2140 2140 HOH HOH A . 
C 3 HOH 141 2141 2141 HOH HOH A . 
C 3 HOH 142 2142 2142 HOH HOH A . 
C 3 HOH 143 2143 2143 HOH HOH A . 
C 3 HOH 144 2144 2144 HOH HOH A . 
C 3 HOH 145 2145 2145 HOH HOH A . 
C 3 HOH 146 2146 2146 HOH HOH A . 
C 3 HOH 147 2147 2147 HOH HOH A . 
C 3 HOH 148 2148 2148 HOH HOH A . 
C 3 HOH 149 2149 2149 HOH HOH A . 
C 3 HOH 150 2150 2150 HOH HOH A . 
C 3 HOH 151 2151 2151 HOH HOH A . 
C 3 HOH 152 2152 2152 HOH HOH A . 
C 3 HOH 153 2153 2153 HOH HOH A . 
C 3 HOH 154 2154 2154 HOH HOH A . 
C 3 HOH 155 2155 2155 HOH HOH A . 
C 3 HOH 156 2156 2156 HOH HOH A . 
C 3 HOH 157 2157 2157 HOH HOH A . 
C 3 HOH 158 2158 2158 HOH HOH A . 
C 3 HOH 159 2159 2159 HOH HOH A . 
C 3 HOH 160 2160 2160 HOH HOH A . 
C 3 HOH 161 2161 2161 HOH HOH A . 
C 3 HOH 162 2162 2162 HOH HOH A . 
C 3 HOH 163 2163 2163 HOH HOH A . 
C 3 HOH 164 2164 2164 HOH HOH A . 
C 3 HOH 165 2165 2165 HOH HOH A . 
C 3 HOH 166 2166 2166 HOH HOH A . 
C 3 HOH 167 2167 2167 HOH HOH A . 
C 3 HOH 168 2168 2168 HOH HOH A . 
C 3 HOH 169 2169 2169 HOH HOH A . 
C 3 HOH 170 2170 2170 HOH HOH A . 
C 3 HOH 171 2171 2171 HOH HOH A . 
C 3 HOH 172 2172 2172 HOH HOH A . 
C 3 HOH 173 2173 2173 HOH HOH A . 
# 
_pdbx_struct_assembly.id                   1 
_pdbx_struct_assembly.details              author_and_software_defined_assembly 
_pdbx_struct_assembly.method_details       PQS 
_pdbx_struct_assembly.oligomeric_details   monomeric 
_pdbx_struct_assembly.oligomeric_count     1 
# 
_pdbx_struct_assembly_gen.assembly_id       1 
_pdbx_struct_assembly_gen.oper_expression   1 
_pdbx_struct_assembly_gen.asym_id_list      A,B,C 
# 
_pdbx_struct_oper_list.id                   1 
_pdbx_struct_oper_list.type                 'identity operation' 
_pdbx_struct_oper_list.name                 1_555 
_pdbx_struct_oper_list.symmetry_operation   x,y,z 
_pdbx_struct_oper_list.matrix[1][1]         1.0000000000 
_pdbx_struct_oper_list.matrix[1][2]         0.0000000000 
_pdbx_struct_oper_list.matrix[1][3]         0.0000000000 
_pdbx_struct_oper_list.vector[1]            0.0000000000 
_pdbx_struct_oper_list.matrix[2][1]         0.0000000000 
_pdbx_struct_oper_list.matrix[2][2]         1.0000000000 
_pdbx_struct_oper_list.matrix[2][3]         0.0000000000 
_pdbx_struct_oper_list.vector[2]            0.0000000000 
_pdbx_struct_oper_list.matrix[3][1]         0.0000000000 
_pdbx_struct_oper_list.matrix[3][2]         0.0000000000 
_pdbx_struct_oper_list.matrix[3][3]         1.0000000000 
_pdbx_struct_oper_list.vector[3]            0.0000000000 
# 
loop_
_pdbx_audit_revision_history.ordinal 
_pdbx_audit_revision_history.data_content_type 
_pdbx_audit_revision_history.major_revision 
_pdbx_audit_revision_history.minor_revision 
_pdbx_audit_revision_history.revision_date 
1 'Structure model' 1 0 2004-09-23 
2 'Structure model' 1 1 2011-05-08 
3 'Structure model' 1 2 2011-07-13 
4 'Structure model' 1 3 2023-12-13 
# 
_pdbx_audit_revision_details.ordinal             1 
_pdbx_audit_revision_details.revision_ordinal    1 
_pdbx_audit_revision_details.data_content_type   'Structure model' 
_pdbx_audit_revision_details.provider            repository 
_pdbx_audit_revision_details.type                'Initial release' 
_pdbx_audit_revision_details.description         ? 
_pdbx_audit_revision_details.details             ? 
# 
loop_
_pdbx_audit_revision_group.ordinal 
_pdbx_audit_revision_group.revision_ordinal 
_pdbx_audit_revision_group.data_content_type 
_pdbx_audit_revision_group.group 
1 2 'Structure model' 'Version format compliance' 
2 3 'Structure model' 'Version format compliance' 
3 4 'Structure model' 'Data collection'           
4 4 'Structure model' 'Database references'       
5 4 'Structure model' Other                       
6 4 'Structure model' 'Refinement description'    
# 
loop_
_pdbx_audit_revision_category.ordinal 
_pdbx_audit_revision_category.revision_ordinal 
_pdbx_audit_revision_category.data_content_type 
_pdbx_audit_revision_category.category 
1 4 'Structure model' chem_comp_atom                
2 4 'Structure model' chem_comp_bond                
3 4 'Structure model' database_2                    
4 4 'Structure model' pdbx_database_status          
5 4 'Structure model' pdbx_initial_refinement_model 
# 
loop_
_pdbx_audit_revision_item.ordinal 
_pdbx_audit_revision_item.revision_ordinal 
_pdbx_audit_revision_item.data_content_type 
_pdbx_audit_revision_item.item 
1 4 'Structure model' '_database_2.pdbx_DOI'                 
2 4 'Structure model' '_database_2.pdbx_database_accession'  
3 4 'Structure model' '_pdbx_database_status.status_code_sf' 
# 
loop_
_software.name 
_software.classification 
_software.version 
_software.citation_id 
_software.pdbx_ordinal 
REFMAC    refinement       . ? 1 
DENZO     'data reduction' . ? 2 
SCALEPACK 'data scaling'   . ? 3 
AMoRE     phasing          . ? 4 
# 
loop_
_pdbx_database_remark.id 
_pdbx_database_remark.text 
650 
;
HELIX
THESE HELIX BOUNDARIES WERE PROVIDED BY THE DEPOSITOR
HELIX 1 PHE A 16 LEU A 23
HELIX 2 ALA A 28 THR A 35
;
700 
;
SHEET
THESE STRAND BOUNDARIES WERE PROVIDED BY THE DEPOSITOR
STRAND A GLY A 6 HIS A 14
STRAND B THR A 39 ASP A 45
STRAND C LYS A 48 SER A 55
STRAND D LYS A 58 CYS A 62
STRAND E PHE A 70 LYS A 73
STRAND F ASN A 79 LYS A 86
STRAND G LYS A 91 ASP A 98
STRAND H ASN A 101 ASP A 110
STRAND I THR A 113 VAL A 120
STRAND J ILE A 126 ARG A 131
;
# 
_pdbx_entry_details.entry_id                 1VYF 
_pdbx_entry_details.compound_details         ? 
_pdbx_entry_details.source_details           ? 
_pdbx_entry_details.nonpolymer_details       ? 
_pdbx_entry_details.sequence_details         'TWO EXTRA AMINO ACIDS AT THE N-TERMINUS' 
_pdbx_entry_details.has_ligand_of_interest   ? 
# 
loop_
_pdbx_validate_rmsd_angle.id 
_pdbx_validate_rmsd_angle.PDB_model_num 
_pdbx_validate_rmsd_angle.auth_atom_id_1 
_pdbx_validate_rmsd_angle.auth_asym_id_1 
_pdbx_validate_rmsd_angle.auth_comp_id_1 
_pdbx_validate_rmsd_angle.auth_seq_id_1 
_pdbx_validate_rmsd_angle.PDB_ins_code_1 
_pdbx_validate_rmsd_angle.label_alt_id_1 
_pdbx_validate_rmsd_angle.auth_atom_id_2 
_pdbx_validate_rmsd_angle.auth_asym_id_2 
_pdbx_validate_rmsd_angle.auth_comp_id_2 
_pdbx_validate_rmsd_angle.auth_seq_id_2 
_pdbx_validate_rmsd_angle.PDB_ins_code_2 
_pdbx_validate_rmsd_angle.label_alt_id_2 
_pdbx_validate_rmsd_angle.auth_atom_id_3 
_pdbx_validate_rmsd_angle.auth_asym_id_3 
_pdbx_validate_rmsd_angle.auth_comp_id_3 
_pdbx_validate_rmsd_angle.auth_seq_id_3 
_pdbx_validate_rmsd_angle.PDB_ins_code_3 
_pdbx_validate_rmsd_angle.label_alt_id_3 
_pdbx_validate_rmsd_angle.angle_value 
_pdbx_validate_rmsd_angle.angle_target_value 
_pdbx_validate_rmsd_angle.angle_deviation 
_pdbx_validate_rmsd_angle.angle_standard_deviation 
_pdbx_validate_rmsd_angle.linker_flag 
1 1 NE A ARG 78  ? ? CZ A ARG 78  ? ? NH1 A ARG 78  ? ? 125.44 120.30 5.14  0.50 N 
2 1 NE A ARG 78  ? ? CZ A ARG 78  ? ? NH2 A ARG 78  ? ? 114.79 120.30 -5.51 0.50 N 
3 1 CB A ASP 122 ? A CG A ASP 122 ? A OD2 A ASP 122 ? A 124.50 118.30 6.20  0.90 N 
4 1 CB A ASP 122 ? B CG A ASP 122 ? B OD2 A ASP 122 ? B 124.03 118.30 5.73  0.90 N 
# 
loop_
_chem_comp_atom.comp_id 
_chem_comp_atom.atom_id 
_chem_comp_atom.type_symbol 
_chem_comp_atom.pdbx_aromatic_flag 
_chem_comp_atom.pdbx_stereo_config 
_chem_comp_atom.pdbx_ordinal 
ALA N    N N N 1   
ALA CA   C N S 2   
ALA C    C N N 3   
ALA O    O N N 4   
ALA CB   C N N 5   
ALA OXT  O N N 6   
ALA H    H N N 7   
ALA H2   H N N 8   
ALA HA   H N N 9   
ALA HB1  H N N 10  
ALA HB2  H N N 11  
ALA HB3  H N N 12  
ALA HXT  H N N 13  
ARG N    N N N 14  
ARG CA   C N S 15  
ARG C    C N N 16  
ARG O    O N N 17  
ARG CB   C N N 18  
ARG CG   C N N 19  
ARG CD   C N N 20  
ARG NE   N N N 21  
ARG CZ   C N N 22  
ARG NH1  N N N 23  
ARG NH2  N N N 24  
ARG OXT  O N N 25  
ARG H    H N N 26  
ARG H2   H N N 27  
ARG HA   H N N 28  
ARG HB2  H N N 29  
ARG HB3  H N N 30  
ARG HG2  H N N 31  
ARG HG3  H N N 32  
ARG HD2  H N N 33  
ARG HD3  H N N 34  
ARG HE   H N N 35  
ARG HH11 H N N 36  
ARG HH12 H N N 37  
ARG HH21 H N N 38  
ARG HH22 H N N 39  
ARG HXT  H N N 40  
ASN N    N N N 41  
ASN CA   C N S 42  
ASN C    C N N 43  
ASN O    O N N 44  
ASN CB   C N N 45  
ASN CG   C N N 46  
ASN OD1  O N N 47  
ASN ND2  N N N 48  
ASN OXT  O N N 49  
ASN H    H N N 50  
ASN H2   H N N 51  
ASN HA   H N N 52  
ASN HB2  H N N 53  
ASN HB3  H N N 54  
ASN HD21 H N N 55  
ASN HD22 H N N 56  
ASN HXT  H N N 57  
ASP N    N N N 58  
ASP CA   C N S 59  
ASP C    C N N 60  
ASP O    O N N 61  
ASP CB   C N N 62  
ASP CG   C N N 63  
ASP OD1  O N N 64  
ASP OD2  O N N 65  
ASP OXT  O N N 66  
ASP H    H N N 67  
ASP H2   H N N 68  
ASP HA   H N N 69  
ASP HB2  H N N 70  
ASP HB3  H N N 71  
ASP HD2  H N N 72  
ASP HXT  H N N 73  
CYS N    N N N 74  
CYS CA   C N R 75  
CYS C    C N N 76  
CYS O    O N N 77  
CYS CB   C N N 78  
CYS SG   S N N 79  
CYS OXT  O N N 80  
CYS H    H N N 81  
CYS H2   H N N 82  
CYS HA   H N N 83  
CYS HB2  H N N 84  
CYS HB3  H N N 85  
CYS HG   H N N 86  
CYS HXT  H N N 87  
GLN N    N N N 88  
GLN CA   C N S 89  
GLN C    C N N 90  
GLN O    O N N 91  
GLN CB   C N N 92  
GLN CG   C N N 93  
GLN CD   C N N 94  
GLN OE1  O N N 95  
GLN NE2  N N N 96  
GLN OXT  O N N 97  
GLN H    H N N 98  
GLN H2   H N N 99  
GLN HA   H N N 100 
GLN HB2  H N N 101 
GLN HB3  H N N 102 
GLN HG2  H N N 103 
GLN HG3  H N N 104 
GLN HE21 H N N 105 
GLN HE22 H N N 106 
GLN HXT  H N N 107 
GLU N    N N N 108 
GLU CA   C N S 109 
GLU C    C N N 110 
GLU O    O N N 111 
GLU CB   C N N 112 
GLU CG   C N N 113 
GLU CD   C N N 114 
GLU OE1  O N N 115 
GLU OE2  O N N 116 
GLU OXT  O N N 117 
GLU H    H N N 118 
GLU H2   H N N 119 
GLU HA   H N N 120 
GLU HB2  H N N 121 
GLU HB3  H N N 122 
GLU HG2  H N N 123 
GLU HG3  H N N 124 
GLU HE2  H N N 125 
GLU HXT  H N N 126 
GLY N    N N N 127 
GLY CA   C N N 128 
GLY C    C N N 129 
GLY O    O N N 130 
GLY OXT  O N N 131 
GLY H    H N N 132 
GLY H2   H N N 133 
GLY HA2  H N N 134 
GLY HA3  H N N 135 
GLY HXT  H N N 136 
HIS N    N N N 137 
HIS CA   C N S 138 
HIS C    C N N 139 
HIS O    O N N 140 
HIS CB   C N N 141 
HIS CG   C Y N 142 
HIS ND1  N Y N 143 
HIS CD2  C Y N 144 
HIS CE1  C Y N 145 
HIS NE2  N Y N 146 
HIS OXT  O N N 147 
HIS H    H N N 148 
HIS H2   H N N 149 
HIS HA   H N N 150 
HIS HB2  H N N 151 
HIS HB3  H N N 152 
HIS HD1  H N N 153 
HIS HD2  H N N 154 
HIS HE1  H N N 155 
HIS HE2  H N N 156 
HIS HXT  H N N 157 
HOH O    O N N 158 
HOH H1   H N N 159 
HOH H2   H N N 160 
ILE N    N N N 161 
ILE CA   C N S 162 
ILE C    C N N 163 
ILE O    O N N 164 
ILE CB   C N S 165 
ILE CG1  C N N 166 
ILE CG2  C N N 167 
ILE CD1  C N N 168 
ILE OXT  O N N 169 
ILE H    H N N 170 
ILE H2   H N N 171 
ILE HA   H N N 172 
ILE HB   H N N 173 
ILE HG12 H N N 174 
ILE HG13 H N N 175 
ILE HG21 H N N 176 
ILE HG22 H N N 177 
ILE HG23 H N N 178 
ILE HD11 H N N 179 
ILE HD12 H N N 180 
ILE HD13 H N N 181 
ILE HXT  H N N 182 
LEU N    N N N 183 
LEU CA   C N S 184 
LEU C    C N N 185 
LEU O    O N N 186 
LEU CB   C N N 187 
LEU CG   C N N 188 
LEU CD1  C N N 189 
LEU CD2  C N N 190 
LEU OXT  O N N 191 
LEU H    H N N 192 
LEU H2   H N N 193 
LEU HA   H N N 194 
LEU HB2  H N N 195 
LEU HB3  H N N 196 
LEU HG   H N N 197 
LEU HD11 H N N 198 
LEU HD12 H N N 199 
LEU HD13 H N N 200 
LEU HD21 H N N 201 
LEU HD22 H N N 202 
LEU HD23 H N N 203 
LEU HXT  H N N 204 
LYS N    N N N 205 
LYS CA   C N S 206 
LYS C    C N N 207 
LYS O    O N N 208 
LYS CB   C N N 209 
LYS CG   C N N 210 
LYS CD   C N N 211 
LYS CE   C N N 212 
LYS NZ   N N N 213 
LYS OXT  O N N 214 
LYS H    H N N 215 
LYS H2   H N N 216 
LYS HA   H N N 217 
LYS HB2  H N N 218 
LYS HB3  H N N 219 
LYS HG2  H N N 220 
LYS HG3  H N N 221 
LYS HD2  H N N 222 
LYS HD3  H N N 223 
LYS HE2  H N N 224 
LYS HE3  H N N 225 
LYS HZ1  H N N 226 
LYS HZ2  H N N 227 
LYS HZ3  H N N 228 
LYS HXT  H N N 229 
MET N    N N N 230 
MET CA   C N S 231 
MET C    C N N 232 
MET O    O N N 233 
MET CB   C N N 234 
MET CG   C N N 235 
MET SD   S N N 236 
MET CE   C N N 237 
MET OXT  O N N 238 
MET H    H N N 239 
MET H2   H N N 240 
MET HA   H N N 241 
MET HB2  H N N 242 
MET HB3  H N N 243 
MET HG2  H N N 244 
MET HG3  H N N 245 
MET HE1  H N N 246 
MET HE2  H N N 247 
MET HE3  H N N 248 
MET HXT  H N N 249 
OLA C1   C N N 250 
OLA O1   O N N 251 
OLA O2   O N N 252 
OLA C2   C N N 253 
OLA C3   C N N 254 
OLA C4   C N N 255 
OLA C5   C N N 256 
OLA C6   C N N 257 
OLA C7   C N N 258 
OLA C8   C N N 259 
OLA C9   C N N 260 
OLA C10  C N N 261 
OLA C11  C N N 262 
OLA C12  C N N 263 
OLA C13  C N N 264 
OLA C14  C N N 265 
OLA C15  C N N 266 
OLA C16  C N N 267 
OLA C17  C N N 268 
OLA C18  C N N 269 
OLA HO2  H N N 270 
OLA H21  H N N 271 
OLA H22  H N N 272 
OLA H31  H N N 273 
OLA H32  H N N 274 
OLA H41  H N N 275 
OLA H42  H N N 276 
OLA H51  H N N 277 
OLA H52  H N N 278 
OLA H61  H N N 279 
OLA H62  H N N 280 
OLA H71  H N N 281 
OLA H72  H N N 282 
OLA H81  H N N 283 
OLA H82  H N N 284 
OLA H9   H N N 285 
OLA H10  H N N 286 
OLA H111 H N N 287 
OLA H112 H N N 288 
OLA H121 H N N 289 
OLA H122 H N N 290 
OLA H131 H N N 291 
OLA H132 H N N 292 
OLA H141 H N N 293 
OLA H142 H N N 294 
OLA H151 H N N 295 
OLA H152 H N N 296 
OLA H161 H N N 297 
OLA H162 H N N 298 
OLA H171 H N N 299 
OLA H172 H N N 300 
OLA H181 H N N 301 
OLA H182 H N N 302 
OLA H183 H N N 303 
PHE N    N N N 304 
PHE CA   C N S 305 
PHE C    C N N 306 
PHE O    O N N 307 
PHE CB   C N N 308 
PHE CG   C Y N 309 
PHE CD1  C Y N 310 
PHE CD2  C Y N 311 
PHE CE1  C Y N 312 
PHE CE2  C Y N 313 
PHE CZ   C Y N 314 
PHE OXT  O N N 315 
PHE H    H N N 316 
PHE H2   H N N 317 
PHE HA   H N N 318 
PHE HB2  H N N 319 
PHE HB3  H N N 320 
PHE HD1  H N N 321 
PHE HD2  H N N 322 
PHE HE1  H N N 323 
PHE HE2  H N N 324 
PHE HZ   H N N 325 
PHE HXT  H N N 326 
PRO N    N N N 327 
PRO CA   C N S 328 
PRO C    C N N 329 
PRO O    O N N 330 
PRO CB   C N N 331 
PRO CG   C N N 332 
PRO CD   C N N 333 
PRO OXT  O N N 334 
PRO H    H N N 335 
PRO HA   H N N 336 
PRO HB2  H N N 337 
PRO HB3  H N N 338 
PRO HG2  H N N 339 
PRO HG3  H N N 340 
PRO HD2  H N N 341 
PRO HD3  H N N 342 
PRO HXT  H N N 343 
SER N    N N N 344 
SER CA   C N S 345 
SER C    C N N 346 
SER O    O N N 347 
SER CB   C N N 348 
SER OG   O N N 349 
SER OXT  O N N 350 
SER H    H N N 351 
SER H2   H N N 352 
SER HA   H N N 353 
SER HB2  H N N 354 
SER HB3  H N N 355 
SER HG   H N N 356 
SER HXT  H N N 357 
THR N    N N N 358 
THR CA   C N S 359 
THR C    C N N 360 
THR O    O N N 361 
THR CB   C N R 362 
THR OG1  O N N 363 
THR CG2  C N N 364 
THR OXT  O N N 365 
THR H    H N N 366 
THR H2   H N N 367 
THR HA   H N N 368 
THR HB   H N N 369 
THR HG1  H N N 370 
THR HG21 H N N 371 
THR HG22 H N N 372 
THR HG23 H N N 373 
THR HXT  H N N 374 
TRP N    N N N 375 
TRP CA   C N S 376 
TRP C    C N N 377 
TRP O    O N N 378 
TRP CB   C N N 379 
TRP CG   C Y N 380 
TRP CD1  C Y N 381 
TRP CD2  C Y N 382 
TRP NE1  N Y N 383 
TRP CE2  C Y N 384 
TRP CE3  C Y N 385 
TRP CZ2  C Y N 386 
TRP CZ3  C Y N 387 
TRP CH2  C Y N 388 
TRP OXT  O N N 389 
TRP H    H N N 390 
TRP H2   H N N 391 
TRP HA   H N N 392 
TRP HB2  H N N 393 
TRP HB3  H N N 394 
TRP HD1  H N N 395 
TRP HE1  H N N 396 
TRP HE3  H N N 397 
TRP HZ2  H N N 398 
TRP HZ3  H N N 399 
TRP HH2  H N N 400 
TRP HXT  H N N 401 
TYR N    N N N 402 
TYR CA   C N S 403 
TYR C    C N N 404 
TYR O    O N N 405 
TYR CB   C N N 406 
TYR CG   C Y N 407 
TYR CD1  C Y N 408 
TYR CD2  C Y N 409 
TYR CE1  C Y N 410 
TYR CE2  C Y N 411 
TYR CZ   C Y N 412 
TYR OH   O N N 413 
TYR OXT  O N N 414 
TYR H    H N N 415 
TYR H2   H N N 416 
TYR HA   H N N 417 
TYR HB2  H N N 418 
TYR HB3  H N N 419 
TYR HD1  H N N 420 
TYR HD2  H N N 421 
TYR HE1  H N N 422 
TYR HE2  H N N 423 
TYR HH   H N N 424 
TYR HXT  H N N 425 
VAL N    N N N 426 
VAL CA   C N S 427 
VAL C    C N N 428 
VAL O    O N N 429 
VAL CB   C N N 430 
VAL CG1  C N N 431 
VAL CG2  C N N 432 
VAL OXT  O N N 433 
VAL H    H N N 434 
VAL H2   H N N 435 
VAL HA   H N N 436 
VAL HB   H N N 437 
VAL HG11 H N N 438 
VAL HG12 H N N 439 
VAL HG13 H N N 440 
VAL HG21 H N N 441 
VAL HG22 H N N 442 
VAL HG23 H N N 443 
VAL HXT  H N N 444 
# 
loop_
_chem_comp_bond.comp_id 
_chem_comp_bond.atom_id_1 
_chem_comp_bond.atom_id_2 
_chem_comp_bond.value_order 
_chem_comp_bond.pdbx_aromatic_flag 
_chem_comp_bond.pdbx_stereo_config 
_chem_comp_bond.pdbx_ordinal 
ALA N   CA   sing N N 1   
ALA N   H    sing N N 2   
ALA N   H2   sing N N 3   
ALA CA  C    sing N N 4   
ALA CA  CB   sing N N 5   
ALA CA  HA   sing N N 6   
ALA C   O    doub N N 7   
ALA C   OXT  sing N N 8   
ALA CB  HB1  sing N N 9   
ALA CB  HB2  sing N N 10  
ALA CB  HB3  sing N N 11  
ALA OXT HXT  sing N N 12  
ARG N   CA   sing N N 13  
ARG N   H    sing N N 14  
ARG N   H2   sing N N 15  
ARG CA  C    sing N N 16  
ARG CA  CB   sing N N 17  
ARG CA  HA   sing N N 18  
ARG C   O    doub N N 19  
ARG C   OXT  sing N N 20  
ARG CB  CG   sing N N 21  
ARG CB  HB2  sing N N 22  
ARG CB  HB3  sing N N 23  
ARG CG  CD   sing N N 24  
ARG CG  HG2  sing N N 25  
ARG CG  HG3  sing N N 26  
ARG CD  NE   sing N N 27  
ARG CD  HD2  sing N N 28  
ARG CD  HD3  sing N N 29  
ARG NE  CZ   sing N N 30  
ARG NE  HE   sing N N 31  
ARG CZ  NH1  sing N N 32  
ARG CZ  NH2  doub N N 33  
ARG NH1 HH11 sing N N 34  
ARG NH1 HH12 sing N N 35  
ARG NH2 HH21 sing N N 36  
ARG NH2 HH22 sing N N 37  
ARG OXT HXT  sing N N 38  
ASN N   CA   sing N N 39  
ASN N   H    sing N N 40  
ASN N   H2   sing N N 41  
ASN CA  C    sing N N 42  
ASN CA  CB   sing N N 43  
ASN CA  HA   sing N N 44  
ASN C   O    doub N N 45  
ASN C   OXT  sing N N 46  
ASN CB  CG   sing N N 47  
ASN CB  HB2  sing N N 48  
ASN CB  HB3  sing N N 49  
ASN CG  OD1  doub N N 50  
ASN CG  ND2  sing N N 51  
ASN ND2 HD21 sing N N 52  
ASN ND2 HD22 sing N N 53  
ASN OXT HXT  sing N N 54  
ASP N   CA   sing N N 55  
ASP N   H    sing N N 56  
ASP N   H2   sing N N 57  
ASP CA  C    sing N N 58  
ASP CA  CB   sing N N 59  
ASP CA  HA   sing N N 60  
ASP C   O    doub N N 61  
ASP C   OXT  sing N N 62  
ASP CB  CG   sing N N 63  
ASP CB  HB2  sing N N 64  
ASP CB  HB3  sing N N 65  
ASP CG  OD1  doub N N 66  
ASP CG  OD2  sing N N 67  
ASP OD2 HD2  sing N N 68  
ASP OXT HXT  sing N N 69  
CYS N   CA   sing N N 70  
CYS N   H    sing N N 71  
CYS N   H2   sing N N 72  
CYS CA  C    sing N N 73  
CYS CA  CB   sing N N 74  
CYS CA  HA   sing N N 75  
CYS C   O    doub N N 76  
CYS C   OXT  sing N N 77  
CYS CB  SG   sing N N 78  
CYS CB  HB2  sing N N 79  
CYS CB  HB3  sing N N 80  
CYS SG  HG   sing N N 81  
CYS OXT HXT  sing N N 82  
GLN N   CA   sing N N 83  
GLN N   H    sing N N 84  
GLN N   H2   sing N N 85  
GLN CA  C    sing N N 86  
GLN CA  CB   sing N N 87  
GLN CA  HA   sing N N 88  
GLN C   O    doub N N 89  
GLN C   OXT  sing N N 90  
GLN CB  CG   sing N N 91  
GLN CB  HB2  sing N N 92  
GLN CB  HB3  sing N N 93  
GLN CG  CD   sing N N 94  
GLN CG  HG2  sing N N 95  
GLN CG  HG3  sing N N 96  
GLN CD  OE1  doub N N 97  
GLN CD  NE2  sing N N 98  
GLN NE2 HE21 sing N N 99  
GLN NE2 HE22 sing N N 100 
GLN OXT HXT  sing N N 101 
GLU N   CA   sing N N 102 
GLU N   H    sing N N 103 
GLU N   H2   sing N N 104 
GLU CA  C    sing N N 105 
GLU CA  CB   sing N N 106 
GLU CA  HA   sing N N 107 
GLU C   O    doub N N 108 
GLU C   OXT  sing N N 109 
GLU CB  CG   sing N N 110 
GLU CB  HB2  sing N N 111 
GLU CB  HB3  sing N N 112 
GLU CG  CD   sing N N 113 
GLU CG  HG2  sing N N 114 
GLU CG  HG3  sing N N 115 
GLU CD  OE1  doub N N 116 
GLU CD  OE2  sing N N 117 
GLU OE2 HE2  sing N N 118 
GLU OXT HXT  sing N N 119 
GLY N   CA   sing N N 120 
GLY N   H    sing N N 121 
GLY N   H2   sing N N 122 
GLY CA  C    sing N N 123 
GLY CA  HA2  sing N N 124 
GLY CA  HA3  sing N N 125 
GLY C   O    doub N N 126 
GLY C   OXT  sing N N 127 
GLY OXT HXT  sing N N 128 
HIS N   CA   sing N N 129 
HIS N   H    sing N N 130 
HIS N   H2   sing N N 131 
HIS CA  C    sing N N 132 
HIS CA  CB   sing N N 133 
HIS CA  HA   sing N N 134 
HIS C   O    doub N N 135 
HIS C   OXT  sing N N 136 
HIS CB  CG   sing N N 137 
HIS CB  HB2  sing N N 138 
HIS CB  HB3  sing N N 139 
HIS CG  ND1  sing Y N 140 
HIS CG  CD2  doub Y N 141 
HIS ND1 CE1  doub Y N 142 
HIS ND1 HD1  sing N N 143 
HIS CD2 NE2  sing Y N 144 
HIS CD2 HD2  sing N N 145 
HIS CE1 NE2  sing Y N 146 
HIS CE1 HE1  sing N N 147 
HIS NE2 HE2  sing N N 148 
HIS OXT HXT  sing N N 149 
HOH O   H1   sing N N 150 
HOH O   H2   sing N N 151 
ILE N   CA   sing N N 152 
ILE N   H    sing N N 153 
ILE N   H2   sing N N 154 
ILE CA  C    sing N N 155 
ILE CA  CB   sing N N 156 
ILE CA  HA   sing N N 157 
ILE C   O    doub N N 158 
ILE C   OXT  sing N N 159 
ILE CB  CG1  sing N N 160 
ILE CB  CG2  sing N N 161 
ILE CB  HB   sing N N 162 
ILE CG1 CD1  sing N N 163 
ILE CG1 HG12 sing N N 164 
ILE CG1 HG13 sing N N 165 
ILE CG2 HG21 sing N N 166 
ILE CG2 HG22 sing N N 167 
ILE CG2 HG23 sing N N 168 
ILE CD1 HD11 sing N N 169 
ILE CD1 HD12 sing N N 170 
ILE CD1 HD13 sing N N 171 
ILE OXT HXT  sing N N 172 
LEU N   CA   sing N N 173 
LEU N   H    sing N N 174 
LEU N   H2   sing N N 175 
LEU CA  C    sing N N 176 
LEU CA  CB   sing N N 177 
LEU CA  HA   sing N N 178 
LEU C   O    doub N N 179 
LEU C   OXT  sing N N 180 
LEU CB  CG   sing N N 181 
LEU CB  HB2  sing N N 182 
LEU CB  HB3  sing N N 183 
LEU CG  CD1  sing N N 184 
LEU CG  CD2  sing N N 185 
LEU CG  HG   sing N N 186 
LEU CD1 HD11 sing N N 187 
LEU CD1 HD12 sing N N 188 
LEU CD1 HD13 sing N N 189 
LEU CD2 HD21 sing N N 190 
LEU CD2 HD22 sing N N 191 
LEU CD2 HD23 sing N N 192 
LEU OXT HXT  sing N N 193 
LYS N   CA   sing N N 194 
LYS N   H    sing N N 195 
LYS N   H2   sing N N 196 
LYS CA  C    sing N N 197 
LYS CA  CB   sing N N 198 
LYS CA  HA   sing N N 199 
LYS C   O    doub N N 200 
LYS C   OXT  sing N N 201 
LYS CB  CG   sing N N 202 
LYS CB  HB2  sing N N 203 
LYS CB  HB3  sing N N 204 
LYS CG  CD   sing N N 205 
LYS CG  HG2  sing N N 206 
LYS CG  HG3  sing N N 207 
LYS CD  CE   sing N N 208 
LYS CD  HD2  sing N N 209 
LYS CD  HD3  sing N N 210 
LYS CE  NZ   sing N N 211 
LYS CE  HE2  sing N N 212 
LYS CE  HE3  sing N N 213 
LYS NZ  HZ1  sing N N 214 
LYS NZ  HZ2  sing N N 215 
LYS NZ  HZ3  sing N N 216 
LYS OXT HXT  sing N N 217 
MET N   CA   sing N N 218 
MET N   H    sing N N 219 
MET N   H2   sing N N 220 
MET CA  C    sing N N 221 
MET CA  CB   sing N N 222 
MET CA  HA   sing N N 223 
MET C   O    doub N N 224 
MET C   OXT  sing N N 225 
MET CB  CG   sing N N 226 
MET CB  HB2  sing N N 227 
MET CB  HB3  sing N N 228 
MET CG  SD   sing N N 229 
MET CG  HG2  sing N N 230 
MET CG  HG3  sing N N 231 
MET SD  CE   sing N N 232 
MET CE  HE1  sing N N 233 
MET CE  HE2  sing N N 234 
MET CE  HE3  sing N N 235 
MET OXT HXT  sing N N 236 
OLA C1  O1   doub N N 237 
OLA C1  O2   sing N N 238 
OLA C1  C2   sing N N 239 
OLA O2  HO2  sing N N 240 
OLA C2  C3   sing N N 241 
OLA C2  H21  sing N N 242 
OLA C2  H22  sing N N 243 
OLA C3  C4   sing N N 244 
OLA C3  H31  sing N N 245 
OLA C3  H32  sing N N 246 
OLA C4  C5   sing N N 247 
OLA C4  H41  sing N N 248 
OLA C4  H42  sing N N 249 
OLA C5  C6   sing N N 250 
OLA C5  H51  sing N N 251 
OLA C5  H52  sing N N 252 
OLA C6  C7   sing N N 253 
OLA C6  H61  sing N N 254 
OLA C6  H62  sing N N 255 
OLA C7  C8   sing N N 256 
OLA C7  H71  sing N N 257 
OLA C7  H72  sing N N 258 
OLA C8  C9   sing N N 259 
OLA C8  H81  sing N N 260 
OLA C8  H82  sing N N 261 
OLA C9  C10  doub N Z 262 
OLA C9  H9   sing N N 263 
OLA C10 C11  sing N N 264 
OLA C10 H10  sing N N 265 
OLA C11 C12  sing N N 266 
OLA C11 H111 sing N N 267 
OLA C11 H112 sing N N 268 
OLA C12 C13  sing N N 269 
OLA C12 H121 sing N N 270 
OLA C12 H122 sing N N 271 
OLA C13 C14  sing N N 272 
OLA C13 H131 sing N N 273 
OLA C13 H132 sing N N 274 
OLA C14 C15  sing N N 275 
OLA C14 H141 sing N N 276 
OLA C14 H142 sing N N 277 
OLA C15 C16  sing N N 278 
OLA C15 H151 sing N N 279 
OLA C15 H152 sing N N 280 
OLA C16 C17  sing N N 281 
OLA C16 H161 sing N N 282 
OLA C16 H162 sing N N 283 
OLA C17 C18  sing N N 284 
OLA C17 H171 sing N N 285 
OLA C17 H172 sing N N 286 
OLA C18 H181 sing N N 287 
OLA C18 H182 sing N N 288 
OLA C18 H183 sing N N 289 
PHE N   CA   sing N N 290 
PHE N   H    sing N N 291 
PHE N   H2   sing N N 292 
PHE CA  C    sing N N 293 
PHE CA  CB   sing N N 294 
PHE CA  HA   sing N N 295 
PHE C   O    doub N N 296 
PHE C   OXT  sing N N 297 
PHE CB  CG   sing N N 298 
PHE CB  HB2  sing N N 299 
PHE CB  HB3  sing N N 300 
PHE CG  CD1  doub Y N 301 
PHE CG  CD2  sing Y N 302 
PHE CD1 CE1  sing Y N 303 
PHE CD1 HD1  sing N N 304 
PHE CD2 CE2  doub Y N 305 
PHE CD2 HD2  sing N N 306 
PHE CE1 CZ   doub Y N 307 
PHE CE1 HE1  sing N N 308 
PHE CE2 CZ   sing Y N 309 
PHE CE2 HE2  sing N N 310 
PHE CZ  HZ   sing N N 311 
PHE OXT HXT  sing N N 312 
PRO N   CA   sing N N 313 
PRO N   CD   sing N N 314 
PRO N   H    sing N N 315 
PRO CA  C    sing N N 316 
PRO CA  CB   sing N N 317 
PRO CA  HA   sing N N 318 
PRO C   O    doub N N 319 
PRO C   OXT  sing N N 320 
PRO CB  CG   sing N N 321 
PRO CB  HB2  sing N N 322 
PRO CB  HB3  sing N N 323 
PRO CG  CD   sing N N 324 
PRO CG  HG2  sing N N 325 
PRO CG  HG3  sing N N 326 
PRO CD  HD2  sing N N 327 
PRO CD  HD3  sing N N 328 
PRO OXT HXT  sing N N 329 
SER N   CA   sing N N 330 
SER N   H    sing N N 331 
SER N   H2   sing N N 332 
SER CA  C    sing N N 333 
SER CA  CB   sing N N 334 
SER CA  HA   sing N N 335 
SER C   O    doub N N 336 
SER C   OXT  sing N N 337 
SER CB  OG   sing N N 338 
SER CB  HB2  sing N N 339 
SER CB  HB3  sing N N 340 
SER OG  HG   sing N N 341 
SER OXT HXT  sing N N 342 
THR N   CA   sing N N 343 
THR N   H    sing N N 344 
THR N   H2   sing N N 345 
THR CA  C    sing N N 346 
THR CA  CB   sing N N 347 
THR CA  HA   sing N N 348 
THR C   O    doub N N 349 
THR C   OXT  sing N N 350 
THR CB  OG1  sing N N 351 
THR CB  CG2  sing N N 352 
THR CB  HB   sing N N 353 
THR OG1 HG1  sing N N 354 
THR CG2 HG21 sing N N 355 
THR CG2 HG22 sing N N 356 
THR CG2 HG23 sing N N 357 
THR OXT HXT  sing N N 358 
TRP N   CA   sing N N 359 
TRP N   H    sing N N 360 
TRP N   H2   sing N N 361 
TRP CA  C    sing N N 362 
TRP CA  CB   sing N N 363 
TRP CA  HA   sing N N 364 
TRP C   O    doub N N 365 
TRP C   OXT  sing N N 366 
TRP CB  CG   sing N N 367 
TRP CB  HB2  sing N N 368 
TRP CB  HB3  sing N N 369 
TRP CG  CD1  doub Y N 370 
TRP CG  CD2  sing Y N 371 
TRP CD1 NE1  sing Y N 372 
TRP CD1 HD1  sing N N 373 
TRP CD2 CE2  doub Y N 374 
TRP CD2 CE3  sing Y N 375 
TRP NE1 CE2  sing Y N 376 
TRP NE1 HE1  sing N N 377 
TRP CE2 CZ2  sing Y N 378 
TRP CE3 CZ3  doub Y N 379 
TRP CE3 HE3  sing N N 380 
TRP CZ2 CH2  doub Y N 381 
TRP CZ2 HZ2  sing N N 382 
TRP CZ3 CH2  sing Y N 383 
TRP CZ3 HZ3  sing N N 384 
TRP CH2 HH2  sing N N 385 
TRP OXT HXT  sing N N 386 
TYR N   CA   sing N N 387 
TYR N   H    sing N N 388 
TYR N   H2   sing N N 389 
TYR CA  C    sing N N 390 
TYR CA  CB   sing N N 391 
TYR CA  HA   sing N N 392 
TYR C   O    doub N N 393 
TYR C   OXT  sing N N 394 
TYR CB  CG   sing N N 395 
TYR CB  HB2  sing N N 396 
TYR CB  HB3  sing N N 397 
TYR CG  CD1  doub Y N 398 
TYR CG  CD2  sing Y N 399 
TYR CD1 CE1  sing Y N 400 
TYR CD1 HD1  sing N N 401 
TYR CD2 CE2  doub Y N 402 
TYR CD2 HD2  sing N N 403 
TYR CE1 CZ   doub Y N 404 
TYR CE1 HE1  sing N N 405 
TYR CE2 CZ   sing Y N 406 
TYR CE2 HE2  sing N N 407 
TYR CZ  OH   sing N N 408 
TYR OH  HH   sing N N 409 
TYR OXT HXT  sing N N 410 
VAL N   CA   sing N N 411 
VAL N   H    sing N N 412 
VAL N   H2   sing N N 413 
VAL CA  C    sing N N 414 
VAL CA  CB   sing N N 415 
VAL CA  HA   sing N N 416 
VAL C   O    doub N N 417 
VAL C   OXT  sing N N 418 
VAL CB  CG1  sing N N 419 
VAL CB  CG2  sing N N 420 
VAL CB  HB   sing N N 421 
VAL CG1 HG11 sing N N 422 
VAL CG1 HG12 sing N N 423 
VAL CG1 HG13 sing N N 424 
VAL CG2 HG21 sing N N 425 
VAL CG2 HG22 sing N N 426 
VAL CG2 HG23 sing N N 427 
VAL OXT HXT  sing N N 428 
# 
loop_
_pdbx_entity_nonpoly.entity_id 
_pdbx_entity_nonpoly.name 
_pdbx_entity_nonpoly.comp_id 
2 'OLEIC ACID' OLA 
3 water        HOH 
# 
_pdbx_initial_refinement_model.id               1 
_pdbx_initial_refinement_model.entity_id_list   ? 
_pdbx_initial_refinement_model.type             'experimental model' 
_pdbx_initial_refinement_model.source_name      PDB 
_pdbx_initial_refinement_model.accession_code   2HMB 
_pdbx_initial_refinement_model.details          'PDB ENTRY 2HMB' 
# 
